data_5WKF
#
_entry.id   5WKF
#
_cell.length_a   88.057
_cell.length_b   146.376
_cell.length_c   167.557
_cell.angle_alpha   90.00
_cell.angle_beta   90.00
_cell.angle_gamma   90.00
#
_symmetry.space_group_name_H-M   'P 21 21 21'
#
loop_
_entity.id
_entity.type
_entity.pdbx_description
1 polymer 'HLA class I histocompatibility antigen, A-11 alpha chain'
2 polymer Beta-2-microglobulin
3 polymer 'GTS1 peptide'
4 polymer 'T-cell receptor alpha variable 30,T-cell receptor, sp3.4 alpha chain Chimera'
5 polymer 'D30 TCR beta chain'
6 water water
#
loop_
_entity_poly.entity_id
_entity_poly.type
_entity_poly.pdbx_seq_one_letter_code
_entity_poly.pdbx_strand_id
1 'polypeptide(L)'
;GSHSMRYFYTSVSRPGRGEPRFIAVGYVDDTQFVRFDSDAASQRMEPRAPWIEQEGPEYWDQETRNVKAQSQTDRVDLGT
LRGYYNQSEDGSHTIQIMYGCDVGPDGRFLRGYRQDAYDGKDYIALNEDLRSWTAADMAAQITKRKWEAAHAAEQQRAYL
EGRCVEWLRRYLENGKETLQRTDPPKTHMTHHPISDHEATLRCWALGFYPAEITLTWQRDGEDQTQDTELVETRPAGDGT
FQKWAAVVVPSGEEQRYTCHVQHEGLPKPLTLRW
;
A,F
2 'polypeptide(L)'
;MIQRTPKIQVYSRHPAENGKSNFLNCYVSGFHPSDIEVDLLKNGERIEKVEHSDLSFSKDWSFYLLYYTEFTPTEKDEYA
CRVNHVTLSQPKIVKWDRDM
;
B,G
3 'polypeptide(L)' GTSGSPIVNR C,H
4 'polypeptide(L)'
;QPVQSPQAVILREGEDAIINCSSSKALYSVHWYRQKHGEAPIFLMILLKGGEQKGHDKISASFNEKKQQSSLYLTASQLS
YSGTYFCGLGDAGNMLTFGGGTRLMVKPHIQNPDPAVYQLRDSKSSDKSVCLFTDFDSQTNVSQSKDSDVYITDKCVLDM
RSMDFKSNSAVAWSNKSDFACANAFNNSIIPEDTFFPS
;
D,I
5 'polypeptide(L)'
;AGVAQSPRYKIIEKRQSVAFWCNPISGHATLYWYQQILGQGPKLLIQFQNNGVVDDSQLPKDRFSAERLKGVDSTLKIQP
AKLEDSAVYLCASSLGQGLLYGYTFGSGTRLTVLEDLNKVFPPEVAVFEPSEAEISHTQKATLVCLATGFYPDHVELSWW
VNGKEVHSGVCTDPQPLKEQPALNDSRYALSSRLRVSATFWQNPRNHFRCQVQFYGLSENDEWTQDRAKPVTQIVSAEAW
GRAD
;
E,J
#
# COMPACT_ATOMS: atom_id res chain seq x y z
N GLY A 1 -25.21 14.35 -13.31
CA GLY A 1 -24.64 14.35 -11.97
C GLY A 1 -23.48 13.38 -11.85
N SER A 2 -23.58 12.45 -10.86
CA SER A 2 -22.57 11.42 -10.59
C SER A 2 -22.57 10.32 -11.65
N HIS A 3 -21.37 9.77 -11.92
CA HIS A 3 -21.16 8.72 -12.91
C HIS A 3 -20.43 7.51 -12.35
N SER A 4 -20.59 6.34 -13.03
CA SER A 4 -19.94 5.10 -12.63
C SER A 4 -19.61 4.17 -13.79
N MET A 5 -18.55 3.37 -13.62
CA MET A 5 -18.11 2.34 -14.55
C MET A 5 -18.17 1.01 -13.79
N ARG A 6 -18.94 0.04 -14.31
CA ARG A 6 -19.13 -1.28 -13.71
C ARG A 6 -18.78 -2.35 -14.68
N TYR A 7 -18.20 -3.45 -14.18
CA TYR A 7 -17.85 -4.62 -14.98
C TYR A 7 -18.47 -5.83 -14.33
N PHE A 8 -19.31 -6.56 -15.06
CA PHE A 8 -19.98 -7.75 -14.57
C PHE A 8 -19.47 -8.99 -15.31
N TYR A 9 -18.89 -9.95 -14.55
CA TYR A 9 -18.36 -11.20 -15.10
C TYR A 9 -19.18 -12.38 -14.55
N THR A 10 -19.53 -13.34 -15.42
CA THR A 10 -20.30 -14.53 -15.02
C THR A 10 -19.60 -15.78 -15.54
N SER A 11 -19.47 -16.80 -14.69
CA SER A 11 -18.86 -18.07 -15.06
C SER A 11 -19.76 -19.20 -14.61
N VAL A 12 -20.27 -20.01 -15.57
CA VAL A 12 -21.18 -21.12 -15.28
C VAL A 12 -20.58 -22.42 -15.78
N SER A 13 -20.38 -23.38 -14.88
CA SER A 13 -19.88 -24.71 -15.25
C SER A 13 -21.01 -25.52 -15.88
N ARG A 14 -20.67 -26.44 -16.79
CA ARG A 14 -21.68 -27.28 -17.44
C ARG A 14 -21.22 -28.76 -17.49
N PRO A 15 -21.64 -29.57 -16.47
CA PRO A 15 -21.17 -30.96 -16.38
C PRO A 15 -21.48 -31.87 -17.57
N GLY A 16 -20.40 -32.37 -18.18
CA GLY A 16 -20.44 -33.26 -19.34
C GLY A 16 -20.89 -32.58 -20.62
N ARG A 17 -20.94 -31.23 -20.61
CA ARG A 17 -21.36 -30.39 -21.73
C ARG A 17 -20.19 -29.53 -22.26
N GLY A 18 -19.01 -29.71 -21.67
CA GLY A 18 -17.82 -28.97 -22.04
C GLY A 18 -17.34 -28.01 -20.98
N GLU A 19 -16.34 -27.19 -21.33
CA GLU A 19 -15.74 -26.24 -20.39
C GLU A 19 -16.68 -25.05 -20.04
N PRO A 20 -16.53 -24.46 -18.82
CA PRO A 20 -17.45 -23.38 -18.39
C PRO A 20 -17.55 -22.16 -19.31
N ARG A 21 -18.71 -21.47 -19.25
CA ARG A 21 -18.98 -20.29 -20.07
C ARG A 21 -18.75 -19.01 -19.29
N PHE A 22 -17.94 -18.12 -19.87
CA PHE A 22 -17.60 -16.83 -19.31
C PHE A 22 -18.27 -15.72 -20.12
N ILE A 23 -18.99 -14.83 -19.43
CA ILE A 23 -19.69 -13.68 -20.00
C ILE A 23 -19.19 -12.42 -19.27
N ALA A 24 -18.69 -11.44 -20.02
CA ALA A 24 -18.22 -10.17 -19.48
C ALA A 24 -18.99 -9.02 -20.08
N VAL A 25 -19.43 -8.09 -19.22
CA VAL A 25 -20.17 -6.91 -19.64
C VAL A 25 -19.68 -5.66 -18.94
N GLY A 26 -19.42 -4.61 -19.71
CA GLY A 26 -18.99 -3.30 -19.23
C GLY A 26 -20.06 -2.24 -19.40
N TYR A 27 -20.23 -1.40 -18.38
CA TYR A 27 -21.22 -0.33 -18.36
C TYR A 27 -20.63 1.00 -17.93
N VAL A 28 -21.19 2.09 -18.47
CA VAL A 28 -20.90 3.46 -18.06
C VAL A 28 -22.30 3.94 -17.65
N ASP A 29 -22.56 3.88 -16.33
CA ASP A 29 -23.83 4.15 -15.69
C ASP A 29 -24.86 3.11 -16.14
N ASP A 30 -25.81 3.46 -17.03
CA ASP A 30 -26.84 2.52 -17.51
C ASP A 30 -26.67 2.08 -18.98
N THR A 31 -25.55 2.48 -19.62
CA THR A 31 -25.26 2.15 -21.01
C THR A 31 -24.14 1.12 -21.12
N GLN A 32 -24.43 -0.02 -21.78
CA GLN A 32 -23.44 -1.07 -22.01
C GLN A 32 -22.53 -0.63 -23.16
N PHE A 33 -21.21 -0.83 -22.99
CA PHE A 33 -20.26 -0.44 -24.03
C PHE A 33 -19.44 -1.61 -24.52
N VAL A 34 -19.15 -2.61 -23.64
CA VAL A 34 -18.35 -3.78 -24.07
C VAL A 34 -19.04 -5.11 -23.72
N ARG A 35 -18.57 -6.17 -24.38
CA ARG A 35 -19.06 -7.52 -24.27
C ARG A 35 -17.93 -8.54 -24.53
N PHE A 36 -17.95 -9.67 -23.80
CA PHE A 36 -17.07 -10.82 -24.02
C PHE A 36 -17.82 -12.10 -23.72
N ASP A 37 -17.78 -13.05 -24.66
CA ASP A 37 -18.44 -14.34 -24.51
C ASP A 37 -17.46 -15.42 -24.91
N SER A 38 -17.14 -16.32 -23.96
CA SER A 38 -16.19 -17.43 -24.17
C SER A 38 -16.66 -18.40 -25.26
N ASP A 39 -17.98 -18.46 -25.51
CA ASP A 39 -18.59 -19.33 -26.51
C ASP A 39 -18.70 -18.71 -27.90
N ALA A 40 -18.44 -17.40 -28.04
CA ALA A 40 -18.49 -16.67 -29.30
C ALA A 40 -17.33 -17.06 -30.22
N ALA A 41 -17.56 -17.00 -31.54
CA ALA A 41 -16.58 -17.35 -32.57
C ALA A 41 -15.36 -16.42 -32.60
N SER A 42 -15.58 -15.11 -32.38
CA SER A 42 -14.54 -14.08 -32.42
C SER A 42 -13.42 -14.28 -31.38
N GLN A 43 -13.80 -14.66 -30.13
CA GLN A 43 -12.90 -14.84 -28.99
C GLN A 43 -12.15 -13.50 -28.72
N ARG A 44 -12.90 -12.39 -28.80
CA ARG A 44 -12.42 -11.02 -28.65
C ARG A 44 -13.39 -10.16 -27.86
N MET A 45 -12.88 -9.08 -27.23
CA MET A 45 -13.69 -8.09 -26.53
C MET A 45 -14.33 -7.27 -27.64
N GLU A 46 -15.67 -7.29 -27.72
CA GLU A 46 -16.42 -6.60 -28.77
C GLU A 46 -17.09 -5.30 -28.29
N PRO A 47 -17.16 -4.27 -29.17
CA PRO A 47 -17.87 -3.04 -28.79
C PRO A 47 -19.38 -3.22 -28.85
N ARG A 48 -20.13 -2.45 -28.03
CA ARG A 48 -21.59 -2.49 -28.01
C ARG A 48 -22.22 -1.10 -28.10
N ALA A 49 -21.53 -0.06 -27.62
CA ALA A 49 -21.93 1.34 -27.72
C ALA A 49 -21.17 1.97 -28.89
N PRO A 50 -21.75 2.92 -29.65
CA PRO A 50 -21.02 3.50 -30.80
C PRO A 50 -19.71 4.24 -30.47
N TRP A 51 -19.70 5.03 -29.37
CA TRP A 51 -18.59 5.85 -28.91
C TRP A 51 -17.33 5.06 -28.48
N ILE A 52 -17.44 3.74 -28.24
CA ILE A 52 -16.28 2.94 -27.85
C ILE A 52 -15.53 2.40 -29.09
N GLU A 53 -16.24 2.31 -30.24
CA GLU A 53 -15.72 1.76 -31.51
C GLU A 53 -14.48 2.50 -32.04
N GLN A 54 -14.33 3.79 -31.66
CA GLN A 54 -13.20 4.66 -32.04
C GLN A 54 -11.84 4.22 -31.46
N GLU A 55 -11.84 3.37 -30.41
CA GLU A 55 -10.63 2.85 -29.75
C GLU A 55 -9.83 1.95 -30.70
N GLY A 56 -8.51 2.12 -30.71
CA GLY A 56 -7.56 1.41 -31.56
C GLY A 56 -7.43 -0.09 -31.38
N PRO A 57 -6.53 -0.75 -32.15
CA PRO A 57 -6.37 -2.22 -32.01
C PRO A 57 -5.77 -2.61 -30.66
N GLU A 58 -4.84 -1.79 -30.12
CA GLU A 58 -4.15 -1.97 -28.84
C GLU A 58 -5.14 -2.04 -27.68
N TYR A 59 -6.23 -1.25 -27.77
CA TYR A 59 -7.29 -1.22 -26.75
C TYR A 59 -8.00 -2.57 -26.69
N TRP A 60 -8.47 -3.05 -27.85
CA TRP A 60 -9.19 -4.33 -27.93
C TRP A 60 -8.29 -5.52 -27.59
N ASP A 61 -6.97 -5.38 -27.83
CA ASP A 61 -5.93 -6.37 -27.54
C ASP A 61 -5.78 -6.59 -26.03
N GLN A 62 -5.65 -5.49 -25.25
CA GLN A 62 -5.53 -5.51 -23.78
C GLN A 62 -6.79 -5.98 -23.11
N GLU A 63 -7.95 -5.52 -23.61
CA GLU A 63 -9.26 -5.86 -23.05
C GLU A 63 -9.54 -7.35 -23.23
N THR A 64 -9.08 -7.93 -24.35
CA THR A 64 -9.23 -9.36 -24.64
C THR A 64 -8.30 -10.16 -23.72
N ARG A 65 -7.06 -9.65 -23.51
CA ARG A 65 -6.06 -10.27 -22.65
C ARG A 65 -6.63 -10.46 -21.24
N ASN A 66 -7.07 -9.36 -20.60
CA ASN A 66 -7.62 -9.30 -19.25
C ASN A 66 -8.82 -10.21 -19.06
N VAL A 67 -9.77 -10.22 -20.03
CA VAL A 67 -10.97 -11.05 -19.91
C VAL A 67 -10.61 -12.54 -20.11
N LYS A 68 -9.74 -12.89 -21.09
CA LYS A 68 -9.27 -14.26 -21.35
C LYS A 68 -8.60 -14.80 -20.09
N ALA A 69 -7.82 -13.95 -19.41
CA ALA A 69 -7.10 -14.25 -18.17
C ALA A 69 -8.10 -14.53 -17.05
N GLN A 70 -9.13 -13.69 -16.90
CA GLN A 70 -10.12 -13.91 -15.84
C GLN A 70 -10.94 -15.13 -16.12
N SER A 71 -11.28 -15.33 -17.41
CA SER A 71 -12.02 -16.46 -17.96
C SER A 71 -11.33 -17.74 -17.49
N GLN A 72 -10.00 -17.80 -17.74
CA GLN A 72 -9.12 -18.92 -17.39
C GLN A 72 -8.95 -19.14 -15.89
N THR A 73 -8.87 -18.07 -15.10
CA THR A 73 -8.75 -18.17 -13.65
C THR A 73 -10.02 -18.79 -13.05
N ASP A 74 -11.20 -18.35 -13.52
CA ASP A 74 -12.53 -18.84 -13.11
C ASP A 74 -12.75 -20.33 -13.40
N ARG A 75 -12.24 -20.83 -14.54
CA ARG A 75 -12.34 -22.24 -14.93
C ARG A 75 -11.75 -23.15 -13.84
N VAL A 76 -10.63 -22.71 -13.23
CA VAL A 76 -9.92 -23.38 -12.15
C VAL A 76 -10.63 -23.11 -10.83
N ASP A 77 -11.02 -21.85 -10.61
CA ASP A 77 -11.71 -21.38 -9.40
C ASP A 77 -13.05 -22.08 -9.14
N LEU A 78 -13.72 -22.56 -10.21
CA LEU A 78 -15.01 -23.27 -10.07
C LEU A 78 -14.82 -24.63 -9.38
N GLY A 79 -13.75 -25.33 -9.75
CA GLY A 79 -13.41 -26.62 -9.18
C GLY A 79 -12.83 -26.49 -7.79
N THR A 80 -12.09 -25.37 -7.53
CA THR A 80 -11.45 -25.06 -6.27
C THR A 80 -12.49 -24.78 -5.19
N LEU A 81 -13.56 -24.05 -5.55
CA LEU A 81 -14.65 -23.70 -4.64
C LEU A 81 -15.56 -24.91 -4.42
N ARG A 82 -15.71 -25.76 -5.47
CA ARG A 82 -16.44 -27.02 -5.43
C ARG A 82 -15.75 -27.91 -4.38
N GLY A 83 -14.43 -27.77 -4.28
CA GLY A 83 -13.60 -28.45 -3.31
C GLY A 83 -13.89 -27.97 -1.90
N TYR A 84 -13.80 -26.63 -1.68
CA TYR A 84 -14.03 -25.99 -0.37
C TYR A 84 -15.42 -26.32 0.20
N TYR A 85 -16.46 -26.21 -0.65
CA TYR A 85 -17.86 -26.45 -0.29
C TYR A 85 -18.28 -27.94 -0.31
N ASN A 86 -17.33 -28.84 -0.66
CA ASN A 86 -17.51 -30.30 -0.76
C ASN A 86 -18.71 -30.69 -1.66
N GLN A 87 -18.61 -30.36 -2.96
CA GLN A 87 -19.63 -30.62 -3.97
C GLN A 87 -19.10 -31.49 -5.10
N SER A 88 -19.97 -32.35 -5.66
CA SER A 88 -19.65 -33.29 -6.74
C SER A 88 -19.48 -32.61 -8.08
N GLU A 89 -18.84 -33.30 -9.05
CA GLU A 89 -18.62 -32.82 -10.42
C GLU A 89 -19.93 -32.57 -11.16
N ASP A 90 -20.97 -33.38 -10.87
CA ASP A 90 -22.30 -33.25 -11.47
C ASP A 90 -23.10 -32.21 -10.67
N GLY A 91 -23.28 -31.05 -11.30
CA GLY A 91 -23.97 -29.91 -10.72
C GLY A 91 -23.37 -28.63 -11.25
N SER A 92 -24.24 -27.74 -11.78
CA SER A 92 -23.84 -26.46 -12.35
C SER A 92 -23.64 -25.43 -11.25
N HIS A 93 -22.52 -24.69 -11.31
CA HIS A 93 -22.20 -23.66 -10.33
C HIS A 93 -21.80 -22.36 -10.97
N THR A 94 -22.05 -21.24 -10.27
CA THR A 94 -21.79 -19.91 -10.81
C THR A 94 -20.85 -19.08 -9.96
N ILE A 95 -19.96 -18.33 -10.64
CA ILE A 95 -19.05 -17.36 -10.05
C ILE A 95 -19.37 -16.03 -10.70
N GLN A 96 -19.69 -15.04 -9.89
CA GLN A 96 -20.02 -13.70 -10.38
C GLN A 96 -19.07 -12.70 -9.76
N ILE A 97 -18.53 -11.83 -10.60
CA ILE A 97 -17.61 -10.76 -10.23
C ILE A 97 -18.25 -9.45 -10.65
N MET A 98 -18.25 -8.49 -9.73
CA MET A 98 -18.74 -7.13 -9.94
C MET A 98 -17.64 -6.20 -9.44
N TYR A 99 -17.16 -5.29 -10.33
CA TYR A 99 -16.13 -4.32 -9.96
C TYR A 99 -16.23 -3.01 -10.77
N GLY A 100 -15.76 -1.93 -10.17
CA GLY A 100 -15.78 -0.61 -10.79
C GLY A 100 -15.59 0.55 -9.85
N CYS A 101 -15.75 1.77 -10.39
CA CYS A 101 -15.55 3.01 -9.65
C CYS A 101 -16.66 4.02 -9.87
N ASP A 102 -16.79 4.97 -8.93
CA ASP A 102 -17.76 6.05 -8.97
C ASP A 102 -17.01 7.38 -8.92
N VAL A 103 -17.49 8.37 -9.69
CA VAL A 103 -16.96 9.74 -9.71
C VAL A 103 -18.13 10.72 -9.58
N GLY A 104 -17.87 11.93 -9.12
CA GLY A 104 -18.91 12.93 -9.00
C GLY A 104 -19.07 13.78 -10.25
N PRO A 105 -19.89 14.86 -10.20
CA PRO A 105 -20.03 15.76 -11.36
C PRO A 105 -18.73 16.49 -11.72
N ASP A 106 -17.83 16.64 -10.72
CA ASP A 106 -16.50 17.25 -10.85
C ASP A 106 -15.52 16.25 -11.51
N GLY A 107 -15.92 14.98 -11.55
CA GLY A 107 -15.12 13.89 -12.10
C GLY A 107 -14.02 13.51 -11.13
N ARG A 108 -14.35 13.51 -9.82
CA ARG A 108 -13.41 13.17 -8.76
C ARG A 108 -13.83 11.88 -8.09
N PHE A 109 -12.86 10.96 -7.87
CA PHE A 109 -13.05 9.65 -7.24
C PHE A 109 -13.96 9.69 -6.00
N LEU A 110 -14.92 8.75 -5.95
CA LEU A 110 -15.88 8.59 -4.86
C LEU A 110 -15.72 7.25 -4.18
N ARG A 111 -15.83 6.15 -4.93
CA ARG A 111 -15.75 4.80 -4.39
C ARG A 111 -15.21 3.82 -5.42
N GLY A 112 -14.59 2.75 -4.91
CA GLY A 112 -14.07 1.61 -5.64
C GLY A 112 -14.82 0.38 -5.17
N TYR A 113 -15.09 -0.56 -6.08
CA TYR A 113 -15.85 -1.76 -5.74
C TYR A 113 -15.19 -3.02 -6.27
N ARG A 114 -15.28 -4.12 -5.51
CA ARG A 114 -14.85 -5.48 -5.87
C ARG A 114 -15.58 -6.50 -5.01
N GLN A 115 -16.54 -7.19 -5.62
CA GLN A 115 -17.37 -8.19 -4.96
C GLN A 115 -17.39 -9.48 -5.76
N ASP A 116 -17.43 -10.60 -5.05
CA ASP A 116 -17.46 -11.92 -5.66
C ASP A 116 -18.56 -12.74 -5.04
N ALA A 117 -19.26 -13.52 -5.85
CA ALA A 117 -20.34 -14.38 -5.37
C ALA A 117 -20.28 -15.77 -5.96
N TYR A 118 -20.55 -16.78 -5.12
CA TYR A 118 -20.58 -18.18 -5.51
C TYR A 118 -22.00 -18.69 -5.31
N ASP A 119 -22.63 -19.13 -6.42
CA ASP A 119 -24.01 -19.63 -6.49
C ASP A 119 -25.03 -18.54 -6.06
N GLY A 120 -24.80 -17.33 -6.55
CA GLY A 120 -25.66 -16.17 -6.31
C GLY A 120 -25.64 -15.59 -4.92
N LYS A 121 -24.72 -16.08 -4.07
CA LYS A 121 -24.56 -15.61 -2.70
C LYS A 121 -23.15 -15.09 -2.49
N ASP A 122 -23.01 -14.02 -1.68
CA ASP A 122 -21.74 -13.34 -1.34
C ASP A 122 -20.65 -14.32 -0.96
N TYR A 123 -19.48 -14.18 -1.59
CA TYR A 123 -18.30 -14.99 -1.32
C TYR A 123 -17.25 -14.10 -0.65
N ILE A 124 -16.54 -13.25 -1.42
CA ILE A 124 -15.52 -12.33 -0.91
C ILE A 124 -15.73 -10.90 -1.44
N ALA A 125 -15.62 -9.91 -0.54
CA ALA A 125 -15.80 -8.52 -0.92
C ALA A 125 -14.69 -7.62 -0.42
N LEU A 126 -14.23 -6.69 -1.26
CA LEU A 126 -13.22 -5.69 -0.93
C LEU A 126 -13.90 -4.52 -0.24
N ASN A 127 -13.53 -4.26 1.02
CA ASN A 127 -14.09 -3.19 1.85
C ASN A 127 -13.85 -1.78 1.29
N GLU A 128 -14.69 -0.80 1.68
CA GLU A 128 -14.62 0.58 1.18
C GLU A 128 -13.20 1.19 1.27
N ASP A 129 -12.39 0.77 2.28
CA ASP A 129 -11.01 1.24 2.47
C ASP A 129 -10.07 0.79 1.33
N LEU A 130 -10.47 -0.30 0.61
CA LEU A 130 -9.75 -0.96 -0.49
C LEU A 130 -8.40 -1.50 -0.01
N ARG A 131 -8.34 -1.86 1.29
CA ARG A 131 -7.15 -2.37 1.98
C ARG A 131 -7.39 -3.78 2.57
N SER A 132 -8.67 -4.15 2.76
CA SER A 132 -9.06 -5.39 3.41
C SER A 132 -10.21 -6.07 2.70
N TRP A 133 -10.33 -7.40 2.90
CA TRP A 133 -11.40 -8.23 2.34
C TRP A 133 -12.39 -8.64 3.43
N THR A 134 -13.61 -9.04 3.04
CA THR A 134 -14.64 -9.53 3.94
C THR A 134 -15.14 -10.87 3.42
N ALA A 135 -14.72 -11.94 4.11
CA ALA A 135 -15.09 -13.31 3.77
C ALA A 135 -16.44 -13.60 4.41
N ALA A 136 -17.35 -14.20 3.64
CA ALA A 136 -18.70 -14.53 4.08
C ALA A 136 -18.80 -15.88 4.81
N ASP A 137 -17.76 -16.73 4.70
CA ASP A 137 -17.71 -18.04 5.36
C ASP A 137 -16.28 -18.57 5.52
N MET A 138 -16.15 -19.81 6.07
CA MET A 138 -14.88 -20.49 6.28
C MET A 138 -14.17 -20.82 4.95
N ALA A 139 -14.96 -21.04 3.86
CA ALA A 139 -14.44 -21.33 2.52
C ALA A 139 -13.84 -20.05 1.93
N ALA A 140 -14.59 -18.93 2.02
CA ALA A 140 -14.15 -17.62 1.53
C ALA A 140 -12.93 -17.12 2.32
N GLN A 141 -12.78 -17.59 3.58
CA GLN A 141 -11.64 -17.29 4.44
C GLN A 141 -10.33 -17.90 3.86
N ILE A 142 -10.44 -19.07 3.18
CA ILE A 142 -9.29 -19.73 2.53
C ILE A 142 -8.75 -18.83 1.40
N THR A 143 -9.69 -18.20 0.64
CA THR A 143 -9.42 -17.27 -0.46
C THR A 143 -8.80 -15.99 0.10
N LYS A 144 -9.39 -15.45 1.19
CA LYS A 144 -8.92 -14.23 1.87
C LYS A 144 -7.43 -14.36 2.16
N ARG A 145 -7.03 -15.43 2.87
CA ARG A 145 -5.65 -15.76 3.22
C ARG A 145 -4.75 -15.85 1.97
N LYS A 146 -5.25 -16.49 0.88
CA LYS A 146 -4.54 -16.62 -0.41
C LYS A 146 -4.32 -15.24 -1.06
N TRP A 147 -5.34 -14.38 -0.98
CA TRP A 147 -5.33 -13.03 -1.52
C TRP A 147 -4.56 -12.05 -0.64
N GLU A 148 -4.38 -12.42 0.64
CA GLU A 148 -3.59 -11.64 1.60
C GLU A 148 -2.11 -11.82 1.22
N ALA A 149 -1.70 -13.08 0.98
CA ALA A 149 -0.34 -13.46 0.56
C ALA A 149 0.02 -12.87 -0.81
N ALA A 150 -0.98 -12.80 -1.71
CA ALA A 150 -0.83 -12.30 -3.07
C ALA A 150 -0.80 -10.76 -3.16
N HIS A 151 -1.12 -10.06 -2.05
CA HIS A 151 -1.19 -8.60 -1.97
C HIS A 151 -2.23 -8.04 -2.96
N ALA A 152 -3.39 -8.73 -3.06
CA ALA A 152 -4.48 -8.39 -3.98
C ALA A 152 -5.12 -7.04 -3.72
N ALA A 153 -5.55 -6.76 -2.47
CA ALA A 153 -6.20 -5.51 -2.06
C ALA A 153 -5.43 -4.27 -2.50
N GLU A 154 -4.09 -4.26 -2.27
CA GLU A 154 -3.17 -3.18 -2.62
C GLU A 154 -3.19 -2.94 -4.15
N GLN A 155 -3.19 -4.05 -4.92
CA GLN A 155 -3.24 -4.03 -6.38
C GLN A 155 -4.60 -3.61 -6.90
N GLN A 156 -5.69 -4.07 -6.23
CA GLN A 156 -7.06 -3.69 -6.54
C GLN A 156 -7.24 -2.17 -6.32
N ARG A 157 -6.73 -1.66 -5.19
CA ARG A 157 -6.76 -0.25 -4.85
C ARG A 157 -6.09 0.60 -5.94
N ALA A 158 -4.89 0.17 -6.40
CA ALA A 158 -4.13 0.87 -7.45
C ALA A 158 -4.95 1.12 -8.71
N TYR A 159 -5.74 0.13 -9.16
CA TYR A 159 -6.58 0.23 -10.34
C TYR A 159 -7.86 1.04 -10.09
N LEU A 160 -8.63 0.67 -9.06
CA LEU A 160 -9.92 1.29 -8.73
C LEU A 160 -9.80 2.81 -8.47
N GLU A 161 -8.70 3.23 -7.80
CA GLU A 161 -8.42 4.64 -7.51
C GLU A 161 -7.67 5.35 -8.68
N GLY A 162 -7.04 4.58 -9.54
CA GLY A 162 -6.24 5.10 -10.65
C GLY A 162 -6.86 4.96 -12.02
N ARG A 163 -6.46 3.90 -12.76
CA ARG A 163 -6.90 3.63 -14.14
C ARG A 163 -8.41 3.57 -14.33
N CYS A 164 -9.15 3.02 -13.36
CA CYS A 164 -10.61 2.93 -13.46
C CYS A 164 -11.20 4.31 -13.71
N VAL A 165 -10.83 5.30 -12.87
CA VAL A 165 -11.37 6.65 -12.95
C VAL A 165 -10.87 7.39 -14.22
N GLU A 166 -9.60 7.14 -14.65
CA GLU A 166 -9.00 7.68 -15.86
C GLU A 166 -9.82 7.23 -17.09
N TRP A 167 -10.12 5.90 -17.18
CA TRP A 167 -10.92 5.31 -18.25
C TRP A 167 -12.34 5.88 -18.27
N LEU A 168 -12.98 5.98 -17.09
CA LEU A 168 -14.34 6.51 -16.93
C LEU A 168 -14.43 7.97 -17.35
N ARG A 169 -13.44 8.80 -16.93
CA ARG A 169 -13.38 10.22 -17.31
C ARG A 169 -13.22 10.33 -18.83
N ARG A 170 -12.41 9.44 -19.43
CA ARG A 170 -12.18 9.37 -20.87
C ARG A 170 -13.46 9.00 -21.62
N TYR A 171 -14.24 8.01 -21.11
CA TYR A 171 -15.48 7.55 -21.74
C TYR A 171 -16.54 8.63 -21.77
N LEU A 172 -16.62 9.43 -20.68
CA LEU A 172 -17.53 10.56 -20.54
C LEU A 172 -17.25 11.63 -21.58
N GLU A 173 -15.98 11.81 -21.95
CA GLU A 173 -15.58 12.81 -22.96
C GLU A 173 -15.98 12.37 -24.36
N ASN A 174 -15.59 11.14 -24.75
CA ASN A 174 -15.86 10.55 -26.07
C ASN A 174 -17.34 10.32 -26.33
N GLY A 175 -18.09 9.91 -25.30
CA GLY A 175 -19.52 9.64 -25.41
C GLY A 175 -20.38 10.71 -24.77
N LYS A 176 -19.89 11.96 -24.78
CA LYS A 176 -20.53 13.17 -24.22
C LYS A 176 -22.04 13.28 -24.56
N GLU A 177 -22.38 13.22 -25.87
CA GLU A 177 -23.74 13.36 -26.41
C GLU A 177 -24.77 12.40 -25.84
N THR A 178 -24.38 11.14 -25.58
CA THR A 178 -25.27 10.09 -25.09
C THR A 178 -25.12 9.80 -23.59
N LEU A 179 -23.88 9.78 -23.06
CA LEU A 179 -23.63 9.48 -21.65
C LEU A 179 -23.97 10.62 -20.71
N GLN A 180 -23.78 11.88 -21.15
CA GLN A 180 -23.99 13.02 -20.26
C GLN A 180 -25.38 13.71 -20.45
N ARG A 181 -26.25 13.20 -21.34
CA ARG A 181 -27.61 13.72 -21.50
C ARG A 181 -28.57 13.21 -20.42
N THR A 182 -29.47 14.09 -19.99
CA THR A 182 -30.50 13.81 -19.00
C THR A 182 -31.86 13.92 -19.70
N ASP A 183 -32.38 12.77 -20.18
CA ASP A 183 -33.67 12.72 -20.86
C ASP A 183 -34.81 12.61 -19.85
N PRO A 184 -35.70 13.64 -19.77
CA PRO A 184 -36.78 13.58 -18.78
C PRO A 184 -37.91 12.64 -19.17
N PRO A 185 -38.68 12.11 -18.20
CA PRO A 185 -39.78 11.21 -18.56
C PRO A 185 -41.00 11.93 -19.13
N LYS A 186 -41.62 11.33 -20.16
CA LYS A 186 -42.84 11.80 -20.80
C LYS A 186 -43.94 11.13 -19.98
N THR A 187 -44.51 11.89 -19.03
CA THR A 187 -45.51 11.40 -18.08
C THR A 187 -46.96 11.59 -18.52
N HIS A 188 -47.79 10.58 -18.21
CA HIS A 188 -49.23 10.55 -18.49
C HIS A 188 -49.94 9.62 -17.50
N MET A 189 -51.27 9.77 -17.39
CA MET A 189 -52.08 8.97 -16.47
C MET A 189 -53.21 8.20 -17.17
N THR A 190 -53.52 6.99 -16.68
CA THR A 190 -54.60 6.15 -17.21
C THR A 190 -55.53 5.69 -16.08
N HIS A 191 -56.82 5.53 -16.41
CA HIS A 191 -57.89 5.09 -15.51
C HIS A 191 -58.52 3.81 -16.07
N HIS A 192 -58.57 2.74 -15.25
CA HIS A 192 -59.13 1.44 -15.63
C HIS A 192 -60.09 0.97 -14.56
N PRO A 193 -61.42 0.98 -14.78
CA PRO A 193 -62.34 0.51 -13.73
C PRO A 193 -62.33 -1.02 -13.63
N ILE A 194 -62.05 -1.53 -12.43
CA ILE A 194 -62.02 -2.98 -12.17
C ILE A 194 -63.36 -3.45 -11.60
N SER A 195 -64.13 -2.49 -11.07
CA SER A 195 -65.44 -2.69 -10.47
C SER A 195 -66.29 -1.44 -10.72
N ASP A 196 -67.45 -1.36 -10.07
CA ASP A 196 -68.39 -0.24 -10.14
C ASP A 196 -68.02 0.75 -9.03
N HIS A 197 -67.46 0.22 -7.92
CA HIS A 197 -67.00 0.95 -6.74
C HIS A 197 -65.48 1.10 -6.70
N GLU A 198 -64.72 0.20 -7.37
CA GLU A 198 -63.25 0.22 -7.42
C GLU A 198 -62.70 0.55 -8.81
N ALA A 199 -61.58 1.31 -8.85
CA ALA A 199 -60.91 1.72 -10.08
C ALA A 199 -59.37 1.66 -9.93
N THR A 200 -58.65 1.45 -11.04
CA THR A 200 -57.18 1.39 -11.07
C THR A 200 -56.61 2.64 -11.77
N LEU A 201 -55.77 3.40 -11.05
CA LEU A 201 -55.10 4.58 -11.59
C LEU A 201 -53.64 4.22 -11.83
N ARG A 202 -53.15 4.45 -13.06
CA ARG A 202 -51.76 4.12 -13.42
C ARG A 202 -51.00 5.36 -13.89
N CYS A 203 -49.80 5.56 -13.35
CA CYS A 203 -48.94 6.69 -13.68
C CYS A 203 -47.72 6.21 -14.45
N TRP A 204 -47.53 6.71 -15.68
CA TRP A 204 -46.44 6.31 -16.56
C TRP A 204 -45.36 7.35 -16.69
N ALA A 205 -44.11 6.89 -16.84
CA ALA A 205 -42.90 7.68 -17.06
C ALA A 205 -42.18 6.96 -18.22
N LEU A 206 -42.01 7.66 -19.36
CA LEU A 206 -41.43 7.03 -20.54
C LEU A 206 -40.28 7.81 -21.20
N GLY A 207 -39.38 7.06 -21.83
CA GLY A 207 -38.24 7.61 -22.56
C GLY A 207 -37.27 8.42 -21.72
N PHE A 208 -37.01 7.98 -20.47
CA PHE A 208 -36.13 8.70 -19.55
C PHE A 208 -34.74 8.05 -19.39
N TYR A 209 -33.72 8.91 -19.17
CA TYR A 209 -32.32 8.56 -18.90
C TYR A 209 -31.69 9.59 -17.94
N PRO A 210 -31.04 9.15 -16.83
CA PRO A 210 -30.75 7.77 -16.41
C PRO A 210 -31.96 7.01 -15.86
N ALA A 211 -31.78 5.69 -15.66
CA ALA A 211 -32.79 4.76 -15.14
C ALA A 211 -33.30 5.14 -13.74
N GLU A 212 -32.55 5.99 -12.99
CA GLU A 212 -32.93 6.44 -11.66
C GLU A 212 -34.14 7.39 -11.68
N ILE A 213 -35.28 6.87 -11.22
CA ILE A 213 -36.58 7.54 -11.19
C ILE A 213 -37.28 7.27 -9.85
N THR A 214 -38.33 8.06 -9.54
CA THR A 214 -39.15 7.95 -8.34
C THR A 214 -40.61 8.19 -8.73
N LEU A 215 -41.49 7.23 -8.39
CA LEU A 215 -42.93 7.30 -8.64
C LEU A 215 -43.67 7.05 -7.34
N THR A 216 -44.17 8.13 -6.72
CA THR A 216 -44.89 8.06 -5.45
C THR A 216 -46.35 8.41 -5.58
N TRP A 217 -47.23 7.59 -4.98
CA TRP A 217 -48.67 7.82 -4.97
C TRP A 217 -49.09 8.47 -3.66
N GLN A 218 -49.88 9.57 -3.74
CA GLN A 218 -50.38 10.30 -2.57
C GLN A 218 -51.92 10.39 -2.56
N ARG A 219 -52.50 10.54 -1.35
CA ARG A 219 -53.94 10.69 -1.13
C ARG A 219 -54.17 11.78 -0.09
N ASP A 220 -54.61 12.98 -0.53
CA ASP A 220 -54.91 14.15 0.30
C ASP A 220 -53.71 14.60 1.19
N GLY A 221 -52.50 14.45 0.66
CA GLY A 221 -51.26 14.83 1.34
C GLY A 221 -50.38 13.67 1.74
N GLU A 222 -50.95 12.68 2.46
CA GLU A 222 -50.27 11.48 2.96
C GLU A 222 -49.69 10.61 1.84
N ASP A 223 -48.77 9.69 2.18
CA ASP A 223 -48.17 8.76 1.22
C ASP A 223 -49.04 7.50 1.14
N GLN A 224 -48.84 6.70 0.09
CA GLN A 224 -49.58 5.46 -0.12
C GLN A 224 -48.65 4.27 -0.29
N THR A 225 -48.72 3.33 0.67
CA THR A 225 -47.98 2.07 0.68
C THR A 225 -49.02 0.97 0.47
N GLN A 226 -50.18 1.14 1.12
CA GLN A 226 -51.35 0.25 1.04
C GLN A 226 -52.00 0.42 -0.34
N ASP A 227 -52.09 -0.69 -1.10
CA ASP A 227 -52.67 -0.83 -2.44
C ASP A 227 -51.80 -0.18 -3.58
N THR A 228 -50.53 0.20 -3.29
CA THR A 228 -49.59 0.76 -4.27
C THR A 228 -48.75 -0.36 -4.89
N GLU A 229 -48.78 -0.48 -6.23
CA GLU A 229 -48.07 -1.48 -7.01
C GLU A 229 -47.12 -0.82 -8.01
N LEU A 230 -45.84 -1.20 -7.97
CA LEU A 230 -44.78 -0.69 -8.83
C LEU A 230 -44.04 -1.79 -9.57
N VAL A 231 -43.74 -1.54 -10.85
CA VAL A 231 -42.96 -2.46 -11.68
C VAL A 231 -41.52 -1.97 -11.67
N GLU A 232 -40.53 -2.87 -11.81
CA GLU A 232 -39.13 -2.42 -11.80
C GLU A 232 -38.79 -1.74 -13.11
N THR A 233 -37.99 -0.65 -13.05
CA THR A 233 -37.54 0.12 -14.22
C THR A 233 -37.05 -0.82 -15.32
N ARG A 234 -37.78 -0.82 -16.44
CA ARG A 234 -37.54 -1.68 -17.60
C ARG A 234 -36.87 -0.93 -18.76
N PRO A 235 -35.99 -1.60 -19.55
CA PRO A 235 -35.39 -0.89 -20.70
C PRO A 235 -36.37 -0.80 -21.86
N ALA A 236 -36.38 0.35 -22.56
CA ALA A 236 -37.23 0.54 -23.73
C ALA A 236 -36.63 -0.22 -24.93
N GLY A 237 -35.30 -0.33 -24.95
CA GLY A 237 -34.53 -1.02 -25.98
C GLY A 237 -33.75 -0.07 -26.87
N ASP A 238 -33.99 1.25 -26.72
CA ASP A 238 -33.36 2.29 -27.53
C ASP A 238 -32.51 3.27 -26.68
N GLY A 239 -32.00 2.80 -25.55
CA GLY A 239 -31.17 3.56 -24.65
C GLY A 239 -31.93 4.31 -23.57
N THR A 240 -33.25 4.25 -23.62
CA THR A 240 -34.12 4.89 -22.65
C THR A 240 -34.80 3.83 -21.77
N PHE A 241 -35.48 4.28 -20.71
CA PHE A 241 -36.14 3.41 -19.75
C PHE A 241 -37.61 3.80 -19.55
N GLN A 242 -38.40 2.84 -19.05
CA GLN A 242 -39.83 2.99 -18.78
C GLN A 242 -40.16 2.52 -17.38
N LYS A 243 -41.22 3.09 -16.78
CA LYS A 243 -41.70 2.71 -15.44
C LYS A 243 -43.11 3.22 -15.21
N TRP A 244 -43.91 2.42 -14.49
CA TRP A 244 -45.26 2.78 -14.08
C TRP A 244 -45.54 2.38 -12.64
N ALA A 245 -46.51 3.06 -12.03
CA ALA A 245 -46.93 2.85 -10.65
C ALA A 245 -48.44 2.98 -10.61
N ALA A 246 -49.11 1.98 -10.03
CA ALA A 246 -50.56 1.96 -9.94
C ALA A 246 -51.07 1.91 -8.51
N VAL A 247 -52.35 2.33 -8.31
CA VAL A 247 -53.05 2.32 -7.02
C VAL A 247 -54.55 2.09 -7.23
N VAL A 248 -55.15 1.12 -6.48
CA VAL A 248 -56.58 0.83 -6.61
C VAL A 248 -57.38 1.82 -5.70
N VAL A 249 -58.18 2.69 -6.35
CA VAL A 249 -58.93 3.75 -5.68
C VAL A 249 -60.46 3.54 -5.68
N PRO A 250 -61.19 4.01 -4.64
CA PRO A 250 -62.66 3.90 -4.66
C PRO A 250 -63.24 4.93 -5.64
N SER A 251 -64.10 4.47 -6.58
CA SER A 251 -64.76 5.26 -7.63
C SER A 251 -65.33 6.57 -7.10
N GLY A 252 -64.89 7.68 -7.70
CA GLY A 252 -65.29 9.03 -7.34
C GLY A 252 -64.23 9.80 -6.57
N GLU A 253 -63.25 9.09 -6.00
CA GLU A 253 -62.17 9.67 -5.21
C GLU A 253 -60.86 9.88 -6.00
N GLU A 254 -60.93 9.91 -7.35
CA GLU A 254 -59.78 10.08 -8.24
C GLU A 254 -59.06 11.42 -8.11
N GLN A 255 -59.76 12.48 -7.71
CA GLN A 255 -59.20 13.84 -7.57
C GLN A 255 -58.46 14.03 -6.24
N ARG A 256 -58.60 13.05 -5.32
CA ARG A 256 -57.96 13.03 -4.00
C ARG A 256 -56.55 12.47 -4.10
N TYR A 257 -56.29 11.67 -5.15
CA TYR A 257 -55.02 11.02 -5.41
C TYR A 257 -54.15 11.80 -6.40
N THR A 258 -52.84 11.92 -6.08
CA THR A 258 -51.84 12.60 -6.90
C THR A 258 -50.62 11.70 -7.06
N CYS A 259 -49.90 11.85 -8.19
CA CYS A 259 -48.67 11.10 -8.41
C CYS A 259 -47.48 12.01 -8.65
N HIS A 260 -46.48 11.86 -7.77
CA HIS A 260 -45.24 12.63 -7.79
C HIS A 260 -44.17 11.88 -8.54
N VAL A 261 -43.63 12.51 -9.60
CA VAL A 261 -42.59 11.94 -10.45
C VAL A 261 -41.29 12.70 -10.22
N GLN A 262 -40.21 11.97 -9.89
CA GLN A 262 -38.90 12.56 -9.65
C GLN A 262 -37.85 11.98 -10.58
N HIS A 263 -37.12 12.86 -11.29
CA HIS A 263 -36.09 12.48 -12.24
C HIS A 263 -35.01 13.56 -12.39
N GLU A 264 -33.76 13.14 -12.63
CA GLU A 264 -32.58 13.99 -12.80
C GLU A 264 -32.74 14.99 -13.96
N GLY A 265 -33.40 14.57 -15.05
CA GLY A 265 -33.63 15.40 -16.22
C GLY A 265 -34.79 16.37 -16.11
N LEU A 266 -35.65 16.12 -15.11
CA LEU A 266 -36.84 16.93 -14.84
C LEU A 266 -36.43 18.14 -13.99
N PRO A 267 -36.61 19.38 -14.52
CA PRO A 267 -36.22 20.58 -13.75
C PRO A 267 -36.94 20.71 -12.41
N LYS A 268 -38.27 20.57 -12.42
CA LYS A 268 -39.11 20.64 -11.21
C LYS A 268 -39.86 19.33 -11.03
N PRO A 269 -40.01 18.81 -9.78
CA PRO A 269 -40.74 17.55 -9.59
C PRO A 269 -42.20 17.62 -10.04
N LEU A 270 -42.56 16.75 -11.00
CA LEU A 270 -43.90 16.72 -11.57
C LEU A 270 -44.94 16.10 -10.67
N THR A 271 -46.12 16.72 -10.62
CA THR A 271 -47.28 16.25 -9.88
C THR A 271 -48.43 16.07 -10.88
N LEU A 272 -48.91 14.82 -11.01
CA LEU A 272 -49.97 14.42 -11.93
C LEU A 272 -51.25 14.06 -11.16
N ARG A 273 -52.41 14.52 -11.65
CA ARG A 273 -53.72 14.30 -11.02
C ARG A 273 -54.82 14.07 -12.05
N TRP A 274 -55.71 13.11 -11.76
CA TRP A 274 -56.86 12.76 -12.59
C TRP A 274 -57.98 13.75 -12.31
N ILE B 2 -30.21 -22.31 -2.79
CA ILE B 2 -31.44 -21.54 -3.03
C ILE B 2 -31.44 -20.91 -4.45
N GLN B 3 -32.65 -20.85 -5.07
CA GLN B 3 -32.87 -20.33 -6.42
C GLN B 3 -34.01 -19.30 -6.44
N ARG B 4 -33.91 -18.29 -7.32
CA ARG B 4 -34.88 -17.19 -7.46
C ARG B 4 -35.68 -17.27 -8.76
N THR B 5 -37.02 -17.11 -8.67
CA THR B 5 -37.97 -17.17 -9.80
C THR B 5 -37.96 -15.88 -10.62
N PRO B 6 -37.82 -15.96 -11.96
CA PRO B 6 -37.85 -14.74 -12.79
C PRO B 6 -39.13 -13.93 -12.71
N LYS B 7 -38.98 -12.59 -12.84
CA LYS B 7 -40.07 -11.61 -12.90
C LYS B 7 -40.15 -11.21 -14.36
N ILE B 8 -41.35 -11.38 -14.97
CA ILE B 8 -41.56 -11.14 -16.40
C ILE B 8 -42.37 -9.85 -16.69
N GLN B 9 -42.01 -9.16 -17.79
CA GLN B 9 -42.65 -7.93 -18.27
C GLN B 9 -42.74 -7.92 -19.79
N VAL B 10 -43.98 -8.02 -20.33
CA VAL B 10 -44.23 -7.96 -21.77
C VAL B 10 -44.78 -6.59 -22.08
N TYR B 11 -44.06 -5.85 -22.95
CA TYR B 11 -44.38 -4.47 -23.30
C TYR B 11 -43.75 -4.07 -24.64
N SER B 12 -44.18 -2.93 -25.18
CA SER B 12 -43.70 -2.37 -26.44
C SER B 12 -42.77 -1.18 -26.19
N ARG B 13 -41.85 -0.90 -27.13
CA ARG B 13 -40.90 0.22 -27.03
C ARG B 13 -41.65 1.55 -27.06
N HIS B 14 -42.48 1.76 -28.07
CA HIS B 14 -43.27 2.98 -28.21
C HIS B 14 -44.75 2.65 -27.97
N PRO B 15 -45.63 3.64 -27.63
CA PRO B 15 -47.06 3.30 -27.40
C PRO B 15 -47.72 2.72 -28.65
N ALA B 16 -48.20 1.47 -28.52
CA ALA B 16 -48.81 0.66 -29.58
C ALA B 16 -49.94 1.33 -30.37
N GLU B 17 -49.74 1.40 -31.69
CA GLU B 17 -50.67 1.96 -32.66
C GLU B 17 -50.82 0.92 -33.76
N ASN B 18 -52.06 0.48 -34.00
CA ASN B 18 -52.38 -0.55 -34.97
C ASN B 18 -51.91 -0.23 -36.39
N GLY B 19 -51.21 -1.21 -36.99
CA GLY B 19 -50.67 -1.12 -38.34
C GLY B 19 -49.47 -0.20 -38.50
N LYS B 20 -48.72 0.03 -37.40
CA LYS B 20 -47.53 0.88 -37.37
C LYS B 20 -46.34 0.08 -36.76
N SER B 21 -45.19 0.03 -37.49
CA SER B 21 -43.99 -0.72 -37.08
C SER B 21 -43.46 -0.32 -35.69
N ASN B 22 -43.20 -1.34 -34.86
CA ASN B 22 -42.75 -1.19 -33.48
C ASN B 22 -41.84 -2.36 -33.02
N PHE B 23 -41.51 -2.37 -31.71
CA PHE B 23 -40.68 -3.39 -31.08
C PHE B 23 -41.39 -3.99 -29.86
N LEU B 24 -41.41 -5.33 -29.77
CA LEU B 24 -42.03 -6.06 -28.66
C LEU B 24 -40.94 -6.61 -27.76
N ASN B 25 -40.98 -6.22 -26.47
CA ASN B 25 -40.01 -6.60 -25.45
C ASN B 25 -40.53 -7.60 -24.42
N CYS B 26 -39.59 -8.36 -23.82
CA CYS B 26 -39.83 -9.29 -22.73
C CYS B 26 -38.67 -9.22 -21.75
N TYR B 27 -38.78 -8.31 -20.78
CA TYR B 27 -37.78 -8.07 -19.76
C TYR B 27 -37.93 -9.08 -18.64
N VAL B 28 -36.95 -10.00 -18.56
CA VAL B 28 -36.88 -11.07 -17.58
C VAL B 28 -35.78 -10.72 -16.59
N SER B 29 -36.12 -10.57 -15.30
CA SER B 29 -35.18 -10.19 -14.26
C SER B 29 -35.40 -10.94 -12.93
N GLY B 30 -34.48 -10.74 -11.97
CA GLY B 30 -34.52 -11.29 -10.63
C GLY B 30 -34.43 -12.80 -10.52
N PHE B 31 -33.78 -13.46 -11.49
CA PHE B 31 -33.66 -14.91 -11.51
C PHE B 31 -32.24 -15.43 -11.24
N HIS B 32 -32.18 -16.67 -10.72
CA HIS B 32 -30.95 -17.42 -10.44
C HIS B 32 -31.27 -18.91 -10.49
N PRO B 33 -30.55 -19.78 -11.27
CA PRO B 33 -29.34 -19.52 -12.07
C PRO B 33 -29.57 -18.69 -13.33
N SER B 34 -28.47 -18.46 -14.08
CA SER B 34 -28.44 -17.70 -15.32
C SER B 34 -29.21 -18.37 -16.45
N ASP B 35 -29.16 -19.72 -16.52
CA ASP B 35 -29.79 -20.55 -17.55
C ASP B 35 -31.31 -20.34 -17.64
N ILE B 36 -31.74 -19.72 -18.75
CA ILE B 36 -33.14 -19.40 -19.02
C ILE B 36 -33.50 -19.58 -20.50
N GLU B 37 -34.75 -20.00 -20.77
CA GLU B 37 -35.35 -20.16 -22.09
C GLU B 37 -36.46 -19.12 -22.20
N VAL B 38 -36.38 -18.25 -23.23
CA VAL B 38 -37.39 -17.21 -23.45
C VAL B 38 -37.81 -17.20 -24.91
N ASP B 39 -39.11 -17.36 -25.15
CA ASP B 39 -39.68 -17.33 -26.50
C ASP B 39 -40.77 -16.27 -26.58
N LEU B 40 -40.79 -15.52 -27.69
CA LEU B 40 -41.82 -14.53 -27.96
C LEU B 40 -42.83 -15.16 -28.90
N LEU B 41 -44.13 -14.89 -28.68
CA LEU B 41 -45.19 -15.55 -29.45
C LEU B 41 -46.16 -14.63 -30.16
N LYS B 42 -46.52 -15.01 -31.40
CA LYS B 42 -47.53 -14.34 -32.23
C LYS B 42 -48.62 -15.37 -32.46
N ASN B 43 -49.80 -15.15 -31.82
CA ASN B 43 -50.98 -16.03 -31.87
C ASN B 43 -50.63 -17.49 -31.50
N GLY B 44 -49.91 -17.64 -30.38
CA GLY B 44 -49.46 -18.92 -29.85
C GLY B 44 -48.32 -19.56 -30.59
N GLU B 45 -47.72 -18.85 -31.58
CA GLU B 45 -46.61 -19.39 -32.37
C GLU B 45 -45.30 -18.65 -32.14
N ARG B 46 -44.21 -19.41 -31.92
CA ARG B 46 -42.85 -18.92 -31.68
C ARG B 46 -42.32 -18.07 -32.83
N ILE B 47 -41.81 -16.87 -32.50
CA ILE B 47 -41.22 -15.93 -33.45
C ILE B 47 -39.73 -16.30 -33.56
N GLU B 48 -39.19 -16.37 -34.79
CA GLU B 48 -37.79 -16.78 -34.98
C GLU B 48 -36.80 -15.60 -35.06
N LYS B 49 -37.27 -14.39 -35.45
CA LYS B 49 -36.41 -13.20 -35.55
C LYS B 49 -36.32 -12.42 -34.20
N VAL B 50 -36.07 -13.16 -33.10
CA VAL B 50 -35.94 -12.60 -31.75
C VAL B 50 -34.48 -12.49 -31.35
N GLU B 51 -34.08 -11.29 -30.90
CA GLU B 51 -32.73 -10.99 -30.43
C GLU B 51 -32.78 -10.76 -28.91
N HIS B 52 -31.71 -11.11 -28.21
CA HIS B 52 -31.61 -10.95 -26.75
C HIS B 52 -30.39 -10.10 -26.33
N SER B 53 -30.49 -9.44 -25.16
CA SER B 53 -29.40 -8.61 -24.62
C SER B 53 -28.29 -9.51 -24.05
N ASP B 54 -27.11 -8.92 -23.80
CA ASP B 54 -25.98 -9.65 -23.23
C ASP B 54 -26.22 -9.83 -21.71
N LEU B 55 -26.02 -11.07 -21.20
CA LEU B 55 -26.25 -11.43 -19.80
C LEU B 55 -25.55 -10.52 -18.79
N SER B 56 -26.33 -9.92 -17.90
CA SER B 56 -25.82 -9.06 -16.82
C SER B 56 -26.60 -9.34 -15.53
N PHE B 57 -26.21 -8.71 -14.42
CA PHE B 57 -26.86 -8.95 -13.15
C PHE B 57 -26.91 -7.72 -12.26
N SER B 58 -27.85 -7.75 -11.31
CA SER B 58 -28.13 -6.69 -10.36
C SER B 58 -27.27 -6.82 -9.10
N LYS B 59 -27.37 -5.80 -8.20
CA LYS B 59 -26.65 -5.73 -6.92
C LYS B 59 -26.83 -6.98 -6.05
N ASP B 60 -28.02 -7.59 -6.09
CA ASP B 60 -28.31 -8.81 -5.34
C ASP B 60 -27.91 -10.08 -6.08
N TRP B 61 -27.07 -9.94 -7.15
CA TRP B 61 -26.51 -11.02 -8.00
C TRP B 61 -27.52 -11.68 -8.96
N SER B 62 -28.83 -11.38 -8.83
CA SER B 62 -29.90 -11.92 -9.69
C SER B 62 -29.75 -11.41 -11.11
N PHE B 63 -29.98 -12.29 -12.09
CA PHE B 63 -29.82 -12.00 -13.51
C PHE B 63 -30.99 -11.25 -14.16
N TYR B 64 -30.70 -10.61 -15.31
CA TYR B 64 -31.67 -9.90 -16.13
C TYR B 64 -31.30 -9.96 -17.62
N LEU B 65 -32.32 -10.12 -18.48
CA LEU B 65 -32.20 -10.17 -19.95
C LEU B 65 -33.36 -9.46 -20.63
N LEU B 66 -33.12 -8.97 -21.84
CA LEU B 66 -34.17 -8.34 -22.64
C LEU B 66 -34.24 -9.01 -24.00
N TYR B 67 -35.34 -9.73 -24.23
CA TYR B 67 -35.62 -10.41 -25.49
C TYR B 67 -36.54 -9.49 -26.27
N TYR B 68 -36.30 -9.33 -27.58
CA TYR B 68 -37.07 -8.41 -28.40
C TYR B 68 -37.15 -8.79 -29.89
N THR B 69 -38.23 -8.31 -30.55
CA THR B 69 -38.50 -8.51 -31.98
C THR B 69 -39.25 -7.31 -32.57
N GLU B 70 -39.09 -7.10 -33.87
CA GLU B 70 -39.77 -6.03 -34.60
C GLU B 70 -41.16 -6.54 -34.94
N PHE B 71 -42.21 -5.76 -34.63
CA PHE B 71 -43.59 -6.19 -34.88
C PHE B 71 -44.50 -5.03 -35.27
N THR B 72 -45.63 -5.34 -35.92
CA THR B 72 -46.67 -4.37 -36.30
C THR B 72 -47.95 -4.74 -35.53
N PRO B 73 -48.27 -4.05 -34.42
CA PRO B 73 -49.46 -4.43 -33.63
C PRO B 73 -50.79 -4.30 -34.40
N THR B 74 -51.59 -5.38 -34.35
CA THR B 74 -52.90 -5.49 -34.99
C THR B 74 -53.90 -5.98 -33.96
N GLU B 75 -55.14 -5.47 -34.02
CA GLU B 75 -56.26 -5.81 -33.13
C GLU B 75 -56.52 -7.31 -33.05
N LYS B 76 -56.46 -8.00 -34.21
CA LYS B 76 -56.68 -9.44 -34.32
C LYS B 76 -55.56 -10.28 -33.67
N ASP B 77 -54.29 -9.87 -33.85
CA ASP B 77 -53.11 -10.56 -33.34
C ASP B 77 -52.97 -10.49 -31.83
N GLU B 78 -52.55 -11.60 -31.21
CA GLU B 78 -52.33 -11.72 -29.76
C GLU B 78 -50.89 -12.13 -29.47
N TYR B 79 -50.11 -11.22 -28.86
CA TYR B 79 -48.70 -11.42 -28.54
C TYR B 79 -48.47 -11.79 -27.08
N ALA B 80 -47.55 -12.73 -26.82
CA ALA B 80 -47.23 -13.21 -25.48
C ALA B 80 -45.75 -13.61 -25.30
N CYS B 81 -45.31 -13.81 -24.05
CA CYS B 81 -43.95 -14.23 -23.72
C CYS B 81 -43.94 -15.56 -22.95
N ARG B 82 -43.14 -16.54 -23.42
CA ARG B 82 -43.02 -17.87 -22.82
C ARG B 82 -41.64 -18.07 -22.18
N VAL B 83 -41.59 -17.94 -20.85
CA VAL B 83 -40.37 -18.05 -20.05
C VAL B 83 -40.30 -19.40 -19.33
N ASN B 84 -39.16 -20.09 -19.46
CA ASN B 84 -38.91 -21.37 -18.80
C ASN B 84 -37.61 -21.31 -18.00
N HIS B 85 -37.68 -21.79 -16.75
CA HIS B 85 -36.57 -21.80 -15.79
C HIS B 85 -36.63 -23.09 -14.96
N VAL B 86 -35.64 -23.30 -14.08
CA VAL B 86 -35.61 -24.46 -13.19
C VAL B 86 -36.64 -24.28 -12.05
N THR B 87 -36.93 -23.01 -11.68
CA THR B 87 -37.88 -22.64 -10.64
C THR B 87 -39.33 -22.82 -11.11
N LEU B 88 -39.52 -23.04 -12.43
CA LEU B 88 -40.84 -23.23 -13.03
C LEU B 88 -41.01 -24.68 -13.52
N SER B 89 -42.06 -25.35 -13.05
CA SER B 89 -42.40 -26.73 -13.41
C SER B 89 -42.83 -26.81 -14.88
N GLN B 90 -43.57 -25.78 -15.34
CA GLN B 90 -44.09 -25.67 -16.71
C GLN B 90 -43.86 -24.25 -17.25
N PRO B 91 -43.64 -24.07 -18.59
CA PRO B 91 -43.39 -22.71 -19.11
C PRO B 91 -44.51 -21.74 -18.80
N LYS B 92 -44.16 -20.58 -18.22
CA LYS B 92 -45.09 -19.52 -17.86
C LYS B 92 -45.35 -18.62 -19.07
N ILE B 93 -46.61 -18.41 -19.40
CA ILE B 93 -46.98 -17.53 -20.51
C ILE B 93 -47.58 -16.24 -19.94
N VAL B 94 -46.98 -15.12 -20.31
CA VAL B 94 -47.42 -13.79 -19.91
C VAL B 94 -47.91 -13.08 -21.18
N LYS B 95 -49.21 -12.75 -21.22
CA LYS B 95 -49.85 -12.09 -22.36
C LYS B 95 -49.52 -10.60 -22.37
N TRP B 96 -49.34 -10.03 -23.57
CA TRP B 96 -49.08 -8.60 -23.70
C TRP B 96 -50.40 -7.82 -23.60
N ASP B 97 -50.45 -6.84 -22.67
CA ASP B 97 -51.60 -5.95 -22.46
C ASP B 97 -51.13 -4.54 -22.81
N ARG B 98 -51.82 -3.91 -23.76
CA ARG B 98 -51.55 -2.56 -24.29
C ARG B 98 -51.63 -1.42 -23.26
N ASP B 99 -51.97 -1.73 -21.99
CA ASP B 99 -52.11 -0.75 -20.90
C ASP B 99 -51.31 -1.13 -19.64
N MET B 100 -50.37 -2.10 -19.77
CA MET B 100 -49.48 -2.59 -18.71
C MET B 100 -48.03 -2.78 -19.19
N GLY C 1 -12.14 0.61 -19.16
CA GLY C 1 -10.98 -0.28 -19.26
C GLY C 1 -10.91 -1.27 -18.12
N THR C 2 -10.96 -2.57 -18.46
CA THR C 2 -10.92 -3.68 -17.51
C THR C 2 -9.67 -3.74 -16.63
N SER C 3 -9.79 -4.44 -15.50
CA SER C 3 -8.69 -4.70 -14.59
C SER C 3 -7.89 -5.87 -15.14
N GLY C 4 -6.57 -5.75 -15.08
CA GLY C 4 -5.65 -6.80 -15.49
C GLY C 4 -4.79 -7.26 -14.34
N SER C 5 -4.79 -6.47 -13.24
CA SER C 5 -4.02 -6.71 -12.02
C SER C 5 -4.87 -6.37 -10.77
N PRO C 6 -5.06 -7.31 -9.81
CA PRO C 6 -4.55 -8.69 -9.75
C PRO C 6 -5.53 -9.74 -10.31
N ILE C 7 -4.98 -10.74 -11.01
CA ILE C 7 -5.72 -11.87 -11.55
C ILE C 7 -4.98 -13.10 -11.06
N VAL C 8 -5.30 -13.44 -9.80
CA VAL C 8 -4.74 -14.58 -9.06
C VAL C 8 -5.84 -15.59 -8.72
N ASN C 9 -5.44 -16.87 -8.56
CA ASN C 9 -6.38 -17.94 -8.21
C ASN C 9 -6.99 -17.68 -6.84
N ARG C 10 -8.27 -17.99 -6.70
CA ARG C 10 -8.94 -17.80 -5.42
C ARG C 10 -8.95 -19.12 -4.58
N GLN D 1 9.60 -2.68 -27.66
CA GLN D 1 8.85 -1.43 -27.43
C GLN D 1 9.55 -0.43 -26.43
N PRO D 2 10.12 -0.79 -25.25
CA PRO D 2 10.81 0.25 -24.45
C PRO D 2 12.21 0.54 -24.98
N VAL D 3 12.61 1.82 -25.01
CA VAL D 3 13.91 2.26 -25.51
C VAL D 3 14.97 2.27 -24.39
N GLN D 4 15.83 1.25 -24.41
CA GLN D 4 16.91 1.11 -23.42
C GLN D 4 18.18 1.80 -23.88
N SER D 5 18.69 2.73 -23.05
CA SER D 5 19.90 3.51 -23.36
C SER D 5 20.88 3.63 -22.18
N PRO D 6 22.21 3.44 -22.39
CA PRO D 6 22.89 3.10 -23.66
C PRO D 6 22.87 1.60 -23.97
N GLN D 7 23.19 1.21 -25.22
CA GLN D 7 23.26 -0.19 -25.68
C GLN D 7 24.42 -0.93 -25.00
N ALA D 8 25.51 -0.21 -24.68
CA ALA D 8 26.71 -0.76 -24.05
C ALA D 8 27.49 0.31 -23.27
N VAL D 9 28.22 -0.13 -22.22
CA VAL D 9 29.04 0.71 -21.36
C VAL D 9 30.22 -0.03 -20.79
N ILE D 10 31.39 0.62 -20.80
CA ILE D 10 32.64 0.11 -20.24
C ILE D 10 33.12 1.16 -19.26
N LEU D 11 33.40 0.74 -18.01
CA LEU D 11 33.88 1.65 -16.96
C LEU D 11 34.80 0.95 -15.94
N ARG D 12 35.70 1.72 -15.31
CA ARG D 12 36.66 1.23 -14.31
C ARG D 12 35.94 0.90 -13.02
N GLU D 13 36.50 -0.02 -12.21
CA GLU D 13 35.84 -0.39 -10.95
C GLU D 13 35.80 0.81 -9.97
N GLY D 14 34.58 1.18 -9.60
CA GLY D 14 34.30 2.30 -8.72
C GLY D 14 33.69 3.49 -9.41
N GLU D 15 33.46 3.37 -10.73
CA GLU D 15 32.84 4.45 -11.50
C GLU D 15 31.32 4.31 -11.48
N ASP D 16 30.61 5.41 -11.70
CA ASP D 16 29.14 5.42 -11.70
C ASP D 16 28.59 5.20 -13.10
N ALA D 17 27.53 4.42 -13.20
CA ALA D 17 26.84 4.08 -14.43
C ALA D 17 25.36 4.34 -14.26
N ILE D 18 24.76 5.04 -15.23
CA ILE D 18 23.34 5.38 -15.20
C ILE D 18 22.71 4.91 -16.50
N ILE D 19 21.84 3.88 -16.39
CA ILE D 19 21.19 3.29 -17.57
C ILE D 19 19.68 3.50 -17.52
N ASN D 20 19.12 4.13 -18.58
CA ASN D 20 17.70 4.45 -18.57
C ASN D 20 16.85 3.74 -19.66
N CYS D 21 15.53 3.72 -19.39
CA CYS D 21 14.51 3.03 -20.15
C CYS D 21 13.28 3.89 -20.33
N SER D 22 12.92 4.21 -21.59
CA SER D 22 11.80 5.09 -21.90
C SER D 22 10.64 4.40 -22.59
N SER D 23 9.42 4.93 -22.39
CA SER D 23 8.16 4.43 -22.97
C SER D 23 7.40 5.52 -23.74
N SER D 24 6.80 5.13 -24.88
CA SER D 24 6.00 6.01 -25.73
C SER D 24 4.64 6.31 -25.08
N LYS D 25 3.98 5.26 -24.58
CA LYS D 25 2.69 5.34 -23.89
C LYS D 25 2.91 5.42 -22.37
N ALA D 26 1.83 5.62 -21.57
CA ALA D 26 1.88 5.70 -20.11
C ALA D 26 2.28 4.37 -19.46
N LEU D 27 3.09 4.43 -18.39
CA LEU D 27 3.62 3.28 -17.66
C LEU D 27 2.62 2.60 -16.73
N TYR D 28 2.83 1.30 -16.49
CA TYR D 28 2.08 0.45 -15.57
C TYR D 28 3.11 -0.02 -14.55
N SER D 29 4.05 -0.88 -15.00
CA SER D 29 5.15 -1.41 -14.20
C SER D 29 6.44 -1.45 -15.02
N VAL D 30 7.58 -1.19 -14.36
CA VAL D 30 8.89 -1.29 -14.99
C VAL D 30 9.68 -2.37 -14.26
N HIS D 31 10.07 -3.39 -15.01
CA HIS D 31 10.85 -4.52 -14.52
C HIS D 31 12.33 -4.30 -14.86
N TRP D 32 13.22 -4.77 -13.99
CA TRP D 32 14.67 -4.68 -14.18
C TRP D 32 15.30 -6.04 -13.88
N TYR D 33 16.02 -6.60 -14.88
CA TYR D 33 16.69 -7.90 -14.81
C TYR D 33 18.17 -7.78 -15.17
N ARG D 34 19.00 -8.66 -14.60
CA ARG D 34 20.44 -8.78 -14.84
C ARG D 34 20.67 -10.16 -15.48
N GLN D 35 21.57 -10.26 -16.48
CA GLN D 35 21.87 -11.53 -17.14
C GLN D 35 23.37 -11.70 -17.40
N LYS D 36 23.90 -12.90 -17.05
CA LYS D 36 25.31 -13.28 -17.21
C LYS D 36 25.49 -14.32 -18.35
N HIS D 37 26.72 -14.89 -18.48
CA HIS D 37 27.13 -15.88 -19.50
C HIS D 37 26.13 -17.05 -19.60
N GLY D 38 25.26 -16.99 -20.63
CA GLY D 38 24.23 -17.99 -20.89
C GLY D 38 23.31 -18.31 -19.72
N GLU D 39 23.31 -17.42 -18.71
CA GLU D 39 22.52 -17.55 -17.49
C GLU D 39 21.09 -17.07 -17.68
N ALA D 40 20.23 -17.36 -16.69
CA ALA D 40 18.84 -16.95 -16.65
C ALA D 40 18.74 -15.49 -16.20
N PRO D 41 17.85 -14.67 -16.79
CA PRO D 41 17.69 -13.29 -16.30
C PRO D 41 17.23 -13.31 -14.84
N ILE D 42 18.02 -12.70 -13.95
CA ILE D 42 17.74 -12.64 -12.53
C ILE D 42 17.03 -11.33 -12.21
N PHE D 43 15.86 -11.43 -11.58
CA PHE D 43 15.04 -10.27 -11.23
C PHE D 43 15.70 -9.37 -10.21
N LEU D 44 15.74 -8.05 -10.48
CA LEU D 44 16.32 -7.07 -9.57
C LEU D 44 15.23 -6.32 -8.79
N MET D 45 14.55 -5.38 -9.46
CA MET D 45 13.50 -4.55 -8.87
C MET D 45 12.30 -4.43 -9.80
N ILE D 46 11.15 -4.05 -9.21
CA ILE D 46 9.90 -3.79 -9.91
C ILE D 46 9.40 -2.45 -9.42
N LEU D 47 9.13 -1.54 -10.36
CA LEU D 47 8.68 -0.20 -10.00
C LEU D 47 7.38 0.12 -10.64
N LEU D 48 6.54 0.77 -9.85
CA LEU D 48 5.23 1.20 -10.26
C LEU D 48 4.86 2.44 -9.54
N LYS D 49 3.59 2.81 -9.56
CA LYS D 49 3.13 4.02 -8.91
C LYS D 49 3.21 3.97 -7.39
N GLY D 50 3.11 2.79 -6.80
CA GLY D 50 3.22 2.69 -5.36
C GLY D 50 4.56 3.25 -4.89
N GLY D 51 5.57 2.99 -5.69
CA GLY D 51 6.91 3.45 -5.47
C GLY D 51 7.69 2.70 -6.51
N GLU D 52 8.47 3.29 -7.39
CA GLU D 52 8.87 4.66 -7.62
C GLU D 52 10.33 4.74 -7.37
N GLN D 53 10.76 4.51 -6.15
CA GLN D 53 12.18 4.51 -5.85
C GLN D 53 12.43 3.20 -5.16
N LYS D 54 13.17 2.31 -5.79
CA LYS D 54 13.49 0.99 -5.24
C LYS D 54 14.96 0.70 -5.27
N GLY D 55 15.36 -0.39 -4.63
CA GLY D 55 16.77 -0.77 -4.59
C GLY D 55 17.01 -2.26 -4.39
N HIS D 56 18.13 -2.75 -4.92
CA HIS D 56 18.56 -4.15 -4.83
C HIS D 56 20.04 -4.15 -4.50
N ASP D 57 20.38 -4.58 -3.26
CA ASP D 57 21.75 -4.58 -2.73
C ASP D 57 22.35 -3.15 -2.76
N LYS D 58 23.28 -2.86 -3.71
CA LYS D 58 23.84 -1.51 -3.78
C LYS D 58 23.36 -0.71 -5.03
N ILE D 59 22.48 -1.30 -5.86
CA ILE D 59 21.89 -0.66 -7.04
C ILE D 59 20.53 -0.05 -6.63
N SER D 60 20.23 1.17 -7.10
CA SER D 60 18.96 1.87 -6.89
C SER D 60 18.29 2.15 -8.24
N ALA D 61 16.94 2.28 -8.24
CA ALA D 61 16.19 2.56 -9.47
C ALA D 61 15.08 3.60 -9.27
N SER D 62 14.74 4.32 -10.36
CA SER D 62 13.70 5.36 -10.40
C SER D 62 12.56 5.01 -11.34
N PHE D 63 11.37 5.52 -11.04
CA PHE D 63 10.17 5.40 -11.86
C PHE D 63 9.57 6.80 -11.93
N ASN D 64 9.52 7.40 -13.15
CA ASN D 64 8.95 8.72 -13.35
C ASN D 64 7.71 8.63 -14.24
N GLU D 65 6.54 8.50 -13.58
CA GLU D 65 5.22 8.36 -14.20
C GLU D 65 4.96 9.43 -15.28
N LYS D 66 5.29 10.71 -14.98
CA LYS D 66 5.14 11.87 -15.88
C LYS D 66 6.08 11.81 -17.09
N LYS D 67 7.38 11.54 -16.85
CA LYS D 67 8.41 11.45 -17.89
C LYS D 67 8.32 10.17 -18.72
N GLN D 68 7.54 9.16 -18.26
CA GLN D 68 7.38 7.83 -18.89
C GLN D 68 8.76 7.17 -19.10
N GLN D 69 9.61 7.30 -18.09
CA GLN D 69 10.98 6.82 -18.07
C GLN D 69 11.33 6.22 -16.70
N SER D 70 12.29 5.28 -16.71
CA SER D 70 12.81 4.61 -15.53
C SER D 70 14.31 4.50 -15.68
N SER D 71 15.05 4.70 -14.59
CA SER D 71 16.50 4.64 -14.66
C SER D 71 17.08 3.70 -13.61
N LEU D 72 18.19 3.04 -13.96
CA LEU D 72 18.91 2.14 -13.06
C LEU D 72 20.23 2.80 -12.73
N TYR D 73 20.50 3.01 -11.43
CA TYR D 73 21.70 3.68 -10.97
C TYR D 73 22.72 2.73 -10.36
N LEU D 74 23.84 2.58 -11.06
CA LEU D 74 24.95 1.74 -10.65
C LEU D 74 26.07 2.66 -10.17
N THR D 75 26.08 2.97 -8.87
CA THR D 75 27.10 3.81 -8.25
C THR D 75 28.23 2.93 -7.72
N ALA D 76 29.50 3.39 -7.89
CA ALA D 76 30.73 2.72 -7.46
C ALA D 76 30.75 1.24 -7.86
N SER D 77 30.70 1.02 -9.19
CA SER D 77 30.65 -0.29 -9.83
C SER D 77 31.73 -1.28 -9.38
N GLN D 78 31.30 -2.53 -9.15
CA GLN D 78 32.13 -3.66 -8.75
C GLN D 78 32.24 -4.60 -9.94
N LEU D 79 33.29 -5.43 -10.00
CA LEU D 79 33.56 -6.39 -11.09
C LEU D 79 32.41 -7.38 -11.32
N SER D 80 31.60 -7.62 -10.27
CA SER D 80 30.43 -8.49 -10.27
C SER D 80 29.21 -7.94 -11.06
N TYR D 81 29.24 -6.63 -11.38
CA TYR D 81 28.14 -5.94 -12.06
C TYR D 81 27.96 -6.25 -13.52
N SER D 82 28.93 -6.81 -14.19
CA SER D 82 28.81 -7.17 -15.59
C SER D 82 27.93 -8.42 -15.67
N GLY D 83 27.14 -8.63 -16.71
CA GLY D 83 27.11 -7.79 -17.89
C GLY D 83 25.84 -7.21 -18.43
N THR D 84 24.78 -7.98 -18.69
CA THR D 84 23.63 -7.42 -19.40
C THR D 84 22.41 -7.07 -18.55
N TYR D 85 21.96 -5.81 -18.62
CA TYR D 85 20.77 -5.36 -17.90
C TYR D 85 19.59 -5.11 -18.81
N PHE D 86 18.42 -5.60 -18.42
CA PHE D 86 17.19 -5.46 -19.19
C PHE D 86 16.14 -4.72 -18.48
N CYS D 87 15.49 -3.84 -19.19
CA CYS D 87 14.37 -2.97 -18.80
C CYS D 87 13.22 -3.71 -19.42
N GLY D 88 12.17 -3.94 -18.67
CA GLY D 88 10.98 -4.64 -19.18
C GLY D 88 9.81 -3.76 -18.90
N LEU D 89 8.70 -3.97 -19.57
CA LEU D 89 7.59 -3.05 -19.47
C LEU D 89 6.28 -3.60 -19.08
N GLY D 90 5.44 -2.69 -18.65
CA GLY D 90 4.19 -2.92 -17.98
C GLY D 90 3.25 -3.84 -18.65
N ASP D 91 2.21 -3.27 -19.19
CA ASP D 91 1.04 -3.92 -19.76
C ASP D 91 0.07 -3.93 -18.63
N ALA D 92 -1.20 -3.86 -18.93
CA ALA D 92 -2.23 -3.81 -17.90
C ALA D 92 -2.26 -5.08 -17.10
N GLY D 93 -1.84 -6.17 -17.73
CA GLY D 93 -1.75 -7.47 -17.08
C GLY D 93 -0.32 -7.79 -16.71
N ASN D 94 0.57 -6.82 -16.80
CA ASN D 94 1.96 -7.03 -16.45
C ASN D 94 2.72 -7.82 -17.46
N MET D 95 2.23 -7.93 -18.68
CA MET D 95 2.91 -8.72 -19.70
C MET D 95 4.09 -7.98 -20.21
N LEU D 96 5.22 -8.51 -19.95
CA LEU D 96 6.47 -7.84 -20.16
C LEU D 96 6.94 -7.87 -21.54
N THR D 97 7.45 -6.72 -21.95
CA THR D 97 8.03 -6.44 -23.25
C THR D 97 9.42 -5.92 -22.94
N PHE D 98 10.45 -6.72 -23.25
CA PHE D 98 11.84 -6.36 -22.94
C PHE D 98 12.43 -5.31 -23.86
N GLY D 99 13.33 -4.51 -23.30
CA GLY D 99 14.08 -3.52 -24.05
C GLY D 99 15.23 -4.19 -24.78
N GLY D 100 16.01 -3.38 -25.50
CA GLY D 100 17.16 -3.86 -26.27
C GLY D 100 18.22 -4.54 -25.42
N GLY D 101 18.47 -3.98 -24.24
CA GLY D 101 19.45 -4.46 -23.28
C GLY D 101 20.62 -3.52 -23.16
N THR D 102 21.45 -3.73 -22.12
CA THR D 102 22.65 -2.94 -21.88
C THR D 102 23.79 -3.85 -21.44
N ARG D 103 24.83 -3.97 -22.27
CA ARG D 103 26.01 -4.76 -21.95
C ARG D 103 26.94 -3.88 -21.12
N LEU D 104 27.12 -4.21 -19.84
CA LEU D 104 27.96 -3.46 -18.92
C LEU D 104 29.27 -4.19 -18.70
N MET D 105 30.39 -3.46 -18.84
CA MET D 105 31.72 -4.00 -18.65
C MET D 105 32.48 -3.23 -17.58
N VAL D 106 32.83 -3.94 -16.49
CA VAL D 106 33.55 -3.35 -15.37
C VAL D 106 35.00 -3.82 -15.41
N LYS D 107 35.90 -2.92 -15.85
CA LYS D 107 37.32 -3.23 -15.93
C LYS D 107 38.02 -2.98 -14.58
N PRO D 108 38.81 -3.96 -14.09
CA PRO D 108 39.45 -3.80 -12.78
C PRO D 108 40.60 -2.80 -12.74
N HIS D 109 40.99 -2.38 -11.52
CA HIS D 109 42.11 -1.48 -11.28
C HIS D 109 43.26 -2.33 -10.76
N ILE D 110 44.32 -2.46 -11.57
CA ILE D 110 45.50 -3.24 -11.20
C ILE D 110 46.53 -2.33 -10.50
N GLN D 111 46.87 -2.67 -9.23
CA GLN D 111 47.81 -1.89 -8.41
C GLN D 111 49.26 -2.00 -8.89
N ASN D 112 49.80 -3.23 -8.99
CA ASN D 112 51.17 -3.49 -9.42
C ASN D 112 51.21 -4.16 -10.81
N PRO D 113 51.21 -3.37 -11.91
CA PRO D 113 51.19 -3.98 -13.24
C PRO D 113 52.57 -4.18 -13.87
N ASP D 114 52.90 -5.42 -14.21
CA ASP D 114 54.15 -5.73 -14.91
C ASP D 114 53.89 -6.70 -16.08
N PRO D 115 53.63 -6.15 -17.29
CA PRO D 115 53.35 -7.00 -18.45
C PRO D 115 54.47 -8.01 -18.72
N ALA D 116 54.12 -9.31 -18.77
CA ALA D 116 55.07 -10.39 -18.98
C ALA D 116 54.46 -11.53 -19.80
N VAL D 117 55.25 -12.09 -20.73
CA VAL D 117 54.84 -13.21 -21.58
C VAL D 117 55.58 -14.47 -21.10
N TYR D 118 54.84 -15.57 -20.96
CA TYR D 118 55.38 -16.86 -20.50
C TYR D 118 54.98 -18.02 -21.42
N GLN D 119 55.83 -19.06 -21.47
CA GLN D 119 55.58 -20.26 -22.26
C GLN D 119 55.24 -21.39 -21.29
N LEU D 120 53.98 -21.84 -21.32
CA LEU D 120 53.47 -22.89 -20.45
C LEU D 120 53.76 -24.28 -21.00
N ARG D 121 54.30 -25.16 -20.14
CA ARG D 121 54.67 -26.54 -20.46
C ARG D 121 53.46 -27.40 -20.81
N ASP D 122 53.63 -28.34 -21.77
CA ASP D 122 52.58 -29.29 -22.16
C ASP D 122 52.48 -30.35 -21.05
N SER D 123 51.27 -30.80 -20.71
CA SER D 123 51.06 -31.81 -19.67
C SER D 123 51.57 -33.18 -20.14
N LYS D 124 51.18 -33.63 -21.37
CA LYS D 124 51.64 -34.90 -21.96
C LYS D 124 51.47 -34.97 -23.50
N SER D 125 50.22 -35.09 -24.01
CA SER D 125 49.89 -35.25 -25.43
C SER D 125 49.45 -33.94 -26.13
N SER D 126 50.45 -33.19 -26.65
CA SER D 126 50.27 -31.92 -27.38
C SER D 126 51.47 -31.66 -28.29
N ASP D 127 51.19 -31.16 -29.52
CA ASP D 127 52.23 -30.85 -30.52
C ASP D 127 53.08 -29.65 -30.06
N LYS D 128 52.44 -28.48 -29.91
CA LYS D 128 53.08 -27.22 -29.50
C LYS D 128 52.51 -26.70 -28.18
N SER D 129 53.33 -25.94 -27.44
CA SER D 129 52.98 -25.33 -26.15
C SER D 129 52.12 -24.07 -26.34
N VAL D 130 51.57 -23.55 -25.22
CA VAL D 130 50.72 -22.36 -25.20
C VAL D 130 51.47 -21.12 -24.62
N CYS D 131 51.09 -19.91 -25.08
CA CYS D 131 51.65 -18.64 -24.63
C CYS D 131 50.62 -17.85 -23.82
N LEU D 132 51.09 -17.20 -22.74
CA LEU D 132 50.23 -16.40 -21.88
C LEU D 132 50.81 -15.02 -21.58
N PHE D 133 50.03 -13.97 -21.88
CA PHE D 133 50.36 -12.58 -21.61
C PHE D 133 49.52 -12.18 -20.40
N THR D 134 50.17 -11.82 -19.27
CA THR D 134 49.41 -11.49 -18.05
C THR D 134 49.95 -10.25 -17.29
N ASP D 135 49.22 -9.83 -16.24
CA ASP D 135 49.47 -8.73 -15.30
C ASP D 135 49.62 -7.35 -16.00
N PHE D 136 48.80 -7.11 -17.02
CA PHE D 136 48.77 -5.85 -17.76
C PHE D 136 47.60 -4.96 -17.32
N ASP D 137 47.75 -3.63 -17.47
CA ASP D 137 46.73 -2.65 -17.11
C ASP D 137 45.53 -2.72 -18.03
N SER D 138 44.32 -2.59 -17.46
CA SER D 138 43.00 -2.66 -18.13
C SER D 138 42.83 -1.71 -19.33
N GLN D 139 43.70 -0.69 -19.48
CA GLN D 139 43.68 0.24 -20.60
C GLN D 139 44.23 -0.42 -21.88
N THR D 140 45.31 -1.24 -21.75
CA THR D 140 45.93 -1.95 -22.88
C THR D 140 44.97 -2.99 -23.45
N ASN D 141 44.68 -2.88 -24.75
CA ASN D 141 43.76 -3.77 -25.45
C ASN D 141 44.47 -4.81 -26.29
N VAL D 142 44.02 -6.07 -26.20
CA VAL D 142 44.58 -7.22 -26.92
C VAL D 142 43.95 -7.31 -28.30
N SER D 143 44.80 -7.37 -29.34
CA SER D 143 44.39 -7.47 -30.74
C SER D 143 44.42 -8.91 -31.24
N GLN D 144 43.43 -9.26 -32.09
CA GLN D 144 43.29 -10.59 -32.70
C GLN D 144 44.38 -10.78 -33.75
N SER D 145 44.80 -12.04 -33.98
CA SER D 145 45.83 -12.37 -34.96
C SER D 145 45.35 -12.09 -36.38
N LYS D 146 46.12 -11.27 -37.12
CA LYS D 146 45.82 -10.92 -38.52
C LYS D 146 46.13 -12.11 -39.44
N ASP D 147 46.93 -13.06 -38.92
CA ASP D 147 47.34 -14.32 -39.53
C ASP D 147 46.39 -15.41 -38.98
N SER D 148 45.63 -16.08 -39.87
CA SER D 148 44.60 -17.05 -39.50
C SER D 148 45.10 -18.39 -38.88
N ASP D 149 46.41 -18.70 -38.94
CA ASP D 149 46.94 -19.97 -38.38
C ASP D 149 47.42 -19.84 -36.89
N VAL D 150 47.24 -18.65 -36.30
CA VAL D 150 47.56 -18.35 -34.89
C VAL D 150 46.25 -17.88 -34.22
N TYR D 151 45.94 -18.45 -33.03
CA TYR D 151 44.73 -18.14 -32.27
C TYR D 151 45.07 -17.35 -31.01
N ILE D 152 44.46 -16.16 -30.85
CA ILE D 152 44.66 -15.27 -29.71
C ILE D 152 43.32 -14.93 -29.06
N THR D 153 43.15 -15.32 -27.80
CA THR D 153 41.93 -15.06 -27.03
C THR D 153 41.88 -13.61 -26.57
N ASP D 154 40.66 -13.10 -26.29
CA ASP D 154 40.44 -11.74 -25.77
C ASP D 154 40.85 -11.70 -24.29
N LYS D 155 41.07 -10.49 -23.73
CA LYS D 155 41.45 -10.29 -22.34
C LYS D 155 40.40 -10.81 -21.35
N CYS D 156 40.88 -11.47 -20.27
CA CYS D 156 40.03 -12.05 -19.23
C CYS D 156 40.59 -11.71 -17.82
N VAL D 157 39.68 -11.45 -16.85
CA VAL D 157 40.06 -11.05 -15.49
C VAL D 157 39.89 -12.15 -14.43
N LEU D 158 40.95 -12.35 -13.60
CA LEU D 158 40.99 -13.30 -12.48
C LEU D 158 40.75 -12.59 -11.15
N ASP D 159 40.20 -13.31 -10.16
CA ASP D 159 39.95 -12.81 -8.80
C ASP D 159 40.41 -13.86 -7.79
N MET D 160 41.63 -13.69 -7.26
CA MET D 160 42.25 -14.68 -6.36
C MET D 160 41.68 -14.70 -4.92
N ARG D 161 41.13 -13.57 -4.42
CA ARG D 161 40.47 -13.36 -3.12
C ARG D 161 41.37 -13.65 -1.88
N SER D 162 42.04 -14.82 -1.81
CA SER D 162 42.96 -15.20 -0.73
C SER D 162 44.31 -14.43 -0.81
N MET D 163 44.32 -13.30 -1.54
CA MET D 163 45.47 -12.41 -1.77
C MET D 163 45.00 -10.99 -2.11
N ASP D 164 43.70 -10.86 -2.49
CA ASP D 164 43.03 -9.64 -2.97
C ASP D 164 43.69 -9.18 -4.30
N PHE D 165 44.22 -10.17 -5.05
CA PHE D 165 44.93 -10.00 -6.32
C PHE D 165 44.02 -10.23 -7.51
N LYS D 166 43.96 -9.22 -8.38
CA LYS D 166 43.19 -9.24 -9.60
C LYS D 166 44.17 -9.03 -10.75
N SER D 167 44.03 -9.79 -11.85
CA SER D 167 44.93 -9.70 -13.00
C SER D 167 44.26 -9.97 -14.32
N ASN D 168 44.69 -9.24 -15.35
CA ASN D 168 44.22 -9.40 -16.72
C ASN D 168 45.11 -10.46 -17.37
N SER D 169 44.55 -11.22 -18.33
CA SER D 169 45.29 -12.27 -19.05
C SER D 169 44.72 -12.55 -20.43
N ALA D 170 45.59 -12.98 -21.36
CA ALA D 170 45.24 -13.35 -22.73
C ALA D 170 46.05 -14.55 -23.14
N VAL D 171 45.39 -15.55 -23.73
CA VAL D 171 46.00 -16.82 -24.16
C VAL D 171 46.21 -16.83 -25.68
N ALA D 172 47.36 -17.35 -26.13
CA ALA D 172 47.72 -17.49 -27.54
C ALA D 172 48.45 -18.80 -27.80
N TRP D 173 48.10 -19.47 -28.91
CA TRP D 173 48.71 -20.72 -29.32
C TRP D 173 48.70 -20.87 -30.84
N SER D 174 49.58 -21.74 -31.35
CA SER D 174 49.71 -22.06 -32.77
C SER D 174 50.41 -23.40 -32.95
N ASN D 175 49.96 -24.18 -33.94
CA ASN D 175 50.52 -25.49 -34.29
C ASN D 175 51.79 -25.29 -35.13
N LYS D 176 51.92 -24.10 -35.77
CA LYS D 176 53.03 -23.67 -36.63
C LYS D 176 54.41 -23.83 -35.98
N SER D 177 55.38 -24.36 -36.76
CA SER D 177 56.77 -24.57 -36.33
C SER D 177 57.50 -23.24 -36.12
N ASP D 178 57.20 -22.24 -36.98
CA ASP D 178 57.76 -20.89 -36.94
C ASP D 178 56.91 -20.01 -36.00
N PHE D 179 56.88 -20.40 -34.71
CA PHE D 179 56.12 -19.71 -33.66
C PHE D 179 56.88 -19.72 -32.33
N ALA D 180 57.02 -18.53 -31.73
CA ALA D 180 57.69 -18.32 -30.44
C ALA D 180 57.10 -17.10 -29.71
N CYS D 181 57.53 -16.89 -28.44
CA CYS D 181 57.11 -15.80 -27.57
C CYS D 181 57.63 -14.44 -28.07
N ALA D 182 57.04 -13.33 -27.56
CA ALA D 182 57.34 -11.91 -27.86
C ALA D 182 56.79 -11.43 -29.22
N ASN D 183 56.90 -12.25 -30.27
CA ASN D 183 56.40 -11.95 -31.62
C ASN D 183 54.91 -12.31 -31.78
N ALA D 184 54.40 -13.17 -30.87
CA ALA D 184 53.02 -13.65 -30.86
C ALA D 184 52.00 -12.56 -30.52
N PHE D 185 52.23 -11.79 -29.46
CA PHE D 185 51.33 -10.72 -29.02
C PHE D 185 51.63 -9.36 -29.65
N ASN D 186 52.80 -9.21 -30.32
CA ASN D 186 53.19 -7.94 -30.95
C ASN D 186 52.36 -7.61 -32.21
N ASN D 187 51.25 -6.90 -31.96
CA ASN D 187 50.24 -6.41 -32.90
C ASN D 187 49.35 -5.44 -32.10
N SER D 188 49.10 -5.79 -30.83
CA SER D 188 48.30 -5.05 -29.84
C SER D 188 49.09 -3.86 -29.29
N ILE D 189 48.39 -2.91 -28.62
CA ILE D 189 49.02 -1.73 -28.02
C ILE D 189 49.84 -2.14 -26.77
N ILE D 190 51.09 -2.58 -27.01
CA ILE D 190 52.05 -3.08 -26.01
C ILE D 190 52.78 -1.90 -25.27
N PRO D 191 52.86 -1.92 -23.92
CA PRO D 191 53.52 -0.81 -23.21
C PRO D 191 55.06 -0.92 -23.18
N GLU D 192 55.72 -0.03 -22.41
CA GLU D 192 57.19 0.02 -22.26
C GLU D 192 57.69 -0.91 -21.14
N ASP D 193 56.84 -1.18 -20.13
CA ASP D 193 57.15 -2.03 -18.96
C ASP D 193 57.05 -3.55 -19.26
N THR D 194 56.86 -3.93 -20.54
CA THR D 194 56.69 -5.32 -20.99
C THR D 194 57.99 -6.16 -20.82
N PHE D 195 57.82 -7.44 -20.46
CA PHE D 195 58.90 -8.42 -20.23
C PHE D 195 58.86 -9.52 -21.29
N PHE D 196 59.97 -9.65 -22.07
CA PHE D 196 60.10 -10.68 -23.11
C PHE D 196 61.33 -11.56 -22.81
N PRO D 197 61.14 -12.81 -22.31
CA PRO D 197 62.30 -13.66 -21.99
C PRO D 197 62.95 -14.28 -23.23
N SER D 198 64.23 -14.67 -23.10
CA SER D 198 65.01 -15.29 -24.17
C SER D 198 65.88 -16.44 -23.65
N ALA E 1 12.83 -23.99 -4.72
CA ALA E 1 12.84 -25.01 -5.77
C ALA E 1 13.27 -24.44 -7.13
N GLY E 2 12.70 -23.28 -7.51
CA GLY E 2 13.01 -22.60 -8.76
C GLY E 2 12.29 -23.15 -9.99
N VAL E 3 12.34 -22.40 -11.11
CA VAL E 3 11.72 -22.79 -12.37
C VAL E 3 12.61 -23.83 -13.08
N ALA E 4 12.05 -25.03 -13.30
CA ALA E 4 12.75 -26.15 -13.95
C ALA E 4 12.53 -26.10 -15.46
N GLN E 5 13.60 -26.40 -16.24
CA GLN E 5 13.55 -26.40 -17.70
C GLN E 5 14.41 -27.49 -18.31
N SER E 6 13.80 -28.39 -19.09
CA SER E 6 14.52 -29.50 -19.74
C SER E 6 14.41 -29.44 -21.27
N PRO E 7 15.51 -29.69 -22.01
CA PRO E 7 16.89 -29.92 -21.56
C PRO E 7 17.65 -28.59 -21.39
N ARG E 8 18.93 -28.63 -21.00
CA ARG E 8 19.70 -27.40 -20.88
C ARG E 8 20.11 -26.94 -22.28
N TYR E 9 20.58 -27.91 -23.09
CA TYR E 9 21.05 -27.71 -24.46
C TYR E 9 20.44 -28.78 -25.35
N LYS E 10 20.25 -28.44 -26.64
CA LYS E 10 19.72 -29.37 -27.64
C LYS E 10 20.23 -29.01 -29.02
N ILE E 11 20.82 -30.02 -29.72
CA ILE E 11 21.27 -29.88 -31.11
C ILE E 11 20.24 -30.57 -31.99
N ILE E 12 19.66 -29.83 -32.93
CA ILE E 12 18.69 -30.40 -33.87
C ILE E 12 19.12 -30.11 -35.32
N GLU E 13 18.69 -30.94 -36.28
CA GLU E 13 19.01 -30.73 -37.69
C GLU E 13 17.89 -29.94 -38.39
N LYS E 14 18.28 -28.99 -39.26
CA LYS E 14 17.39 -28.14 -40.07
C LYS E 14 16.29 -29.04 -40.69
N ARG E 15 15.03 -28.79 -40.32
CA ARG E 15 13.78 -29.46 -40.74
C ARG E 15 13.24 -30.53 -39.73
N GLN E 16 14.02 -30.89 -38.68
CA GLN E 16 13.57 -31.85 -37.67
C GLN E 16 12.77 -31.17 -36.54
N SER E 17 12.05 -31.96 -35.72
CA SER E 17 11.24 -31.47 -34.61
C SER E 17 12.05 -31.28 -33.32
N VAL E 18 11.54 -30.46 -32.40
CA VAL E 18 12.14 -30.22 -31.08
C VAL E 18 11.04 -29.90 -30.06
N ALA E 19 11.24 -30.30 -28.81
CA ALA E 19 10.30 -30.04 -27.71
C ALA E 19 11.06 -29.49 -26.50
N PHE E 20 10.47 -28.50 -25.83
CA PHE E 20 11.05 -27.86 -24.65
C PHE E 20 10.06 -27.95 -23.52
N TRP E 21 10.52 -28.43 -22.37
CA TRP E 21 9.70 -28.59 -21.18
C TRP E 21 9.97 -27.47 -20.18
N CYS E 22 8.96 -27.13 -19.36
CA CYS E 22 9.07 -26.12 -18.33
C CYS E 22 8.12 -26.35 -17.18
N ASN E 23 8.66 -26.35 -15.95
CA ASN E 23 7.85 -26.49 -14.75
C ASN E 23 7.95 -25.20 -13.94
N PRO E 24 6.84 -24.46 -13.79
CA PRO E 24 6.90 -23.19 -13.05
C PRO E 24 6.97 -23.38 -11.53
N ILE E 25 7.09 -22.26 -10.78
CA ILE E 25 7.12 -22.26 -9.32
C ILE E 25 5.77 -22.81 -8.87
N SER E 26 5.77 -23.84 -8.00
CA SER E 26 4.56 -24.49 -7.48
C SER E 26 3.56 -23.45 -7.00
N GLY E 27 2.36 -23.48 -7.58
CA GLY E 27 1.28 -22.55 -7.27
C GLY E 27 1.05 -21.44 -8.28
N HIS E 28 2.13 -20.97 -8.94
CA HIS E 28 2.12 -19.88 -9.92
C HIS E 28 1.13 -20.12 -11.07
N ALA E 29 0.11 -19.23 -11.20
CA ALA E 29 -0.97 -19.26 -12.20
C ALA E 29 -0.52 -18.90 -13.60
N THR E 30 0.42 -17.98 -13.72
CA THR E 30 0.91 -17.52 -15.00
C THR E 30 2.21 -18.21 -15.41
N LEU E 31 2.31 -18.55 -16.71
CA LEU E 31 3.49 -19.15 -17.32
C LEU E 31 3.73 -18.42 -18.65
N TYR E 32 4.99 -18.06 -18.91
CA TYR E 32 5.41 -17.34 -20.11
C TYR E 32 6.48 -18.13 -20.85
N TRP E 33 6.53 -17.98 -22.18
CA TRP E 33 7.58 -18.56 -23.01
C TRP E 33 8.16 -17.41 -23.82
N TYR E 34 9.48 -17.18 -23.67
CA TYR E 34 10.25 -16.13 -24.34
C TYR E 34 11.36 -16.76 -25.19
N GLN E 35 11.67 -16.11 -26.32
CA GLN E 35 12.75 -16.53 -27.21
C GLN E 35 13.78 -15.43 -27.23
N GLN E 36 15.00 -15.76 -26.80
CA GLN E 36 16.11 -14.82 -26.78
C GLN E 36 17.15 -15.25 -27.82
N ILE E 37 17.17 -14.53 -28.96
CA ILE E 37 18.13 -14.77 -30.04
C ILE E 37 19.39 -14.02 -29.64
N LEU E 38 20.55 -14.71 -29.65
CA LEU E 38 21.86 -14.18 -29.23
C LEU E 38 21.78 -13.50 -27.85
N GLY E 39 22.46 -12.36 -27.69
CA GLY E 39 22.42 -11.63 -26.42
C GLY E 39 21.29 -10.64 -26.30
N GLN E 40 20.45 -10.50 -27.37
CA GLN E 40 19.34 -9.53 -27.46
C GLN E 40 18.25 -9.76 -26.38
N GLY E 41 17.29 -8.83 -26.34
CA GLY E 41 16.18 -8.88 -25.40
C GLY E 41 15.23 -10.02 -25.67
N PRO E 42 14.77 -10.75 -24.61
CA PRO E 42 13.82 -11.85 -24.84
C PRO E 42 12.50 -11.39 -25.46
N LYS E 43 12.07 -12.10 -26.53
CA LYS E 43 10.83 -11.82 -27.25
C LYS E 43 9.77 -12.83 -26.86
N LEU E 44 8.62 -12.33 -26.36
CA LEU E 44 7.49 -13.15 -25.92
C LEU E 44 6.95 -13.98 -27.06
N LEU E 45 6.58 -15.23 -26.76
CA LEU E 45 5.98 -16.16 -27.72
C LEU E 45 4.55 -16.43 -27.27
N ILE E 46 4.37 -16.97 -26.04
CA ILE E 46 3.05 -17.29 -25.50
C ILE E 46 2.93 -17.07 -23.97
N GLN E 47 1.72 -16.64 -23.53
CA GLN E 47 1.32 -16.45 -22.14
C GLN E 47 0.17 -17.41 -21.79
N PHE E 48 0.27 -18.02 -20.62
CA PHE E 48 -0.75 -18.92 -20.12
C PHE E 48 -1.29 -18.46 -18.79
N GLN E 49 -2.63 -18.38 -18.67
CA GLN E 49 -3.30 -18.14 -17.39
C GLN E 49 -3.91 -19.46 -17.13
N ASN E 50 -3.41 -20.15 -16.10
CA ASN E 50 -3.82 -21.50 -15.71
C ASN E 50 -3.70 -22.47 -16.92
N ASN E 51 -4.78 -23.20 -17.27
CA ASN E 51 -4.80 -24.18 -18.37
C ASN E 51 -4.88 -23.58 -19.79
N GLY E 52 -5.23 -22.30 -19.92
CA GLY E 52 -5.44 -21.67 -21.23
C GLY E 52 -4.58 -20.50 -21.65
N VAL E 53 -4.74 -20.08 -22.92
CA VAL E 53 -3.97 -19.02 -23.59
C VAL E 53 -4.58 -17.60 -23.47
N VAL E 54 -3.74 -16.64 -23.06
CA VAL E 54 -4.07 -15.23 -22.94
C VAL E 54 -3.60 -14.50 -24.21
N ASP E 55 -2.35 -14.75 -24.66
CA ASP E 55 -1.79 -14.15 -25.87
C ASP E 55 -0.85 -15.11 -26.60
N ASP E 56 -1.22 -15.45 -27.84
CA ASP E 56 -0.49 -16.34 -28.76
C ASP E 56 -0.23 -15.63 -30.10
N SER E 57 -0.44 -14.30 -30.12
CA SER E 57 -0.26 -13.43 -31.28
C SER E 57 1.17 -13.45 -31.79
N GLN E 58 2.13 -13.58 -30.86
CA GLN E 58 3.58 -13.58 -31.11
C GLN E 58 4.12 -14.96 -31.54
N LEU E 59 3.27 -16.00 -31.52
CA LEU E 59 3.65 -17.36 -31.89
C LEU E 59 3.58 -17.57 -33.39
N PRO E 60 4.70 -17.97 -34.06
CA PRO E 60 4.61 -18.32 -35.49
C PRO E 60 3.87 -19.66 -35.58
N LYS E 61 2.52 -19.59 -35.74
CA LYS E 61 1.58 -20.73 -35.78
C LYS E 61 1.93 -21.80 -36.85
N ASP E 62 2.75 -21.41 -37.84
CA ASP E 62 3.26 -22.26 -38.91
C ASP E 62 4.14 -23.38 -38.36
N ARG E 63 5.11 -23.05 -37.47
CA ARG E 63 6.07 -24.00 -36.89
C ARG E 63 5.87 -24.25 -35.39
N PHE E 64 5.67 -23.16 -34.62
CA PHE E 64 5.55 -23.19 -33.16
C PHE E 64 4.17 -23.53 -32.64
N SER E 65 4.14 -24.24 -31.51
CA SER E 65 2.94 -24.63 -30.78
C SER E 65 3.32 -24.89 -29.32
N ALA E 66 2.42 -24.53 -28.39
CA ALA E 66 2.64 -24.76 -26.96
C ALA E 66 1.36 -25.13 -26.25
N GLU E 67 1.47 -26.07 -25.30
CA GLU E 67 0.35 -26.53 -24.48
C GLU E 67 0.68 -26.47 -22.98
N ARG E 68 -0.35 -26.50 -22.13
CA ARG E 68 -0.27 -26.47 -20.66
C ARG E 68 -1.60 -27.03 -20.18
N LEU E 69 -1.90 -28.28 -20.63
CA LEU E 69 -3.17 -29.00 -20.48
C LEU E 69 -3.73 -29.06 -19.05
N LYS E 70 -2.92 -29.31 -18.01
CA LYS E 70 -3.45 -29.35 -16.66
C LYS E 70 -3.06 -28.09 -15.83
N GLY E 71 -2.56 -27.07 -16.52
CA GLY E 71 -2.18 -25.78 -15.96
C GLY E 71 -1.01 -25.75 -15.00
N VAL E 72 -0.12 -26.75 -15.09
CA VAL E 72 1.08 -26.86 -14.25
C VAL E 72 2.26 -26.67 -15.20
N ASP E 73 2.85 -27.78 -15.68
CA ASP E 73 3.97 -27.78 -16.61
C ASP E 73 3.53 -27.50 -18.03
N SER E 74 4.45 -26.92 -18.83
CA SER E 74 4.21 -26.57 -20.21
C SER E 74 5.26 -27.16 -21.13
N THR E 75 4.88 -27.36 -22.39
CA THR E 75 5.75 -27.86 -23.43
C THR E 75 5.62 -26.97 -24.67
N LEU E 76 6.77 -26.57 -25.23
CA LEU E 76 6.85 -25.78 -26.46
C LEU E 76 7.50 -26.64 -27.55
N LYS E 77 6.81 -26.79 -28.68
CA LYS E 77 7.27 -27.58 -29.81
C LYS E 77 7.55 -26.73 -31.03
N ILE E 78 8.58 -27.10 -31.80
CA ILE E 78 8.94 -26.50 -33.09
C ILE E 78 8.91 -27.64 -34.13
N GLN E 79 8.06 -27.54 -35.17
CA GLN E 79 7.96 -28.56 -36.21
C GLN E 79 7.53 -27.92 -37.55
N PRO E 80 8.45 -27.74 -38.52
CA PRO E 80 9.89 -28.08 -38.51
C PRO E 80 10.81 -26.96 -38.04
N ALA E 81 12.01 -27.31 -37.56
CA ALA E 81 12.96 -26.30 -37.08
C ALA E 81 13.78 -25.67 -38.21
N LYS E 82 13.83 -24.33 -38.22
CA LYS E 82 14.59 -23.52 -39.17
C LYS E 82 15.87 -23.02 -38.50
N LEU E 83 16.94 -22.75 -39.27
CA LEU E 83 18.22 -22.23 -38.75
C LEU E 83 18.02 -20.99 -37.85
N GLU E 84 17.04 -20.13 -38.22
CA GLU E 84 16.62 -18.91 -37.55
C GLU E 84 16.20 -19.20 -36.09
N ASP E 85 15.77 -20.45 -35.80
CA ASP E 85 15.30 -20.85 -34.48
C ASP E 85 16.41 -21.16 -33.46
N SER E 86 17.70 -21.03 -33.85
CA SER E 86 18.83 -21.20 -32.94
C SER E 86 18.79 -20.04 -31.92
N ALA E 87 18.32 -20.34 -30.69
CA ALA E 87 18.17 -19.36 -29.61
C ALA E 87 18.01 -20.02 -28.23
N VAL E 88 18.07 -19.20 -27.16
CA VAL E 88 17.81 -19.65 -25.79
C VAL E 88 16.31 -19.48 -25.55
N TYR E 89 15.62 -20.58 -25.24
CA TYR E 89 14.19 -20.58 -24.99
C TYR E 89 13.89 -20.49 -23.51
N LEU E 90 13.72 -19.24 -23.04
CA LEU E 90 13.45 -18.86 -21.66
C LEU E 90 12.00 -19.07 -21.26
N CYS E 91 11.80 -19.59 -20.05
CA CYS E 91 10.48 -19.82 -19.50
C CYS E 91 10.36 -19.04 -18.20
N ALA E 92 9.30 -18.22 -18.10
CA ALA E 92 9.03 -17.38 -16.94
C ALA E 92 7.75 -17.80 -16.24
N SER E 93 7.68 -17.49 -14.95
CA SER E 93 6.57 -17.84 -14.08
C SER E 93 6.29 -16.72 -13.08
N SER E 94 4.99 -16.49 -12.79
CA SER E 94 4.52 -15.51 -11.81
C SER E 94 3.23 -16.03 -11.18
N LEU E 95 2.97 -15.62 -9.93
CA LEU E 95 1.80 -16.03 -9.14
C LEU E 95 0.47 -15.79 -9.86
N GLY E 96 0.41 -14.70 -10.61
CA GLY E 96 -0.73 -14.27 -11.41
C GLY E 96 -0.37 -13.00 -12.15
N GLN E 97 -1.39 -12.20 -12.49
CA GLN E 97 -1.19 -10.91 -13.14
C GLN E 97 -1.61 -9.87 -12.10
N GLY E 98 -0.70 -9.12 -11.47
CA GLY E 98 0.73 -9.18 -11.73
C GLY E 98 1.54 -7.92 -11.50
N LEU E 99 0.92 -6.73 -11.43
CA LEU E 99 1.68 -5.47 -11.42
C LEU E 99 2.78 -5.38 -10.34
N LEU E 100 2.62 -6.04 -9.19
CA LEU E 100 3.60 -6.10 -8.12
C LEU E 100 4.55 -7.28 -8.30
N TYR E 101 4.17 -8.26 -9.14
CA TYR E 101 4.93 -9.50 -9.35
C TYR E 101 6.00 -9.43 -10.44
N GLY E 102 7.23 -9.79 -10.06
CA GLY E 102 8.34 -9.91 -10.97
C GLY E 102 8.42 -11.33 -11.49
N TYR E 103 8.97 -11.53 -12.70
CA TYR E 103 9.04 -12.88 -13.28
C TYR E 103 10.18 -13.68 -12.67
N THR E 104 10.03 -15.01 -12.68
CA THR E 104 11.04 -15.94 -12.22
C THR E 104 11.36 -16.75 -13.44
N PHE E 105 12.54 -16.57 -14.00
CA PHE E 105 12.96 -17.28 -15.19
C PHE E 105 13.69 -18.57 -14.84
N GLY E 106 13.55 -19.55 -15.72
CA GLY E 106 14.28 -20.81 -15.65
C GLY E 106 15.61 -20.60 -16.36
N SER E 107 16.51 -21.60 -16.29
CA SER E 107 17.82 -21.51 -16.96
C SER E 107 17.74 -21.48 -18.51
N GLY E 108 16.61 -21.93 -19.04
CA GLY E 108 16.36 -21.95 -20.48
C GLY E 108 16.91 -23.17 -21.19
N THR E 109 16.50 -23.35 -22.45
CA THR E 109 16.99 -24.40 -23.32
C THR E 109 17.75 -23.77 -24.50
N ARG E 110 19.07 -23.94 -24.54
CA ARG E 110 19.91 -23.43 -25.62
C ARG E 110 19.75 -24.37 -26.81
N LEU E 111 19.16 -23.86 -27.89
CA LEU E 111 18.92 -24.63 -29.10
C LEU E 111 19.82 -24.16 -30.22
N THR E 112 20.37 -25.13 -30.94
CA THR E 112 21.18 -24.91 -32.14
C THR E 112 20.64 -25.81 -33.22
N VAL E 113 20.03 -25.20 -34.24
CA VAL E 113 19.47 -25.85 -35.42
C VAL E 113 20.62 -25.86 -36.44
N LEU E 114 21.01 -27.07 -36.90
CA LEU E 114 22.15 -27.25 -37.82
C LEU E 114 21.82 -27.76 -39.20
N GLU E 115 22.62 -27.31 -40.19
CA GLU E 115 22.53 -27.69 -41.59
C GLU E 115 22.84 -29.18 -41.76
N ASP E 116 23.76 -29.71 -40.93
CA ASP E 116 24.19 -31.11 -40.97
C ASP E 116 24.74 -31.55 -39.61
N LEU E 117 24.35 -32.77 -39.15
CA LEU E 117 24.81 -33.33 -37.87
C LEU E 117 26.27 -33.78 -37.89
N ASN E 118 26.85 -34.04 -39.09
CA ASN E 118 28.25 -34.47 -39.23
C ASN E 118 29.22 -33.36 -38.83
N LYS E 119 28.70 -32.13 -38.71
CA LYS E 119 29.44 -30.94 -38.32
C LYS E 119 29.66 -30.87 -36.80
N VAL E 120 28.89 -31.68 -36.02
CA VAL E 120 28.99 -31.73 -34.55
C VAL E 120 30.27 -32.45 -34.13
N PHE E 121 31.12 -31.79 -33.32
CA PHE E 121 32.38 -32.36 -32.85
C PHE E 121 32.55 -32.21 -31.35
N PRO E 122 33.12 -33.21 -30.65
CA PRO E 122 33.37 -33.04 -29.20
C PRO E 122 34.66 -32.23 -28.98
N PRO E 123 34.96 -31.73 -27.76
CA PRO E 123 36.21 -31.01 -27.58
C PRO E 123 37.40 -31.92 -27.26
N GLU E 124 38.62 -31.41 -27.47
CA GLU E 124 39.86 -32.09 -27.12
C GLU E 124 40.48 -31.23 -26.02
N VAL E 125 40.43 -31.74 -24.79
CA VAL E 125 40.88 -30.97 -23.63
C VAL E 125 42.31 -31.32 -23.23
N ALA E 126 43.14 -30.27 -23.17
CA ALA E 126 44.54 -30.32 -22.78
C ALA E 126 44.81 -29.25 -21.72
N VAL E 127 45.49 -29.62 -20.63
CA VAL E 127 45.86 -28.72 -19.56
C VAL E 127 47.35 -28.33 -19.75
N PHE E 128 47.75 -27.14 -19.26
CA PHE E 128 49.11 -26.65 -19.42
C PHE E 128 49.72 -26.19 -18.11
N GLU E 129 50.86 -26.80 -17.74
CA GLU E 129 51.62 -26.56 -16.51
C GLU E 129 52.23 -25.14 -16.46
N PRO E 130 52.27 -24.47 -15.28
CA PRO E 130 52.83 -23.10 -15.22
C PRO E 130 54.30 -22.97 -15.63
N SER E 131 54.69 -21.77 -16.07
CA SER E 131 56.07 -21.46 -16.48
C SER E 131 56.96 -21.30 -15.25
N GLU E 132 58.24 -21.70 -15.39
CA GLU E 132 59.21 -21.58 -14.30
C GLU E 132 59.67 -20.13 -14.18
N ALA E 133 59.54 -19.36 -15.28
CA ALA E 133 59.85 -17.93 -15.33
C ALA E 133 58.78 -17.17 -14.53
N GLU E 134 57.55 -17.71 -14.51
CA GLU E 134 56.41 -17.14 -13.79
C GLU E 134 56.59 -17.28 -12.27
N ILE E 135 56.91 -18.50 -11.77
CA ILE E 135 57.09 -18.79 -10.33
C ILE E 135 58.26 -17.98 -9.72
N SER E 136 59.30 -17.70 -10.52
CA SER E 136 60.48 -16.94 -10.13
C SER E 136 60.19 -15.44 -10.06
N HIS E 137 59.71 -14.85 -11.18
CA HIS E 137 59.38 -13.42 -11.29
C HIS E 137 58.18 -13.10 -10.40
N THR E 138 56.98 -13.55 -10.79
CA THR E 138 55.77 -13.33 -10.01
C THR E 138 55.73 -14.34 -8.85
N GLN E 139 55.07 -13.96 -7.76
CA GLN E 139 54.98 -14.78 -6.57
C GLN E 139 54.04 -15.99 -6.75
N LYS E 140 53.12 -15.92 -7.75
CA LYS E 140 52.10 -16.93 -8.04
C LYS E 140 52.35 -17.78 -9.31
N ALA E 141 51.57 -18.89 -9.45
CA ALA E 141 51.61 -19.86 -10.54
C ALA E 141 50.24 -20.01 -11.21
N THR E 142 50.20 -19.95 -12.58
CA THR E 142 48.92 -20.09 -13.27
C THR E 142 48.92 -21.23 -14.34
N LEU E 143 47.88 -22.09 -14.23
CA LEU E 143 47.62 -23.22 -15.11
C LEU E 143 46.61 -22.77 -16.17
N VAL E 144 46.87 -23.10 -17.45
CA VAL E 144 46.01 -22.75 -18.58
C VAL E 144 45.34 -24.00 -19.16
N CYS E 145 44.01 -23.97 -19.32
CA CYS E 145 43.25 -25.06 -19.91
C CYS E 145 42.83 -24.69 -21.32
N LEU E 146 42.79 -25.69 -22.21
CA LEU E 146 42.42 -25.45 -23.60
C LEU E 146 41.57 -26.57 -24.21
N ALA E 147 40.30 -26.25 -24.51
CA ALA E 147 39.35 -27.16 -25.14
C ALA E 147 39.30 -26.76 -26.60
N THR E 148 39.60 -27.70 -27.52
CA THR E 148 39.67 -27.39 -28.94
C THR E 148 38.84 -28.27 -29.85
N GLY E 149 38.50 -27.70 -31.00
CA GLY E 149 37.78 -28.32 -32.11
C GLY E 149 36.44 -28.92 -31.76
N PHE E 150 35.57 -28.11 -31.14
CA PHE E 150 34.23 -28.57 -30.80
C PHE E 150 33.20 -27.78 -31.58
N TYR E 151 32.04 -28.40 -31.83
CA TYR E 151 30.94 -27.74 -32.52
C TYR E 151 29.63 -28.37 -32.09
N PRO E 152 28.62 -27.57 -31.66
CA PRO E 152 28.62 -26.10 -31.53
C PRO E 152 29.10 -25.66 -30.14
N ASP E 153 28.96 -24.35 -29.82
CA ASP E 153 29.36 -23.76 -28.54
C ASP E 153 28.46 -24.21 -27.36
N HIS E 154 28.49 -25.52 -27.06
CA HIS E 154 27.71 -26.16 -26.00
C HIS E 154 28.67 -26.79 -25.00
N VAL E 155 29.56 -25.97 -24.42
CA VAL E 155 30.56 -26.42 -23.44
C VAL E 155 30.47 -25.66 -22.13
N GLU E 156 30.80 -26.36 -21.04
CA GLU E 156 30.83 -25.80 -19.70
C GLU E 156 32.17 -26.18 -19.10
N LEU E 157 33.08 -25.20 -19.04
CA LEU E 157 34.42 -25.40 -18.50
C LEU E 157 34.44 -25.13 -16.98
N SER E 158 34.97 -26.10 -16.23
CA SER E 158 35.09 -26.08 -14.78
C SER E 158 36.46 -26.59 -14.31
N TRP E 159 37.01 -25.99 -13.24
CA TRP E 159 38.28 -26.38 -12.66
C TRP E 159 38.06 -27.19 -11.38
N TRP E 160 38.81 -28.28 -11.21
CA TRP E 160 38.66 -29.17 -10.08
C TRP E 160 39.96 -29.44 -9.33
N VAL E 161 40.02 -29.01 -8.06
CA VAL E 161 41.18 -29.21 -7.19
C VAL E 161 40.78 -30.15 -6.05
N ASN E 162 41.48 -31.30 -5.97
CA ASN E 162 41.29 -32.37 -4.98
C ASN E 162 39.80 -32.78 -4.84
N GLY E 163 39.16 -33.00 -5.99
CA GLY E 163 37.76 -33.40 -6.09
C GLY E 163 36.74 -32.35 -5.70
N LYS E 164 37.16 -31.06 -5.67
CA LYS E 164 36.30 -29.92 -5.33
C LYS E 164 36.39 -28.86 -6.43
N GLU E 165 35.22 -28.32 -6.83
CA GLU E 165 35.14 -27.27 -7.86
C GLU E 165 35.71 -25.97 -7.30
N VAL E 166 36.42 -25.22 -8.15
CA VAL E 166 37.09 -23.95 -7.79
C VAL E 166 36.56 -22.78 -8.62
N HIS E 167 36.21 -21.68 -7.95
CA HIS E 167 35.70 -20.46 -8.59
C HIS E 167 36.64 -19.26 -8.36
N SER E 168 37.46 -19.33 -7.28
CA SER E 168 38.43 -18.29 -6.91
C SER E 168 39.74 -18.50 -7.66
N GLY E 169 40.20 -17.43 -8.31
CA GLY E 169 41.41 -17.44 -9.12
C GLY E 169 41.18 -18.16 -10.44
N VAL E 170 39.93 -18.16 -10.91
CA VAL E 170 39.49 -18.83 -12.14
C VAL E 170 38.90 -17.80 -13.08
N CYS E 171 39.27 -17.90 -14.37
CA CYS E 171 38.75 -17.04 -15.42
C CYS E 171 38.71 -17.78 -16.76
N THR E 172 37.48 -17.96 -17.29
CA THR E 172 37.17 -18.62 -18.55
C THR E 172 36.81 -17.52 -19.55
N ASP E 173 37.16 -17.71 -20.83
CA ASP E 173 36.84 -16.77 -21.90
C ASP E 173 35.32 -16.58 -21.98
N PRO E 174 34.81 -15.33 -22.10
CA PRO E 174 33.36 -15.14 -22.20
C PRO E 174 32.81 -15.68 -23.52
N GLN E 175 33.58 -15.53 -24.62
CA GLN E 175 33.19 -15.99 -25.95
C GLN E 175 34.29 -16.90 -26.55
N PRO E 176 33.92 -18.07 -27.14
CA PRO E 176 34.95 -18.92 -27.78
C PRO E 176 35.31 -18.44 -29.18
N LEU E 177 36.56 -18.68 -29.62
CA LEU E 177 37.00 -18.26 -30.95
C LEU E 177 36.91 -19.38 -31.98
N LYS E 178 36.69 -19.00 -33.26
CA LYS E 178 36.59 -19.94 -34.37
C LYS E 178 37.99 -20.36 -34.81
N GLU E 179 38.16 -21.67 -35.08
CA GLU E 179 39.44 -22.23 -35.56
C GLU E 179 39.65 -21.82 -37.03
N GLN E 180 38.55 -21.73 -37.81
CA GLN E 180 38.52 -21.28 -39.21
C GLN E 180 37.56 -20.08 -39.20
N PRO E 181 38.03 -18.86 -38.87
CA PRO E 181 37.10 -17.72 -38.69
C PRO E 181 36.12 -17.37 -39.83
N ALA E 182 36.43 -17.74 -41.10
CA ALA E 182 35.59 -17.48 -42.26
C ALA E 182 34.22 -18.18 -42.17
N LEU E 183 34.25 -19.54 -42.03
CA LEU E 183 33.07 -20.41 -41.94
C LEU E 183 32.22 -20.14 -40.70
N ASN E 184 30.90 -20.13 -40.87
CA ASN E 184 29.96 -19.94 -39.78
C ASN E 184 29.77 -21.26 -39.02
N ASP E 185 30.04 -22.40 -39.70
CA ASP E 185 29.93 -23.77 -39.17
C ASP E 185 31.28 -24.26 -38.61
N SER E 186 32.26 -23.35 -38.47
CA SER E 186 33.61 -23.62 -37.96
C SER E 186 33.63 -24.17 -36.55
N ARG E 187 34.59 -25.08 -36.27
CA ARG E 187 34.82 -25.65 -34.94
C ARG E 187 35.41 -24.56 -34.04
N TYR E 188 35.03 -24.57 -32.75
CA TYR E 188 35.47 -23.58 -31.76
C TYR E 188 36.65 -24.03 -30.91
N ALA E 189 37.21 -23.05 -30.17
CA ALA E 189 38.31 -23.19 -29.23
C ALA E 189 38.02 -22.25 -28.03
N LEU E 190 38.33 -22.71 -26.81
CA LEU E 190 38.07 -21.93 -25.59
C LEU E 190 39.14 -22.23 -24.54
N SER E 191 39.61 -21.19 -23.82
CA SER E 191 40.61 -21.31 -22.76
C SER E 191 40.12 -20.79 -21.41
N SER E 192 40.69 -21.32 -20.33
CA SER E 192 40.38 -20.94 -18.97
C SER E 192 41.62 -21.08 -18.14
N ARG E 193 41.91 -20.06 -17.32
CA ARG E 193 43.11 -20.07 -16.47
C ARG E 193 42.79 -20.21 -15.00
N LEU E 194 43.62 -20.97 -14.28
CA LEU E 194 43.53 -21.16 -12.84
C LEU E 194 44.84 -20.68 -12.24
N ARG E 195 44.76 -19.67 -11.36
CA ARG E 195 45.93 -19.13 -10.68
C ARG E 195 45.90 -19.51 -9.21
N VAL E 196 47.05 -20.00 -8.71
CA VAL E 196 47.27 -20.41 -7.33
C VAL E 196 48.68 -19.93 -6.92
N SER E 197 49.02 -20.04 -5.61
CA SER E 197 50.35 -19.65 -5.11
C SER E 197 51.42 -20.59 -5.68
N ALA E 198 52.68 -20.10 -5.84
CA ALA E 198 53.79 -20.92 -6.38
C ALA E 198 54.07 -22.15 -5.49
N THR E 199 53.77 -22.01 -4.18
CA THR E 199 53.93 -23.07 -3.17
C THR E 199 52.92 -24.20 -3.41
N PHE E 200 51.66 -23.84 -3.78
CA PHE E 200 50.57 -24.80 -4.05
C PHE E 200 50.95 -25.76 -5.17
N TRP E 201 51.52 -25.22 -6.26
CA TRP E 201 51.97 -26.01 -7.41
C TRP E 201 53.18 -26.88 -7.06
N GLN E 202 54.04 -26.40 -6.14
CA GLN E 202 55.24 -27.12 -5.69
C GLN E 202 54.89 -28.41 -4.92
N ASN E 203 53.78 -28.41 -4.15
CA ASN E 203 53.28 -29.55 -3.37
C ASN E 203 52.79 -30.68 -4.29
N PRO E 204 53.39 -31.89 -4.23
CA PRO E 204 52.98 -32.98 -5.14
C PRO E 204 51.65 -33.63 -4.82
N ARG E 205 51.18 -33.58 -3.55
CA ARG E 205 49.90 -34.22 -3.21
C ARG E 205 48.72 -33.22 -3.31
N ASN E 206 48.57 -32.66 -4.53
CA ASN E 206 47.52 -31.72 -4.93
C ASN E 206 47.15 -31.99 -6.39
N HIS E 207 45.86 -32.25 -6.64
CA HIS E 207 45.36 -32.57 -7.97
C HIS E 207 44.75 -31.36 -8.67
N PHE E 208 45.10 -31.20 -9.96
CA PHE E 208 44.61 -30.12 -10.82
C PHE E 208 43.92 -30.71 -12.04
N ARG E 209 42.57 -30.76 -12.02
CA ARG E 209 41.76 -31.30 -13.11
C ARG E 209 40.94 -30.23 -13.81
N CYS E 210 40.88 -30.30 -15.14
CA CYS E 210 40.10 -29.40 -15.96
C CYS E 210 38.95 -30.18 -16.61
N GLN E 211 37.71 -29.90 -16.18
CA GLN E 211 36.52 -30.58 -16.67
C GLN E 211 35.75 -29.72 -17.68
N VAL E 212 35.44 -30.31 -18.84
CA VAL E 212 34.65 -29.67 -19.90
C VAL E 212 33.44 -30.56 -20.17
N GLN E 213 32.25 -30.03 -19.91
CA GLN E 213 31.00 -30.76 -20.15
C GLN E 213 30.46 -30.31 -21.49
N PHE E 214 30.47 -31.24 -22.46
CA PHE E 214 30.00 -31.04 -23.83
C PHE E 214 28.59 -31.57 -23.98
N TYR E 215 27.75 -30.79 -24.66
CA TYR E 215 26.36 -31.14 -24.91
C TYR E 215 26.19 -31.42 -26.39
N GLY E 216 26.13 -32.70 -26.72
CA GLY E 216 26.05 -33.16 -28.09
C GLY E 216 24.77 -33.86 -28.48
N LEU E 217 24.93 -35.01 -29.16
CA LEU E 217 23.83 -35.83 -29.67
C LEU E 217 23.39 -36.94 -28.71
N SER E 218 22.22 -37.56 -28.99
CA SER E 218 21.65 -38.64 -28.20
C SER E 218 21.87 -40.02 -28.85
N GLU E 219 21.43 -41.08 -28.16
CA GLU E 219 21.47 -42.47 -28.60
C GLU E 219 20.48 -42.65 -29.76
N ASN E 220 19.44 -41.81 -29.82
CA ASN E 220 18.38 -41.84 -30.82
C ASN E 220 18.74 -41.12 -32.13
N ASP E 221 19.88 -40.39 -32.17
CA ASP E 221 20.35 -39.70 -33.39
C ASP E 221 21.08 -40.69 -34.30
N GLU E 222 20.81 -40.62 -35.62
CA GLU E 222 21.44 -41.52 -36.58
C GLU E 222 22.85 -41.05 -36.95
N TRP E 223 23.84 -41.93 -36.76
CA TRP E 223 25.24 -41.63 -37.02
C TRP E 223 25.84 -42.62 -38.01
N THR E 224 26.44 -42.10 -39.09
CA THR E 224 27.01 -42.92 -40.16
C THR E 224 28.51 -42.60 -40.42
N GLN E 225 29.10 -41.65 -39.70
CA GLN E 225 30.52 -41.27 -39.85
C GLN E 225 31.49 -42.34 -39.34
N ASP E 226 32.76 -42.26 -39.78
CA ASP E 226 33.81 -43.17 -39.35
C ASP E 226 34.12 -42.91 -37.88
N ARG E 227 34.09 -41.63 -37.46
CA ARG E 227 34.32 -41.24 -36.07
C ARG E 227 33.10 -41.57 -35.20
N ALA E 228 33.32 -41.78 -33.89
CA ALA E 228 32.27 -42.09 -32.93
C ALA E 228 31.30 -40.91 -32.80
N LYS E 229 30.00 -41.21 -32.57
CA LYS E 229 28.93 -40.23 -32.39
C LYS E 229 29.31 -39.20 -31.31
N PRO E 230 29.27 -37.88 -31.62
CA PRO E 230 29.66 -36.86 -30.63
C PRO E 230 28.58 -36.58 -29.60
N VAL E 231 28.32 -37.56 -28.74
CA VAL E 231 27.28 -37.53 -27.69
C VAL E 231 27.61 -36.55 -26.55
N THR E 232 26.61 -36.25 -25.69
CA THR E 232 26.77 -35.40 -24.50
C THR E 232 27.77 -36.13 -23.58
N GLN E 233 28.94 -35.50 -23.31
CA GLN E 233 30.04 -36.09 -22.55
C GLN E 233 30.93 -35.07 -21.81
N ILE E 234 31.71 -35.56 -20.83
CA ILE E 234 32.70 -34.81 -20.05
C ILE E 234 34.09 -35.21 -20.56
N VAL E 235 34.91 -34.24 -20.98
CA VAL E 235 36.28 -34.49 -21.45
C VAL E 235 37.25 -33.79 -20.51
N SER E 236 38.12 -34.58 -19.84
CA SER E 236 39.04 -34.09 -18.83
C SER E 236 40.51 -34.09 -19.24
N ALA E 237 41.26 -33.19 -18.59
CA ALA E 237 42.70 -33.02 -18.71
C ALA E 237 43.22 -32.71 -17.31
N GLU E 238 44.27 -33.43 -16.89
CA GLU E 238 44.81 -33.26 -15.54
C GLU E 238 46.34 -33.31 -15.45
N ALA E 239 46.88 -32.66 -14.40
CA ALA E 239 48.30 -32.58 -14.09
C ALA E 239 48.51 -32.51 -12.57
N TRP E 240 49.49 -33.26 -12.06
CA TRP E 240 49.83 -33.30 -10.64
C TRP E 240 50.88 -32.24 -10.31
N GLY E 241 50.87 -31.77 -9.06
CA GLY E 241 51.81 -30.78 -8.54
C GLY E 241 53.26 -31.21 -8.63
N ARG E 242 54.13 -30.33 -9.15
CA ARG E 242 55.57 -30.64 -9.32
C ARG E 242 56.50 -29.68 -8.58
N ALA E 243 57.54 -30.24 -7.94
CA ALA E 243 58.58 -29.49 -7.25
C ALA E 243 59.78 -29.30 -8.21
N ASP E 244 59.75 -29.99 -9.38
CA ASP E 244 60.76 -30.00 -10.46
C ASP E 244 61.04 -28.60 -11.02
N GLY F 1 30.28 7.91 0.15
CA GLY F 1 29.87 6.53 -0.08
C GLY F 1 28.45 6.22 0.37
N SER F 2 28.16 4.93 0.64
CA SER F 2 26.83 4.49 1.10
C SER F 2 26.55 4.95 2.55
N HIS F 3 25.40 5.61 2.75
CA HIS F 3 25.01 6.12 4.07
C HIS F 3 23.78 5.43 4.63
N SER F 4 23.66 5.43 5.96
CA SER F 4 22.54 4.79 6.65
C SER F 4 22.11 5.54 7.90
N MET F 5 20.81 5.48 8.20
CA MET F 5 20.26 6.01 9.44
C MET F 5 19.62 4.86 10.20
N ARG F 6 20.08 4.62 11.43
CA ARG F 6 19.57 3.55 12.26
C ARG F 6 19.04 4.08 13.56
N TYR F 7 18.01 3.42 14.08
CA TYR F 7 17.42 3.71 15.37
C TYR F 7 17.37 2.42 16.18
N PHE F 8 18.00 2.44 17.36
CA PHE F 8 18.06 1.29 18.26
C PHE F 8 17.30 1.61 19.55
N TYR F 9 16.21 0.86 19.80
CA TYR F 9 15.41 1.00 21.01
C TYR F 9 15.62 -0.25 21.84
N THR F 10 15.69 -0.11 23.17
CA THR F 10 15.83 -1.23 24.10
C THR F 10 14.90 -1.01 25.28
N SER F 11 14.10 -2.03 25.60
CA SER F 11 13.16 -2.00 26.71
C SER F 11 13.39 -3.21 27.61
N VAL F 12 13.88 -2.95 28.83
CA VAL F 12 14.23 -3.95 29.84
C VAL F 12 13.24 -3.86 30.98
N SER F 13 12.54 -4.97 31.25
CA SER F 13 11.59 -5.05 32.37
C SER F 13 12.36 -5.30 33.67
N ARG F 14 11.83 -4.79 34.79
CA ARG F 14 12.45 -4.94 36.11
C ARG F 14 11.36 -5.13 37.20
N PRO F 15 10.85 -6.37 37.38
CA PRO F 15 9.77 -6.61 38.35
C PRO F 15 10.18 -6.40 39.80
N GLY F 16 9.33 -5.70 40.54
CA GLY F 16 9.53 -5.35 41.94
C GLY F 16 10.54 -4.24 42.14
N ARG F 17 10.98 -3.60 41.04
CA ARG F 17 11.97 -2.51 41.05
C ARG F 17 11.51 -1.31 40.20
N GLY F 18 10.19 -1.21 40.00
CA GLY F 18 9.59 -0.14 39.21
C GLY F 18 9.21 -0.53 37.79
N GLU F 19 8.79 0.46 37.00
CA GLU F 19 8.37 0.27 35.62
C GLU F 19 9.61 0.00 34.73
N PRO F 20 9.46 -0.62 33.53
CA PRO F 20 10.65 -0.90 32.70
C PRO F 20 11.45 0.32 32.26
N ARG F 21 12.73 0.09 31.93
CA ARG F 21 13.61 1.14 31.43
C ARG F 21 13.66 1.10 29.92
N PHE F 22 13.57 2.27 29.30
CA PHE F 22 13.63 2.40 27.85
C PHE F 22 14.75 3.32 27.43
N ILE F 23 15.66 2.81 26.60
CA ILE F 23 16.77 3.58 26.02
C ILE F 23 16.55 3.63 24.49
N ALA F 24 16.78 4.80 23.89
CA ALA F 24 16.70 5.01 22.45
C ALA F 24 17.95 5.71 21.94
N VAL F 25 18.55 5.16 20.87
CA VAL F 25 19.75 5.73 20.27
C VAL F 25 19.59 5.87 18.75
N GLY F 26 19.93 7.06 18.26
CA GLY F 26 19.89 7.37 16.84
C GLY F 26 21.28 7.48 16.28
N TYR F 27 21.53 6.81 15.15
CA TYR F 27 22.84 6.80 14.49
C TYR F 27 22.77 7.17 13.02
N VAL F 28 23.76 7.92 12.57
CA VAL F 28 23.97 8.22 11.15
C VAL F 28 25.34 7.59 10.91
N ASP F 29 25.36 6.42 10.25
CA ASP F 29 26.53 5.58 9.99
C ASP F 29 27.06 5.02 11.30
N ASP F 30 28.19 5.53 11.80
CA ASP F 30 28.80 5.11 13.06
C ASP F 30 28.75 6.23 14.11
N THR F 31 28.08 7.35 13.75
CA THR F 31 27.94 8.53 14.59
C THR F 31 26.58 8.58 15.28
N GLN F 32 26.58 8.56 16.62
CA GLN F 32 25.37 8.67 17.44
C GLN F 32 24.95 10.12 17.42
N PHE F 33 23.63 10.41 17.29
CA PHE F 33 23.21 11.81 17.25
C PHE F 33 22.09 12.17 18.23
N VAL F 34 21.21 11.21 18.59
CA VAL F 34 20.12 11.45 19.53
C VAL F 34 20.03 10.36 20.62
N ARG F 35 19.52 10.73 21.80
CA ARG F 35 19.39 9.80 22.90
C ARG F 35 18.18 10.11 23.75
N PHE F 36 17.46 9.06 24.16
CA PHE F 36 16.33 9.14 25.08
C PHE F 36 16.40 8.01 26.11
N ASP F 37 16.31 8.38 27.38
CA ASP F 37 16.34 7.43 28.49
C ASP F 37 15.15 7.73 29.38
N SER F 38 14.33 6.70 29.67
CA SER F 38 13.13 6.80 30.50
C SER F 38 13.45 7.14 31.97
N ASP F 39 14.63 6.70 32.47
CA ASP F 39 15.09 6.96 33.84
C ASP F 39 15.56 8.40 34.04
N ALA F 40 16.20 9.00 32.99
CA ALA F 40 16.69 10.38 32.99
C ALA F 40 15.58 11.39 33.32
N ALA F 41 15.91 12.39 34.16
CA ALA F 41 15.03 13.46 34.63
C ALA F 41 14.49 14.35 33.53
N SER F 42 15.29 14.52 32.46
CA SER F 42 14.98 15.32 31.27
C SER F 42 13.62 14.95 30.70
N GLN F 43 13.42 13.62 30.41
CA GLN F 43 12.19 13.03 29.83
C GLN F 43 11.91 13.63 28.44
N ARG F 44 13.00 13.97 27.72
CA ARG F 44 13.01 14.58 26.40
C ARG F 44 14.10 13.94 25.56
N MET F 45 13.95 13.92 24.23
CA MET F 45 15.02 13.40 23.38
C MET F 45 16.13 14.47 23.39
N GLU F 46 17.36 14.05 23.66
CA GLU F 46 18.53 14.90 23.80
C GLU F 46 19.51 14.80 22.62
N PRO F 47 20.25 15.87 22.29
CA PRO F 47 21.26 15.75 21.21
C PRO F 47 22.55 15.09 21.70
N ARG F 48 23.24 14.38 20.81
CA ARG F 48 24.53 13.71 21.06
C ARG F 48 25.52 13.96 19.90
N ALA F 49 25.21 14.93 19.02
CA ALA F 49 26.02 15.35 17.87
C ALA F 49 25.86 16.87 17.65
N PRO F 50 26.92 17.64 17.28
CA PRO F 50 26.75 19.10 17.13
C PRO F 50 25.84 19.55 16.00
N TRP F 51 25.79 18.77 14.89
CA TRP F 51 24.98 19.10 13.70
C TRP F 51 23.46 18.93 13.89
N ILE F 52 23.02 18.34 15.02
CA ILE F 52 21.60 18.15 15.30
C ILE F 52 21.08 19.26 16.23
N GLU F 53 21.98 19.96 16.94
CA GLU F 53 21.67 21.06 17.85
C GLU F 53 20.95 22.22 17.16
N GLN F 54 21.12 22.36 15.83
CA GLN F 54 20.49 23.40 15.00
C GLN F 54 18.97 23.16 14.77
N GLU F 55 18.45 21.96 15.15
CA GLU F 55 17.03 21.61 15.02
C GLU F 55 16.18 22.31 16.08
N GLY F 56 15.11 22.94 15.61
CA GLY F 56 14.15 23.71 16.40
C GLY F 56 13.38 22.95 17.46
N PRO F 57 12.68 23.66 18.37
CA PRO F 57 11.93 22.97 19.43
C PRO F 57 10.79 22.07 18.96
N GLU F 58 10.23 22.35 17.76
CA GLU F 58 9.14 21.58 17.14
C GLU F 58 9.63 20.17 16.80
N TYR F 59 10.95 20.06 16.48
CA TYR F 59 11.65 18.80 16.15
C TYR F 59 11.74 17.96 17.42
N TRP F 60 12.29 18.56 18.50
CA TRP F 60 12.50 17.91 19.79
C TRP F 60 11.19 17.49 20.46
N ASP F 61 10.11 18.29 20.31
CA ASP F 61 8.77 17.97 20.81
C ASP F 61 8.27 16.72 20.07
N GLN F 62 8.46 16.66 18.72
CA GLN F 62 8.07 15.53 17.85
C GLN F 62 8.79 14.24 18.17
N GLU F 63 10.14 14.32 18.27
CA GLU F 63 11.00 13.19 18.56
C GLU F 63 10.72 12.61 19.94
N THR F 64 10.43 13.48 20.94
CA THR F 64 10.10 13.10 22.32
C THR F 64 8.81 12.30 22.34
N ARG F 65 7.76 12.82 21.64
CA ARG F 65 6.43 12.20 21.56
C ARG F 65 6.51 10.77 21.04
N ASN F 66 7.16 10.59 19.85
CA ASN F 66 7.34 9.31 19.16
C ASN F 66 8.00 8.28 20.05
N VAL F 67 9.06 8.70 20.72
CA VAL F 67 9.87 7.82 21.55
C VAL F 67 9.16 7.53 22.93
N LYS F 68 8.31 8.45 23.43
CA LYS F 68 7.48 8.25 24.63
C LYS F 68 6.37 7.25 24.28
N ALA F 69 5.82 7.37 23.03
CA ALA F 69 4.77 6.50 22.49
C ALA F 69 5.25 5.05 22.36
N GLN F 70 6.51 4.85 21.92
CA GLN F 70 7.05 3.51 21.74
C GLN F 70 7.45 2.87 23.08
N SER F 71 7.90 3.68 24.04
CA SER F 71 8.28 3.19 25.37
C SER F 71 7.05 2.66 26.11
N GLN F 72 5.91 3.36 25.99
CA GLN F 72 4.65 3.00 26.62
C GLN F 72 4.01 1.76 25.99
N THR F 73 4.29 1.53 24.71
CA THR F 73 3.80 0.37 23.96
C THR F 73 4.54 -0.88 24.46
N ASP F 74 5.88 -0.78 24.60
CA ASP F 74 6.80 -1.81 25.09
C ASP F 74 6.47 -2.24 26.53
N ARG F 75 6.02 -1.28 27.38
CA ARG F 75 5.62 -1.51 28.77
C ARG F 75 4.51 -2.57 28.83
N VAL F 76 3.62 -2.53 27.82
CA VAL F 76 2.50 -3.45 27.63
C VAL F 76 3.05 -4.72 26.97
N ASP F 77 3.78 -4.57 25.85
CA ASP F 77 4.33 -5.66 25.06
C ASP F 77 5.16 -6.64 25.88
N LEU F 78 5.96 -6.14 26.86
CA LEU F 78 6.77 -6.98 27.76
C LEU F 78 5.92 -8.01 28.51
N GLY F 79 4.76 -7.56 29.01
CA GLY F 79 3.79 -8.39 29.70
C GLY F 79 3.07 -9.35 28.77
N THR F 80 2.67 -8.85 27.58
CA THR F 80 1.96 -9.60 26.53
C THR F 80 2.77 -10.83 26.09
N LEU F 81 4.05 -10.60 25.75
CA LEU F 81 4.98 -11.62 25.26
C LEU F 81 5.30 -12.66 26.31
N ARG F 82 5.40 -12.22 27.59
CA ARG F 82 5.62 -13.07 28.75
C ARG F 82 4.46 -14.09 28.83
N GLY F 83 3.26 -13.64 28.47
CA GLY F 83 2.05 -14.45 28.42
C GLY F 83 2.03 -15.40 27.23
N TYR F 84 2.65 -14.98 26.12
CA TYR F 84 2.74 -15.78 24.89
C TYR F 84 3.67 -16.98 25.12
N TYR F 85 4.81 -16.76 25.80
CA TYR F 85 5.81 -17.79 26.11
C TYR F 85 5.54 -18.49 27.45
N ASN F 86 4.48 -18.08 28.17
CA ASN F 86 4.02 -18.60 29.46
C ASN F 86 5.13 -18.56 30.53
N GLN F 87 5.79 -17.40 30.63
CA GLN F 87 6.88 -17.13 31.56
C GLN F 87 6.35 -16.46 32.84
N SER F 88 7.10 -16.59 33.94
CA SER F 88 6.73 -16.01 35.24
C SER F 88 6.85 -14.50 35.25
N GLU F 89 6.07 -13.84 36.11
CA GLU F 89 6.05 -12.39 36.26
C GLU F 89 7.26 -11.88 37.07
N ASP F 90 8.13 -12.80 37.51
CA ASP F 90 9.32 -12.53 38.33
C ASP F 90 10.57 -12.12 37.52
N GLY F 91 10.88 -12.86 36.45
CA GLY F 91 12.05 -12.64 35.61
C GLY F 91 12.07 -11.38 34.77
N SER F 92 13.30 -10.84 34.54
CA SER F 92 13.54 -9.66 33.71
C SER F 92 13.67 -10.08 32.24
N HIS F 93 13.05 -9.31 31.32
CA HIS F 93 13.05 -9.60 29.89
C HIS F 93 13.39 -8.37 29.03
N THR F 94 13.82 -8.58 27.77
CA THR F 94 14.26 -7.51 26.87
C THR F 94 13.56 -7.47 25.52
N ILE F 95 13.09 -6.28 25.12
CA ILE F 95 12.51 -6.05 23.80
C ILE F 95 13.43 -5.06 23.09
N GLN F 96 13.98 -5.48 21.95
CA GLN F 96 14.87 -4.64 21.14
C GLN F 96 14.27 -4.43 19.77
N ILE F 97 14.24 -3.17 19.35
CA ILE F 97 13.73 -2.72 18.07
C ILE F 97 14.90 -2.05 17.36
N MET F 98 15.02 -2.32 16.07
CA MET F 98 16.03 -1.76 15.18
C MET F 98 15.35 -1.43 13.85
N TYR F 99 15.40 -0.15 13.47
CA TYR F 99 14.84 0.29 12.20
C TYR F 99 15.70 1.38 11.57
N GLY F 100 15.51 1.57 10.27
CA GLY F 100 16.26 2.57 9.53
C GLY F 100 16.23 2.35 8.03
N CYS F 101 17.06 3.10 7.33
CA CYS F 101 17.16 3.05 5.89
C CYS F 101 18.58 3.29 5.40
N ASP F 102 18.87 2.81 4.18
CA ASP F 102 20.16 2.92 3.51
C ASP F 102 20.01 3.75 2.23
N VAL F 103 20.99 4.60 1.95
CA VAL F 103 21.07 5.40 0.71
C VAL F 103 22.46 5.21 0.10
N GLY F 104 22.58 5.44 -1.20
CA GLY F 104 23.85 5.31 -1.90
C GLY F 104 24.69 6.57 -1.86
N PRO F 105 25.84 6.60 -2.60
CA PRO F 105 26.67 7.81 -2.63
C PRO F 105 25.95 9.00 -3.28
N ASP F 106 24.98 8.70 -4.17
CA ASP F 106 24.13 9.66 -4.87
C ASP F 106 22.94 10.13 -4.00
N GLY F 107 22.82 9.54 -2.81
CA GLY F 107 21.75 9.84 -1.86
C GLY F 107 20.41 9.25 -2.26
N ARG F 108 20.42 8.11 -2.97
CA ARG F 108 19.21 7.42 -3.44
C ARG F 108 18.88 6.21 -2.58
N PHE F 109 17.58 5.99 -2.29
CA PHE F 109 17.09 4.88 -1.48
C PHE F 109 17.61 3.53 -1.97
N LEU F 110 18.03 2.67 -1.03
CA LEU F 110 18.52 1.33 -1.34
C LEU F 110 17.73 0.27 -0.60
N ARG F 111 17.59 0.41 0.74
CA ARG F 111 16.86 -0.55 1.56
C ARG F 111 16.23 0.06 2.80
N GLY F 112 15.15 -0.56 3.27
CA GLY F 112 14.43 -0.22 4.48
C GLY F 112 14.56 -1.36 5.46
N TYR F 113 14.58 -1.05 6.75
CA TYR F 113 14.77 -2.05 7.81
C TYR F 113 13.82 -1.84 8.98
N ARG F 114 13.35 -2.96 9.53
CA ARG F 114 12.49 -3.04 10.72
C ARG F 114 12.61 -4.46 11.26
N GLN F 115 13.33 -4.61 12.38
CA GLN F 115 13.58 -5.90 13.01
C GLN F 115 13.41 -5.79 14.51
N ASP F 116 12.65 -6.74 15.08
CA ASP F 116 12.39 -6.82 16.52
C ASP F 116 12.92 -8.12 17.09
N ALA F 117 13.27 -8.09 18.38
CA ALA F 117 13.81 -9.26 19.10
C ALA F 117 13.41 -9.32 20.55
N TYR F 118 13.07 -10.53 21.00
CA TYR F 118 12.71 -10.79 22.39
C TYR F 118 13.81 -11.63 23.03
N ASP F 119 14.33 -11.16 24.17
CA ASP F 119 15.39 -11.79 24.96
C ASP F 119 16.67 -12.10 24.15
N GLY F 120 17.03 -11.18 23.25
CA GLY F 120 18.25 -11.28 22.45
C GLY F 120 18.15 -12.10 21.19
N LYS F 121 16.99 -12.72 20.94
CA LYS F 121 16.78 -13.51 19.72
C LYS F 121 15.60 -12.97 18.91
N ASP F 122 15.70 -13.08 17.56
CA ASP F 122 14.69 -12.62 16.60
C ASP F 122 13.26 -12.96 17.03
N TYR F 123 12.34 -11.99 16.87
CA TYR F 123 10.93 -12.16 17.18
C TYR F 123 10.17 -11.99 15.87
N ILE F 124 10.06 -10.75 15.38
CA ILE F 124 9.40 -10.43 14.11
C ILE F 124 10.27 -9.46 13.29
N ALA F 125 10.36 -9.72 11.99
CA ALA F 125 11.12 -8.88 11.06
C ALA F 125 10.32 -8.58 9.80
N LEU F 126 10.39 -7.33 9.34
CA LEU F 126 9.76 -6.88 8.10
C LEU F 126 10.69 -7.37 6.98
N ASN F 127 10.11 -7.95 5.91
CA ASN F 127 10.87 -8.46 4.75
C ASN F 127 11.31 -7.32 3.85
N GLU F 128 12.33 -7.55 2.99
CA GLU F 128 12.90 -6.53 2.10
C GLU F 128 11.83 -5.81 1.25
N ASP F 129 10.76 -6.52 0.83
CA ASP F 129 9.63 -5.96 0.07
C ASP F 129 8.89 -4.83 0.84
N LEU F 130 8.97 -4.87 2.19
CA LEU F 130 8.34 -3.95 3.13
C LEU F 130 6.81 -4.04 3.03
N ARG F 131 6.33 -5.25 2.68
CA ARG F 131 4.91 -5.60 2.49
C ARG F 131 4.51 -6.75 3.39
N SER F 132 5.50 -7.48 3.93
CA SER F 132 5.27 -8.67 4.73
C SER F 132 6.22 -8.82 5.92
N TRP F 133 5.81 -9.68 6.87
CA TRP F 133 6.56 -9.97 8.09
C TRP F 133 7.03 -11.41 8.11
N THR F 134 7.97 -11.70 9.02
CA THR F 134 8.53 -13.03 9.25
C THR F 134 8.52 -13.23 10.75
N ALA F 135 7.77 -14.23 11.21
CA ALA F 135 7.69 -14.57 12.63
C ALA F 135 8.72 -15.67 12.86
N ALA F 136 9.57 -15.48 13.88
CA ALA F 136 10.61 -16.46 14.24
C ALA F 136 10.02 -17.74 14.85
N ASP F 137 8.92 -17.59 15.61
CA ASP F 137 8.25 -18.70 16.28
C ASP F 137 6.73 -18.56 16.19
N MET F 138 5.99 -19.29 17.05
CA MET F 138 4.53 -19.28 17.07
C MET F 138 3.93 -18.13 17.88
N ALA F 139 4.70 -17.55 18.82
CA ALA F 139 4.24 -16.43 19.63
C ALA F 139 4.29 -15.15 18.78
N ALA F 140 5.30 -15.05 17.91
CA ALA F 140 5.52 -13.95 16.99
C ALA F 140 4.45 -13.96 15.90
N GLN F 141 3.83 -15.14 15.67
CA GLN F 141 2.76 -15.34 14.69
C GLN F 141 1.47 -14.63 15.13
N ILE F 142 1.25 -14.51 16.45
CA ILE F 142 0.10 -13.81 17.04
C ILE F 142 0.23 -12.30 16.75
N THR F 143 1.46 -11.78 16.88
CA THR F 143 1.85 -10.39 16.59
C THR F 143 1.68 -10.14 15.07
N LYS F 144 2.12 -11.11 14.22
CA LYS F 144 2.05 -11.03 12.76
C LYS F 144 0.62 -10.81 12.29
N ARG F 145 -0.35 -11.58 12.85
CA ARG F 145 -1.77 -11.46 12.52
C ARG F 145 -2.34 -10.12 12.99
N LYS F 146 -1.88 -9.64 14.17
CA LYS F 146 -2.28 -8.38 14.79
C LYS F 146 -1.84 -7.20 13.92
N TRP F 147 -0.56 -7.22 13.48
CA TRP F 147 0.07 -6.20 12.64
C TRP F 147 -0.38 -6.25 11.18
N GLU F 148 -1.06 -7.35 10.78
CA GLU F 148 -1.65 -7.49 9.45
C GLU F 148 -2.99 -6.73 9.47
N ALA F 149 -3.77 -6.91 10.55
CA ALA F 149 -5.04 -6.24 10.79
C ALA F 149 -4.81 -4.72 10.98
N ALA F 150 -3.73 -4.34 11.69
CA ALA F 150 -3.34 -2.97 11.98
C ALA F 150 -2.70 -2.25 10.77
N HIS F 151 -2.51 -2.96 9.64
CA HIS F 151 -1.90 -2.43 8.40
C HIS F 151 -0.52 -1.79 8.64
N ALA F 152 0.25 -2.36 9.60
CA ALA F 152 1.56 -1.89 10.04
C ALA F 152 2.62 -1.86 8.95
N ALA F 153 2.79 -2.96 8.18
CA ALA F 153 3.77 -3.07 7.09
C ALA F 153 3.64 -1.96 6.07
N GLU F 154 2.40 -1.62 5.69
CA GLU F 154 2.06 -0.55 4.74
C GLU F 154 2.62 0.77 5.29
N GLN F 155 2.38 1.00 6.60
CA GLN F 155 2.79 2.19 7.33
C GLN F 155 4.27 2.23 7.64
N GLN F 156 4.94 1.06 7.66
CA GLN F 156 6.37 1.02 7.89
C GLN F 156 7.05 1.47 6.60
N ARG F 157 6.58 0.94 5.45
CA ARG F 157 7.07 1.28 4.11
C ARG F 157 6.93 2.78 3.85
N ALA F 158 5.84 3.41 4.30
CA ALA F 158 5.58 4.84 4.15
C ALA F 158 6.71 5.69 4.78
N TYR F 159 7.17 5.28 5.96
CA TYR F 159 8.24 5.97 6.67
C TYR F 159 9.58 5.61 6.04
N LEU F 160 9.93 4.31 6.04
CA LEU F 160 11.21 3.78 5.57
C LEU F 160 11.61 4.26 4.17
N GLU F 161 10.67 4.28 3.22
CA GLU F 161 10.91 4.72 1.83
C GLU F 161 10.67 6.23 1.65
N GLY F 162 10.11 6.89 2.67
CA GLY F 162 9.76 8.31 2.58
C GLY F 162 10.54 9.17 3.52
N ARG F 163 9.94 9.50 4.67
CA ARG F 163 10.50 10.35 5.72
C ARG F 163 11.91 9.96 6.17
N CYS F 164 12.18 8.65 6.36
CA CYS F 164 13.48 8.13 6.80
C CYS F 164 14.61 8.66 5.92
N VAL F 165 14.46 8.52 4.57
CA VAL F 165 15.48 8.95 3.61
C VAL F 165 15.54 10.48 3.54
N GLU F 166 14.40 11.18 3.58
CA GLU F 166 14.32 12.64 3.58
C GLU F 166 15.09 13.19 4.78
N TRP F 167 14.99 12.51 5.96
CA TRP F 167 15.67 12.89 7.20
C TRP F 167 17.18 12.73 7.12
N LEU F 168 17.65 11.53 6.72
CA LEU F 168 19.07 11.19 6.60
C LEU F 168 19.75 12.14 5.62
N ARG F 169 19.15 12.32 4.42
CA ARG F 169 19.62 13.23 3.35
C ARG F 169 19.82 14.64 3.87
N ARG F 170 18.93 15.09 4.77
CA ARG F 170 18.99 16.39 5.42
C ARG F 170 20.13 16.41 6.42
N TYR F 171 20.22 15.38 7.28
CA TYR F 171 21.27 15.25 8.31
C TYR F 171 22.65 15.19 7.70
N LEU F 172 22.77 14.56 6.52
CA LEU F 172 24.01 14.42 5.78
C LEU F 172 24.50 15.77 5.29
N GLU F 173 23.57 16.69 4.97
CA GLU F 173 23.93 18.03 4.52
C GLU F 173 24.43 18.87 5.70
N ASN F 174 23.59 18.99 6.76
CA ASN F 174 23.85 19.74 8.00
C ASN F 174 25.15 19.34 8.70
N GLY F 175 25.56 18.09 8.54
CA GLY F 175 26.78 17.56 9.13
C GLY F 175 27.75 16.96 8.12
N LYS F 176 27.90 17.60 6.94
CA LYS F 176 28.80 17.09 5.90
C LYS F 176 30.28 17.14 6.31
N GLU F 177 30.65 18.06 7.21
CA GLU F 177 32.01 18.20 7.72
C GLU F 177 32.40 17.00 8.59
N THR F 178 31.42 16.43 9.31
CA THR F 178 31.59 15.28 10.21
C THR F 178 31.22 13.95 9.52
N LEU F 179 30.02 13.88 8.92
CA LEU F 179 29.47 12.66 8.36
C LEU F 179 30.03 12.28 6.99
N GLN F 180 30.12 13.22 6.05
CA GLN F 180 30.60 12.93 4.69
C GLN F 180 32.13 12.74 4.59
N ARG F 181 32.88 13.01 5.68
CA ARG F 181 34.35 12.83 5.75
C ARG F 181 34.77 11.36 5.66
N THR F 182 36.03 11.12 5.23
CA THR F 182 36.68 9.81 5.17
C THR F 182 38.08 9.99 5.75
N ASP F 183 38.34 9.32 6.87
CA ASP F 183 39.62 9.38 7.57
C ASP F 183 40.38 8.08 7.32
N PRO F 184 41.56 8.13 6.67
CA PRO F 184 42.29 6.88 6.42
C PRO F 184 43.00 6.37 7.69
N PRO F 185 43.36 5.07 7.78
CA PRO F 185 44.04 4.61 8.99
C PRO F 185 45.52 4.98 9.06
N LYS F 186 45.94 5.44 10.24
CA LYS F 186 47.33 5.79 10.52
C LYS F 186 47.98 4.48 10.96
N THR F 187 48.60 3.78 10.01
CA THR F 187 49.19 2.46 10.25
C THR F 187 50.66 2.50 10.67
N HIS F 188 51.02 1.56 11.57
CA HIS F 188 52.37 1.34 12.09
C HIS F 188 52.52 -0.13 12.53
N MET F 189 53.76 -0.59 12.77
CA MET F 189 54.02 -1.96 13.21
C MET F 189 54.80 -2.02 14.52
N THR F 190 54.47 -2.99 15.38
CA THR F 190 55.16 -3.20 16.67
C THR F 190 55.76 -4.60 16.74
N HIS F 191 56.93 -4.69 17.39
CA HIS F 191 57.72 -5.91 17.54
C HIS F 191 57.93 -6.25 19.02
N HIS F 192 57.47 -7.45 19.43
CA HIS F 192 57.60 -7.94 20.81
C HIS F 192 58.18 -9.35 20.78
N PRO F 193 59.42 -9.57 21.27
CA PRO F 193 59.99 -10.92 21.24
C PRO F 193 59.48 -11.77 22.40
N ILE F 194 58.69 -12.82 22.09
CA ILE F 194 58.10 -13.68 23.14
C ILE F 194 59.14 -14.64 23.78
N SER F 195 60.16 -15.05 23.00
CA SER F 195 61.23 -15.93 23.47
C SER F 195 62.58 -15.48 22.88
N ASP F 196 63.25 -16.36 22.12
CA ASP F 196 64.52 -16.13 21.44
C ASP F 196 64.42 -16.75 20.05
N HIS F 197 63.47 -17.69 19.90
CA HIS F 197 63.16 -18.43 18.67
C HIS F 197 61.88 -17.92 18.02
N GLU F 198 61.04 -17.16 18.77
CA GLU F 198 59.78 -16.61 18.29
C GLU F 198 59.55 -15.15 18.67
N ALA F 199 58.90 -14.39 17.77
CA ALA F 199 58.54 -12.98 17.93
C ALA F 199 57.07 -12.71 17.57
N THR F 200 56.50 -11.60 18.08
CA THR F 200 55.12 -11.19 17.82
C THR F 200 55.07 -9.85 17.08
N LEU F 201 54.54 -9.87 15.84
CA LEU F 201 54.38 -8.68 15.00
C LEU F 201 52.92 -8.26 14.97
N ARG F 202 52.64 -7.04 15.43
CA ARG F 202 51.29 -6.48 15.52
C ARG F 202 51.15 -5.28 14.59
N CYS F 203 50.18 -5.36 13.66
CA CYS F 203 49.89 -4.31 12.69
C CYS F 203 48.76 -3.45 13.23
N TRP F 204 49.02 -2.15 13.40
CA TRP F 204 48.06 -1.21 13.93
C TRP F 204 47.44 -0.37 12.84
N ALA F 205 46.19 0.06 13.05
CA ALA F 205 45.41 0.94 12.16
C ALA F 205 44.63 1.84 13.11
N LEU F 206 45.01 3.13 13.16
CA LEU F 206 44.39 4.06 14.11
C LEU F 206 43.79 5.31 13.47
N GLY F 207 42.79 5.88 14.14
CA GLY F 207 42.10 7.10 13.74
C GLY F 207 41.35 7.10 12.42
N PHE F 208 40.75 5.94 12.06
CA PHE F 208 40.00 5.77 10.81
C PHE F 208 38.47 5.89 10.98
N TYR F 209 37.81 6.51 9.98
CA TYR F 209 36.35 6.68 9.89
C TYR F 209 35.91 6.60 8.41
N PRO F 210 34.89 5.77 8.04
CA PRO F 210 34.02 4.91 8.87
C PRO F 210 34.72 3.67 9.45
N ALA F 211 34.06 3.03 10.42
CA ALA F 211 34.51 1.85 11.18
C ALA F 211 34.84 0.60 10.34
N GLU F 212 34.27 0.45 9.12
CA GLU F 212 34.53 -0.72 8.27
C GLU F 212 35.95 -0.72 7.68
N ILE F 213 36.70 -1.80 7.98
CA ILE F 213 38.11 -2.00 7.57
C ILE F 213 38.44 -3.51 7.54
N THR F 214 39.51 -3.88 6.83
CA THR F 214 40.02 -5.26 6.79
C THR F 214 41.52 -5.25 7.00
N LEU F 215 41.98 -5.99 8.01
CA LEU F 215 43.40 -6.11 8.35
C LEU F 215 43.80 -7.58 8.28
N THR F 216 44.36 -7.97 7.12
CA THR F 216 44.76 -9.36 6.87
C THR F 216 46.28 -9.48 6.71
N TRP F 217 46.88 -10.45 7.41
CA TRP F 217 48.31 -10.75 7.36
C TRP F 217 48.61 -11.70 6.20
N GLN F 218 49.78 -11.53 5.57
CA GLN F 218 50.20 -12.36 4.43
C GLN F 218 51.59 -12.95 4.64
N ARG F 219 51.68 -14.29 4.52
CA ARG F 219 52.93 -15.05 4.62
C ARG F 219 53.27 -15.53 3.21
N ASP F 220 54.26 -14.89 2.57
CA ASP F 220 54.73 -15.15 1.20
C ASP F 220 53.60 -15.01 0.17
N GLY F 221 52.74 -13.99 0.37
CA GLY F 221 51.60 -13.71 -0.50
C GLY F 221 50.27 -14.24 0.02
N GLU F 222 50.24 -15.52 0.45
CA GLU F 222 49.03 -16.20 0.94
C GLU F 222 48.55 -15.73 2.31
N ASP F 223 47.25 -15.35 2.39
CA ASP F 223 46.57 -14.88 3.61
C ASP F 223 46.40 -16.02 4.61
N GLN F 224 46.51 -15.69 5.91
CA GLN F 224 46.39 -16.67 6.99
C GLN F 224 45.27 -16.34 7.98
N THR F 225 44.72 -17.38 8.61
CA THR F 225 43.69 -17.31 9.65
C THR F 225 44.27 -17.88 10.95
N GLN F 226 45.28 -18.78 10.81
CA GLN F 226 46.00 -19.42 11.92
C GLN F 226 47.00 -18.41 12.47
N ASP F 227 47.07 -18.30 13.82
CA ASP F 227 47.94 -17.39 14.60
C ASP F 227 47.58 -15.88 14.39
N THR F 228 46.65 -15.58 13.47
CA THR F 228 46.19 -14.22 13.17
C THR F 228 45.22 -13.75 14.25
N GLU F 229 45.75 -13.16 15.33
CA GLU F 229 44.99 -12.61 16.44
C GLU F 229 44.40 -11.28 15.97
N LEU F 230 43.07 -11.24 15.80
CA LEU F 230 42.35 -10.06 15.34
C LEU F 230 41.39 -9.57 16.41
N VAL F 231 41.51 -8.29 16.81
CA VAL F 231 40.62 -7.71 17.81
C VAL F 231 39.46 -6.98 17.12
N GLU F 232 38.32 -6.90 17.82
CA GLU F 232 37.11 -6.22 17.36
C GLU F 232 37.40 -4.72 17.18
N THR F 233 36.83 -4.10 16.12
CA THR F 233 37.01 -2.67 15.86
C THR F 233 36.46 -1.88 17.05
N ARG F 234 37.32 -1.03 17.64
CA ARG F 234 37.01 -0.28 18.84
C ARG F 234 36.95 1.24 18.64
N PRO F 235 35.98 1.94 19.27
CA PRO F 235 35.94 3.40 19.13
C PRO F 235 37.08 4.07 19.89
N ALA F 236 37.64 5.13 19.31
CA ALA F 236 38.72 5.89 19.93
C ALA F 236 38.14 6.74 21.06
N GLY F 237 36.92 7.23 20.87
CA GLY F 237 36.21 8.08 21.82
C GLY F 237 36.03 9.49 21.29
N ASP F 238 36.86 9.87 20.30
CA ASP F 238 36.83 11.18 19.65
C ASP F 238 35.92 11.22 18.41
N GLY F 239 35.73 10.07 17.77
CA GLY F 239 34.89 9.93 16.58
C GLY F 239 35.44 8.96 15.55
N THR F 240 36.69 8.55 15.73
CA THR F 240 37.42 7.64 14.85
C THR F 240 37.50 6.24 15.47
N PHE F 241 38.13 5.28 14.76
CA PHE F 241 38.23 3.90 15.22
C PHE F 241 39.68 3.32 15.18
N GLN F 242 39.89 2.22 15.92
CA GLN F 242 41.17 1.52 16.05
C GLN F 242 40.97 0.01 15.86
N LYS F 243 41.99 -0.68 15.34
CA LYS F 243 41.96 -2.12 15.15
C LYS F 243 43.38 -2.63 14.96
N TRP F 244 43.69 -3.81 15.52
CA TRP F 244 44.99 -4.40 15.33
C TRP F 244 44.93 -5.90 15.03
N ALA F 245 45.81 -6.31 14.12
CA ALA F 245 45.99 -7.69 13.71
C ALA F 245 47.40 -8.09 14.15
N ALA F 246 47.54 -9.28 14.74
CA ALA F 246 48.84 -9.75 15.21
C ALA F 246 49.08 -11.20 14.85
N VAL F 247 50.32 -11.54 14.48
CA VAL F 247 50.68 -12.90 14.12
C VAL F 247 52.06 -13.30 14.72
N VAL F 248 52.16 -14.56 15.20
CA VAL F 248 53.41 -15.05 15.79
C VAL F 248 54.32 -15.55 14.64
N VAL F 249 55.56 -15.03 14.63
CA VAL F 249 56.57 -15.30 13.61
C VAL F 249 57.89 -15.77 14.23
N PRO F 250 58.52 -16.85 13.70
CA PRO F 250 59.82 -17.30 14.25
C PRO F 250 60.92 -16.24 14.06
N SER F 251 61.78 -16.06 15.09
CA SER F 251 62.85 -15.07 15.11
C SER F 251 63.88 -15.25 13.98
N GLY F 252 63.71 -14.41 12.95
CA GLY F 252 64.54 -14.39 11.76
C GLY F 252 63.74 -14.16 10.48
N GLU F 253 62.72 -15.03 10.27
CA GLU F 253 61.84 -15.01 9.09
C GLU F 253 60.67 -13.99 9.22
N GLU F 254 61.00 -12.78 9.68
CA GLU F 254 60.06 -11.66 9.86
C GLU F 254 59.69 -11.00 8.54
N GLN F 255 60.57 -11.10 7.53
CA GLN F 255 60.40 -10.49 6.21
C GLN F 255 59.42 -11.23 5.30
N ARG F 256 59.12 -12.50 5.60
CA ARG F 256 58.17 -13.32 4.83
C ARG F 256 56.72 -12.90 5.12
N TYR F 257 56.52 -12.17 6.23
CA TYR F 257 55.22 -11.69 6.71
C TYR F 257 55.02 -10.19 6.39
N THR F 258 53.87 -9.87 5.74
CA THR F 258 53.47 -8.50 5.38
C THR F 258 51.97 -8.34 5.63
N CYS F 259 51.56 -7.24 6.27
CA CYS F 259 50.15 -7.02 6.55
C CYS F 259 49.49 -6.10 5.54
N HIS F 260 48.21 -6.37 5.24
CA HIS F 260 47.42 -5.63 4.27
C HIS F 260 46.21 -4.94 4.89
N VAL F 261 46.12 -3.61 4.69
CA VAL F 261 45.05 -2.75 5.20
C VAL F 261 44.21 -2.27 4.02
N GLN F 262 42.88 -2.41 4.13
CA GLN F 262 41.94 -1.97 3.09
C GLN F 262 40.86 -1.11 3.75
N HIS F 263 40.79 0.17 3.35
CA HIS F 263 39.83 1.15 3.89
C HIS F 263 39.25 2.06 2.79
N GLU F 264 37.99 2.50 2.99
CA GLU F 264 37.23 3.39 2.12
C GLU F 264 37.97 4.72 1.87
N GLY F 265 38.59 5.26 2.93
CA GLY F 265 39.34 6.51 2.88
C GLY F 265 40.79 6.35 2.45
N LEU F 266 41.18 5.12 2.08
CA LEU F 266 42.52 4.78 1.62
C LEU F 266 42.56 4.72 0.08
N PRO F 267 43.28 5.66 -0.59
CA PRO F 267 43.34 5.67 -2.07
C PRO F 267 43.80 4.36 -2.70
N LYS F 268 44.81 3.71 -2.09
CA LYS F 268 45.35 2.42 -2.51
C LYS F 268 45.62 1.53 -1.28
N PRO F 269 45.22 0.24 -1.31
CA PRO F 269 45.43 -0.63 -0.13
C PRO F 269 46.89 -0.72 0.32
N LEU F 270 47.12 -0.42 1.61
CA LEU F 270 48.43 -0.42 2.27
C LEU F 270 49.02 -1.82 2.41
N THR F 271 50.37 -1.88 2.40
CA THR F 271 51.17 -3.09 2.56
C THR F 271 52.31 -2.73 3.52
N LEU F 272 52.30 -3.31 4.73
CA LEU F 272 53.29 -3.01 5.74
C LEU F 272 54.35 -4.10 5.92
N ARG F 273 55.62 -3.71 5.80
CA ARG F 273 56.80 -4.58 5.89
C ARG F 273 57.60 -4.24 7.15
N TRP F 274 58.53 -5.14 7.56
CA TRP F 274 59.38 -4.91 8.71
C TRP F 274 60.84 -4.67 8.31
N MET G 1 16.92 -18.20 29.71
CA MET G 1 17.40 -17.26 28.69
C MET G 1 18.90 -17.46 28.44
N ILE G 2 19.29 -17.74 27.17
CA ILE G 2 20.70 -17.93 26.77
C ILE G 2 21.43 -16.56 26.84
N GLN G 3 22.41 -16.47 27.76
CA GLN G 3 23.12 -15.23 28.07
C GLN G 3 24.54 -15.18 27.50
N ARG G 4 24.88 -14.04 26.88
CA ARG G 4 26.17 -13.77 26.27
C ARG G 4 27.08 -12.98 27.21
N THR G 5 28.35 -13.39 27.30
CA THR G 5 29.35 -12.84 28.20
C THR G 5 30.06 -11.59 27.56
N PRO G 6 30.43 -10.55 28.36
CA PRO G 6 31.06 -9.36 27.75
C PRO G 6 32.49 -9.58 27.27
N LYS G 7 32.89 -8.83 26.25
CA LYS G 7 34.23 -8.85 25.69
C LYS G 7 34.86 -7.52 26.09
N ILE G 8 35.78 -7.57 27.05
CA ILE G 8 36.44 -6.38 27.59
C ILE G 8 37.73 -6.04 26.81
N GLN G 9 37.94 -4.73 26.56
CA GLN G 9 39.09 -4.16 25.87
C GLN G 9 39.53 -2.86 26.57
N VAL G 10 40.79 -2.82 27.08
CA VAL G 10 41.32 -1.63 27.74
C VAL G 10 42.40 -1.02 26.86
N TYR G 11 42.20 0.24 26.46
CA TYR G 11 43.10 0.97 25.56
C TYR G 11 43.02 2.48 25.77
N SER G 12 44.01 3.19 25.20
CA SER G 12 44.14 4.64 25.26
C SER G 12 43.66 5.21 23.92
N ARG G 13 43.09 6.43 23.93
CA ARG G 13 42.60 7.11 22.72
C ARG G 13 43.75 7.29 21.73
N HIS G 14 44.80 8.00 22.18
CA HIS G 14 45.99 8.28 21.41
C HIS G 14 47.14 7.39 21.92
N PRO G 15 48.22 7.13 21.15
CA PRO G 15 49.29 6.24 21.68
C PRO G 15 49.91 6.80 22.95
N ALA G 16 50.06 5.93 23.97
CA ALA G 16 50.59 6.30 25.27
C ALA G 16 52.06 6.72 25.24
N GLU G 17 52.28 7.92 25.77
CA GLU G 17 53.56 8.59 25.91
C GLU G 17 53.47 9.20 27.31
N ASN G 18 54.25 8.63 28.25
CA ASN G 18 54.28 8.98 29.67
C ASN G 18 54.50 10.46 29.94
N GLY G 19 53.54 11.07 30.62
CA GLY G 19 53.56 12.49 30.96
C GLY G 19 52.60 13.34 30.17
N LYS G 20 52.07 12.79 29.07
CA LYS G 20 51.12 13.48 28.19
C LYS G 20 49.68 13.02 28.44
N SER G 21 48.76 13.99 28.65
CA SER G 21 47.33 13.74 28.89
C SER G 21 46.68 13.02 27.71
N ASN G 22 45.92 11.97 28.03
CA ASN G 22 45.24 11.10 27.08
C ASN G 22 43.85 10.75 27.62
N PHE G 23 43.25 9.66 27.11
CA PHE G 23 41.94 9.17 27.54
C PHE G 23 41.97 7.65 27.64
N LEU G 24 41.61 7.13 28.81
CA LEU G 24 41.58 5.70 29.06
C LEU G 24 40.19 5.16 28.76
N ASN G 25 40.12 4.18 27.85
CA ASN G 25 38.88 3.57 27.38
C ASN G 25 38.74 2.12 27.79
N CYS G 26 37.51 1.73 28.16
CA CYS G 26 37.10 0.36 28.45
C CYS G 26 35.90 0.07 27.59
N TYR G 27 36.09 -0.76 26.56
CA TYR G 27 35.07 -1.12 25.60
C TYR G 27 34.55 -2.51 25.83
N VAL G 28 33.33 -2.59 26.42
CA VAL G 28 32.61 -3.83 26.68
C VAL G 28 31.61 -4.04 25.54
N SER G 29 31.58 -5.24 24.96
CA SER G 29 30.71 -5.58 23.85
C SER G 29 30.35 -7.06 23.80
N GLY G 30 29.38 -7.39 22.95
CA GLY G 30 28.91 -8.76 22.72
C GLY G 30 28.19 -9.40 23.88
N PHE G 31 27.70 -8.59 24.83
CA PHE G 31 27.00 -9.08 26.02
C PHE G 31 25.49 -8.96 25.97
N HIS G 32 24.81 -9.94 26.57
CA HIS G 32 23.36 -10.00 26.73
C HIS G 32 23.06 -10.79 28.02
N PRO G 33 22.32 -10.23 29.02
CA PRO G 33 21.57 -8.96 29.05
C PRO G 33 22.38 -7.66 29.15
N SER G 34 21.65 -6.52 29.12
CA SER G 34 22.18 -5.16 29.14
C SER G 34 22.81 -4.72 30.45
N ASP G 35 22.22 -5.10 31.62
CA ASP G 35 22.71 -4.69 32.93
C ASP G 35 24.15 -5.15 33.19
N ILE G 36 25.07 -4.17 33.19
CA ILE G 36 26.51 -4.39 33.40
C ILE G 36 27.08 -3.29 34.29
N GLU G 37 28.16 -3.59 35.03
CA GLU G 37 28.85 -2.63 35.86
C GLU G 37 30.32 -2.62 35.50
N VAL G 38 30.78 -1.45 35.05
CA VAL G 38 32.13 -1.23 34.59
C VAL G 38 32.77 -0.10 35.41
N ASP G 39 33.94 -0.39 35.98
CA ASP G 39 34.73 0.57 36.74
C ASP G 39 36.11 0.67 36.13
N LEU G 40 36.69 1.87 36.14
CA LEU G 40 38.04 2.11 35.67
C LEU G 40 38.89 2.39 36.90
N LEU G 41 40.04 1.73 36.99
CA LEU G 41 40.87 1.84 38.18
C LEU G 41 42.26 2.43 37.94
N LYS G 42 42.63 3.45 38.75
CA LYS G 42 43.98 4.04 38.76
C LYS G 42 44.64 3.42 39.99
N ASN G 43 45.71 2.62 39.75
CA ASN G 43 46.45 1.83 40.74
C ASN G 43 45.41 0.93 41.42
N GLY G 44 45.19 1.09 42.72
CA GLY G 44 44.17 0.33 43.42
C GLY G 44 42.81 0.97 43.21
N GLU G 45 42.71 2.24 43.63
CA GLU G 45 41.58 3.16 43.64
C GLU G 45 40.72 3.19 42.36
N ARG G 46 39.42 3.55 42.53
CA ARG G 46 38.41 3.69 41.48
C ARG G 46 38.37 5.15 41.03
N ILE G 47 38.29 5.39 39.71
CA ILE G 47 38.22 6.73 39.13
C ILE G 47 36.76 7.22 39.22
N GLU G 48 36.55 8.37 39.88
CA GLU G 48 35.22 8.95 40.11
C GLU G 48 34.59 9.61 38.86
N LYS G 49 35.38 10.40 38.09
CA LYS G 49 34.86 11.12 36.92
C LYS G 49 34.84 10.23 35.62
N VAL G 50 34.29 9.01 35.73
CA VAL G 50 34.17 8.12 34.57
C VAL G 50 32.84 8.37 33.87
N GLU G 51 32.92 8.67 32.56
CA GLU G 51 31.79 8.89 31.66
C GLU G 51 31.62 7.65 30.78
N HIS G 52 30.37 7.39 30.32
CA HIS G 52 30.07 6.24 29.48
C HIS G 52 29.13 6.56 28.31
N SER G 53 29.23 5.76 27.22
CA SER G 53 28.39 5.91 26.03
C SER G 53 26.94 5.44 26.30
N ASP G 54 26.02 5.73 25.38
CA ASP G 54 24.63 5.30 25.51
C ASP G 54 24.49 3.87 25.06
N LEU G 55 23.53 3.13 25.67
CA LEU G 55 23.28 1.72 25.34
C LEU G 55 22.81 1.54 23.92
N SER G 56 23.57 0.76 23.16
CA SER G 56 23.29 0.41 21.78
C SER G 56 23.65 -1.06 21.61
N PHE G 57 23.24 -1.67 20.50
CA PHE G 57 23.50 -3.08 20.23
C PHE G 57 23.89 -3.34 18.77
N SER G 58 24.59 -4.45 18.54
CA SER G 58 25.06 -4.89 17.23
C SER G 58 23.93 -5.65 16.50
N LYS G 59 24.18 -6.04 15.24
CA LYS G 59 23.27 -6.78 14.37
C LYS G 59 22.70 -8.05 15.05
N ASP G 60 23.55 -8.77 15.80
CA ASP G 60 23.24 -10.00 16.53
C ASP G 60 22.49 -9.79 17.86
N TRP G 61 22.03 -8.55 18.14
CA TRP G 61 21.26 -8.13 19.32
C TRP G 61 22.11 -7.95 20.59
N SER G 62 23.41 -8.26 20.53
CA SER G 62 24.33 -8.08 21.66
C SER G 62 24.68 -6.61 21.87
N PHE G 63 24.70 -6.15 23.12
CA PHE G 63 24.99 -4.77 23.48
C PHE G 63 26.46 -4.41 23.48
N TYR G 64 26.75 -3.09 23.51
CA TYR G 64 28.08 -2.50 23.61
C TYR G 64 28.05 -1.12 24.27
N LEU G 65 29.08 -0.83 25.07
CA LEU G 65 29.25 0.44 25.76
C LEU G 65 30.72 0.89 25.74
N LEU G 66 30.97 2.17 26.06
CA LEU G 66 32.31 2.71 26.14
C LEU G 66 32.48 3.58 27.38
N TYR G 67 33.20 3.05 28.36
CA TYR G 67 33.53 3.77 29.58
C TYR G 67 34.87 4.44 29.34
N TYR G 68 34.96 5.76 29.56
CA TYR G 68 36.14 6.58 29.28
C TYR G 68 36.39 7.64 30.34
N THR G 69 37.68 7.96 30.58
CA THR G 69 38.15 8.95 31.54
C THR G 69 39.50 9.55 31.11
N GLU G 70 39.79 10.78 31.59
CA GLU G 70 41.04 11.49 31.33
C GLU G 70 42.13 10.88 32.25
N PHE G 71 43.35 10.70 31.71
CA PHE G 71 44.50 10.17 32.44
C PHE G 71 45.81 10.60 31.81
N THR G 72 46.88 10.58 32.61
CA THR G 72 48.24 10.86 32.16
C THR G 72 49.04 9.60 32.55
N PRO G 73 49.45 8.74 31.59
CA PRO G 73 50.19 7.54 31.98
C PRO G 73 51.63 7.84 32.43
N THR G 74 52.18 6.96 33.27
CA THR G 74 53.56 7.00 33.79
C THR G 74 54.02 5.54 33.84
N GLU G 75 55.34 5.29 34.01
CA GLU G 75 55.86 3.91 34.07
C GLU G 75 55.47 3.20 35.38
N LYS G 76 55.28 3.98 36.45
CA LYS G 76 54.95 3.48 37.79
C LYS G 76 53.45 3.15 37.98
N ASP G 77 52.54 4.02 37.49
CA ASP G 77 51.08 3.84 37.64
C ASP G 77 50.50 2.66 36.86
N GLU G 78 49.53 1.96 37.50
CA GLU G 78 48.82 0.82 36.93
C GLU G 78 47.37 1.19 36.62
N TYR G 79 46.92 0.97 35.37
CA TYR G 79 45.55 1.27 34.98
C TYR G 79 44.82 -0.01 34.62
N ALA G 80 43.59 -0.18 35.12
CA ALA G 80 42.80 -1.38 34.88
C ALA G 80 41.31 -1.10 34.76
N CYS G 81 40.54 -2.10 34.31
CA CYS G 81 39.10 -2.00 34.17
C CYS G 81 38.42 -3.17 34.88
N ARG G 82 37.49 -2.88 35.81
CA ARG G 82 36.73 -3.85 36.59
C ARG G 82 35.34 -4.03 35.99
N VAL G 83 35.08 -5.21 35.42
CA VAL G 83 33.80 -5.49 34.74
C VAL G 83 33.00 -6.63 35.40
N ASN G 84 31.74 -6.35 35.78
CA ASN G 84 30.85 -7.38 36.32
C ASN G 84 29.53 -7.49 35.54
N HIS G 85 29.17 -8.73 35.21
CA HIS G 85 27.97 -9.10 34.48
C HIS G 85 27.35 -10.35 35.10
N VAL G 86 26.10 -10.67 34.74
CA VAL G 86 25.38 -11.83 35.26
C VAL G 86 26.06 -13.17 34.85
N THR G 87 26.72 -13.20 33.66
CA THR G 87 27.43 -14.37 33.13
C THR G 87 28.74 -14.64 33.91
N LEU G 88 29.16 -13.64 34.72
CA LEU G 88 30.38 -13.72 35.52
C LEU G 88 30.05 -13.84 37.00
N SER G 89 30.54 -14.93 37.63
CA SER G 89 30.36 -15.21 39.05
C SER G 89 31.10 -14.15 39.89
N GLN G 90 32.36 -13.86 39.49
CA GLN G 90 33.24 -12.85 40.10
C GLN G 90 33.71 -11.89 39.00
N PRO G 91 33.79 -10.57 39.29
CA PRO G 91 34.19 -9.60 38.24
C PRO G 91 35.57 -9.77 37.63
N LYS G 92 35.65 -9.60 36.31
CA LYS G 92 36.89 -9.65 35.52
C LYS G 92 37.64 -8.33 35.68
N ILE G 93 38.96 -8.42 35.85
CA ILE G 93 39.81 -7.24 35.99
C ILE G 93 40.82 -7.30 34.87
N VAL G 94 40.61 -6.49 33.82
CA VAL G 94 41.51 -6.44 32.67
C VAL G 94 42.42 -5.24 32.86
N LYS G 95 43.74 -5.50 32.97
CA LYS G 95 44.74 -4.46 33.16
C LYS G 95 45.10 -3.83 31.81
N TRP G 96 45.40 -2.53 31.81
CA TRP G 96 45.76 -1.82 30.60
C TRP G 96 47.21 -2.05 30.20
N ASP G 97 47.41 -2.83 29.13
CA ASP G 97 48.72 -3.09 28.55
C ASP G 97 48.91 -2.07 27.43
N ARG G 98 49.94 -1.23 27.57
CA ARG G 98 50.33 -0.15 26.66
C ARG G 98 50.49 -0.61 25.20
N ASP G 99 51.00 -1.85 24.99
CA ASP G 99 51.26 -2.42 23.68
C ASP G 99 50.09 -3.24 23.08
N MET G 100 48.88 -3.13 23.69
CA MET G 100 47.66 -3.83 23.26
C MET G 100 46.40 -2.96 23.35
N GLY H 1 15.19 11.51 12.07
CA GLY H 1 13.81 11.64 12.55
C GLY H 1 13.18 10.28 12.76
N THR H 2 12.71 10.04 13.99
CA THR H 2 12.08 8.78 14.40
C THR H 2 10.75 8.53 13.69
N SER H 3 10.32 7.25 13.72
CA SER H 3 9.05 6.77 13.19
C SER H 3 8.02 6.94 14.28
N GLY H 4 6.92 7.59 13.94
CA GLY H 4 5.79 7.81 14.84
C GLY H 4 4.57 7.02 14.41
N SER H 5 4.64 6.43 13.21
CA SER H 5 3.61 5.64 12.58
C SER H 5 4.29 4.47 11.85
N PRO H 6 3.97 3.18 12.17
CA PRO H 6 2.97 2.68 13.13
C PRO H 6 3.52 2.32 14.50
N ILE H 7 2.77 2.68 15.53
CA ILE H 7 3.02 2.37 16.93
C ILE H 7 1.74 1.72 17.47
N VAL H 8 1.65 0.40 17.24
CA VAL H 8 0.56 -0.47 17.68
C VAL H 8 1.14 -1.59 18.56
N ASN H 9 0.34 -2.07 19.52
CA ASN H 9 0.76 -3.14 20.43
C ASN H 9 0.91 -4.46 19.68
N ARG H 10 1.79 -5.34 20.18
CA ARG H 10 1.99 -6.64 19.55
C ARG H 10 1.43 -7.79 20.41
N GLN I 1 -3.72 24.90 14.15
CA GLN I 1 -2.67 25.47 13.30
C GLN I 1 -3.01 25.45 11.77
N PRO I 2 -3.69 24.45 11.14
CA PRO I 2 -3.99 24.60 9.71
C PRO I 2 -4.93 25.77 9.42
N VAL I 3 -4.70 26.42 8.28
CA VAL I 3 -5.57 27.51 7.86
C VAL I 3 -6.70 26.83 7.10
N GLN I 4 -7.92 26.95 7.62
CA GLN I 4 -9.10 26.34 7.03
C GLN I 4 -10.06 27.44 6.60
N SER I 5 -10.19 27.61 5.27
CA SER I 5 -11.08 28.59 4.65
C SER I 5 -12.11 27.88 3.76
N PRO I 6 -13.40 28.35 3.66
CA PRO I 6 -13.99 29.52 4.33
C PRO I 6 -14.37 29.29 5.80
N GLN I 7 -14.41 30.37 6.57
CA GLN I 7 -14.77 30.38 7.99
C GLN I 7 -16.22 29.90 8.15
N ALA I 8 -17.08 30.31 7.20
CA ALA I 8 -18.50 29.99 7.09
C ALA I 8 -18.89 30.18 5.63
N VAL I 9 -19.84 29.37 5.16
CA VAL I 9 -20.34 29.44 3.79
C VAL I 9 -21.84 29.11 3.74
N ILE I 10 -22.58 29.85 2.89
CA ILE I 10 -24.03 29.69 2.69
C ILE I 10 -24.29 29.42 1.21
N LEU I 11 -24.92 28.27 0.88
CA LEU I 11 -25.21 27.86 -0.50
C LEU I 11 -26.67 27.47 -0.65
N ARG I 12 -27.18 27.53 -1.89
CA ARG I 12 -28.54 27.09 -2.21
C ARG I 12 -28.42 25.59 -2.56
N GLU I 13 -29.51 24.82 -2.43
CA GLU I 13 -29.54 23.38 -2.72
C GLU I 13 -29.08 23.08 -4.17
N GLY I 14 -28.09 22.21 -4.32
CA GLY I 14 -27.55 21.82 -5.61
C GLY I 14 -26.28 22.54 -6.01
N GLU I 15 -25.94 23.63 -5.27
CA GLU I 15 -24.73 24.44 -5.49
C GLU I 15 -23.48 23.74 -4.94
N ASP I 16 -22.29 24.15 -5.43
CA ASP I 16 -21.00 23.58 -5.07
C ASP I 16 -20.18 24.47 -4.14
N ALA I 17 -19.44 23.82 -3.23
CA ALA I 17 -18.54 24.46 -2.29
C ALA I 17 -17.23 23.71 -2.20
N ILE I 18 -16.14 24.44 -1.88
CA ILE I 18 -14.79 23.90 -1.67
C ILE I 18 -14.23 24.48 -0.38
N ILE I 19 -13.81 23.59 0.53
CA ILE I 19 -13.19 23.95 1.81
C ILE I 19 -11.70 23.60 1.64
N ASN I 20 -10.78 24.54 1.95
CA ASN I 20 -9.34 24.31 1.82
C ASN I 20 -8.64 24.24 3.17
N CYS I 21 -7.76 23.24 3.34
CA CYS I 21 -6.95 22.97 4.54
C CYS I 21 -5.50 23.11 4.14
N SER I 22 -4.78 24.07 4.75
CA SER I 22 -3.38 24.33 4.39
C SER I 22 -2.45 24.40 5.56
N SER I 23 -1.25 23.84 5.38
CA SER I 23 -0.19 23.82 6.39
C SER I 23 1.02 24.64 5.96
N SER I 24 1.74 25.18 6.95
CA SER I 24 2.97 25.94 6.74
C SER I 24 4.09 24.96 6.44
N LYS I 25 4.04 23.78 7.07
CA LYS I 25 5.02 22.71 6.97
C LYS I 25 4.53 21.49 6.16
N ALA I 26 5.47 20.62 5.72
CA ALA I 26 5.19 19.41 4.93
C ALA I 26 4.25 18.47 5.66
N LEU I 27 3.21 18.02 4.95
CA LEU I 27 2.14 17.16 5.46
C LEU I 27 2.51 15.70 5.68
N TYR I 28 1.81 15.06 6.64
CA TYR I 28 1.87 13.64 6.97
C TYR I 28 0.50 13.08 6.58
N SER I 29 -0.55 13.44 7.33
CA SER I 29 -1.91 13.01 7.04
C SER I 29 -2.90 14.16 7.25
N VAL I 30 -3.96 14.19 6.42
CA VAL I 30 -5.03 15.19 6.52
C VAL I 30 -6.33 14.46 6.78
N HIS I 31 -6.94 14.75 7.93
CA HIS I 31 -8.22 14.20 8.36
C HIS I 31 -9.33 15.16 8.01
N TRP I 32 -10.55 14.65 7.95
CA TRP I 32 -11.75 15.43 7.71
C TRP I 32 -12.83 14.88 8.60
N TYR I 33 -13.47 15.76 9.35
CA TYR I 33 -14.54 15.44 10.28
C TYR I 33 -15.70 16.37 10.04
N ARG I 34 -16.93 15.90 10.30
CA ARG I 34 -18.12 16.72 10.19
C ARG I 34 -18.90 16.63 11.48
N GLN I 35 -19.32 17.79 12.01
CA GLN I 35 -20.17 17.75 13.18
C GLN I 35 -21.41 18.68 13.03
N LYS I 36 -22.56 18.01 13.13
CA LYS I 36 -23.88 18.64 13.07
C LYS I 36 -24.16 19.12 14.47
N HIS I 37 -24.85 20.28 14.60
CA HIS I 37 -25.21 20.87 15.90
C HIS I 37 -25.82 19.76 16.78
N GLY I 38 -25.00 19.27 17.70
CA GLY I 38 -25.36 18.14 18.57
C GLY I 38 -24.86 16.81 18.02
N GLU I 39 -23.57 16.43 18.23
CA GLU I 39 -22.51 17.17 18.94
C GLU I 39 -21.13 16.52 18.76
N ALA I 40 -21.08 15.24 18.36
CA ALA I 40 -19.83 14.53 18.19
C ALA I 40 -19.27 14.67 16.76
N PRO I 41 -17.94 14.92 16.59
CA PRO I 41 -17.40 14.99 15.23
C PRO I 41 -17.35 13.59 14.60
N ILE I 42 -17.96 13.43 13.42
CA ILE I 42 -18.01 12.16 12.70
C ILE I 42 -16.92 12.12 11.64
N PHE I 43 -16.15 11.02 11.60
CA PHE I 43 -15.06 10.80 10.67
C PHE I 43 -15.53 10.65 9.23
N LEU I 44 -14.94 11.43 8.33
CA LEU I 44 -15.26 11.39 6.91
C LEU I 44 -14.20 10.67 6.12
N MET I 45 -12.99 11.25 6.04
CA MET I 45 -11.84 10.70 5.30
C MET I 45 -10.50 11.01 5.95
N ILE I 46 -9.47 10.31 5.50
CA ILE I 46 -8.07 10.50 5.87
C ILE I 46 -7.27 10.51 4.57
N LEU I 47 -6.27 11.39 4.45
CA LEU I 47 -5.49 11.51 3.21
C LEU I 47 -3.99 11.58 3.47
N LEU I 48 -3.21 10.78 2.74
CA LEU I 48 -1.75 10.69 2.88
C LEU I 48 -1.04 10.42 1.53
N LYS I 49 0.28 10.09 1.55
CA LYS I 49 1.13 9.88 0.37
C LYS I 49 0.62 8.84 -0.67
N GLY I 50 -0.12 7.82 -0.24
CA GLY I 50 -0.65 6.81 -1.15
C GLY I 50 -2.15 6.87 -1.36
N GLY I 51 -2.80 7.83 -0.69
CA GLY I 51 -4.23 8.05 -0.76
C GLY I 51 -4.56 9.51 -0.88
N GLU I 52 -4.08 10.14 -1.96
CA GLU I 52 -4.27 11.55 -2.24
C GLU I 52 -5.69 11.88 -2.69
N GLN I 53 -6.44 10.90 -3.19
CA GLN I 53 -7.81 11.10 -3.66
C GLN I 53 -8.71 10.11 -2.95
N LYS I 54 -9.60 10.63 -2.09
CA LYS I 54 -10.54 9.83 -1.32
C LYS I 54 -11.97 10.37 -1.44
N GLY I 55 -12.94 9.58 -1.01
CA GLY I 55 -14.35 9.93 -1.07
C GLY I 55 -15.17 9.37 0.07
N HIS I 56 -16.25 10.08 0.43
CA HIS I 56 -17.21 9.72 1.45
C HIS I 56 -18.60 10.06 0.94
N ASP I 57 -19.39 9.02 0.62
CA ASP I 57 -20.74 9.09 0.04
C ASP I 57 -20.73 9.90 -1.28
N LYS I 58 -21.09 11.20 -1.24
CA LYS I 58 -21.09 12.03 -2.44
C LYS I 58 -20.06 13.18 -2.31
N ILE I 59 -19.18 13.10 -1.29
CA ILE I 59 -18.15 14.11 -1.03
C ILE I 59 -16.79 13.54 -1.37
N SER I 60 -15.99 14.31 -2.12
CA SER I 60 -14.62 13.99 -2.51
C SER I 60 -13.65 14.86 -1.72
N ALA I 61 -12.42 14.37 -1.54
CA ALA I 61 -11.34 15.10 -0.88
C ALA I 61 -10.03 14.81 -1.58
N SER I 62 -9.18 15.83 -1.71
CA SER I 62 -7.86 15.74 -2.34
C SER I 62 -6.75 16.07 -1.34
N PHE I 63 -5.53 15.61 -1.64
CA PHE I 63 -4.31 15.80 -0.86
C PHE I 63 -3.20 16.18 -1.83
N ASN I 64 -2.47 17.26 -1.54
CA ASN I 64 -1.39 17.74 -2.41
C ASN I 64 -0.13 17.96 -1.56
N GLU I 65 0.75 16.94 -1.55
CA GLU I 65 1.98 16.98 -0.74
C GLU I 65 2.93 18.13 -1.11
N LYS I 66 2.95 18.56 -2.39
CA LYS I 66 3.80 19.64 -2.87
C LYS I 66 3.32 20.99 -2.37
N LYS I 67 2.02 21.28 -2.55
CA LYS I 67 1.44 22.56 -2.14
C LYS I 67 1.06 22.63 -0.64
N GLN I 68 1.32 21.55 0.15
CA GLN I 68 1.02 21.42 1.60
C GLN I 68 -0.44 21.82 1.86
N GLN I 69 -1.31 21.35 0.96
CA GLN I 69 -2.73 21.66 0.89
C GLN I 69 -3.57 20.40 0.76
N SER I 70 -4.87 20.52 1.10
CA SER I 70 -5.90 19.49 1.03
C SER I 70 -7.24 20.19 0.93
N SER I 71 -8.13 19.68 0.06
CA SER I 71 -9.43 20.30 -0.15
C SER I 71 -10.61 19.33 -0.05
N LEU I 72 -11.75 19.82 0.44
CA LEU I 72 -12.99 19.05 0.54
C LEU I 72 -13.94 19.57 -0.53
N TYR I 73 -14.47 18.65 -1.35
CA TYR I 73 -15.34 19.01 -2.46
C TYR I 73 -16.81 18.64 -2.24
N LEU I 74 -17.64 19.66 -1.85
CA LEU I 74 -19.09 19.52 -1.66
C LEU I 74 -19.70 19.76 -3.02
N THR I 75 -20.17 18.68 -3.69
CA THR I 75 -20.60 18.80 -5.08
C THR I 75 -22.10 19.29 -5.12
N ALA I 76 -23.09 18.53 -5.59
CA ALA I 76 -24.45 19.05 -5.69
C ALA I 76 -25.10 18.99 -4.30
N SER I 77 -24.79 19.99 -3.46
CA SER I 77 -25.16 20.08 -2.04
C SER I 77 -26.64 19.82 -1.71
N GLN I 78 -26.82 18.94 -0.70
CA GLN I 78 -28.12 18.53 -0.18
C GLN I 78 -28.33 19.17 1.19
N LEU I 79 -29.60 19.40 1.60
CA LEU I 79 -29.95 20.01 2.90
C LEU I 79 -29.27 19.32 4.09
N SER I 80 -29.09 17.98 4.01
CA SER I 80 -28.44 17.16 5.03
C SER I 80 -26.98 17.53 5.30
N TYR I 81 -26.32 18.19 4.35
CA TYR I 81 -24.92 18.60 4.40
C TYR I 81 -24.56 19.53 5.57
N SER I 82 -25.52 20.31 6.09
CA SER I 82 -25.31 21.22 7.22
C SER I 82 -24.88 20.45 8.51
N GLY I 83 -23.89 20.93 9.28
CA GLY I 83 -23.22 22.20 9.03
C GLY I 83 -21.73 22.35 9.27
N THR I 84 -21.16 21.84 10.40
CA THR I 84 -19.75 22.18 10.63
C THR I 84 -18.78 21.06 10.18
N TYR I 85 -17.81 21.48 9.33
CA TYR I 85 -16.79 20.62 8.76
C TYR I 85 -15.41 21.06 9.22
N PHE I 86 -14.63 20.11 9.76
CA PHE I 86 -13.29 20.36 10.25
C PHE I 86 -12.27 19.55 9.49
N CYS I 87 -11.08 20.13 9.33
CA CYS I 87 -9.95 19.44 8.77
C CYS I 87 -8.93 19.37 9.90
N GLY I 88 -8.12 18.33 9.87
CA GLY I 88 -7.11 18.12 10.89
C GLY I 88 -5.78 17.78 10.27
N LEU I 89 -4.73 18.17 10.95
CA LEU I 89 -3.38 17.87 10.52
C LEU I 89 -2.79 16.85 11.47
N GLY I 90 -2.11 15.86 10.91
CA GLY I 90 -1.49 14.79 11.68
C GLY I 90 0.01 14.96 11.78
N ASP I 91 0.56 14.72 12.99
CA ASP I 91 1.97 14.71 13.34
C ASP I 91 2.64 13.55 12.62
N ALA I 92 3.89 13.23 13.01
CA ALA I 92 4.63 12.07 12.53
C ALA I 92 3.99 10.83 13.17
N GLY I 93 3.23 11.07 14.24
CA GLY I 93 2.52 10.05 15.01
C GLY I 93 1.01 10.19 14.93
N ASN I 94 0.50 10.92 13.92
CA ASN I 94 -0.92 11.16 13.62
C ASN I 94 -1.65 11.97 14.71
N MET I 95 -0.92 12.81 15.46
CA MET I 95 -1.55 13.64 16.48
C MET I 95 -2.28 14.79 15.79
N LEU I 96 -3.58 14.95 16.08
CA LEU I 96 -4.41 15.92 15.41
C LEU I 96 -4.42 17.32 15.96
N THR I 97 -4.31 18.28 15.02
CA THR I 97 -4.44 19.71 15.26
C THR I 97 -5.49 20.19 14.28
N PHE I 98 -6.68 20.50 14.82
CA PHE I 98 -7.84 20.91 14.04
C PHE I 98 -7.73 22.31 13.47
N GLY I 99 -8.44 22.53 12.36
CA GLY I 99 -8.54 23.83 11.72
C GLY I 99 -9.66 24.61 12.36
N GLY I 100 -9.87 25.83 11.89
CA GLY I 100 -10.92 26.70 12.43
C GLY I 100 -12.32 26.13 12.33
N GLY I 101 -12.56 25.39 11.26
CA GLY I 101 -13.85 24.80 10.96
C GLY I 101 -14.53 25.62 9.88
N THR I 102 -15.51 25.01 9.22
CA THR I 102 -16.30 25.64 8.17
C THR I 102 -17.75 25.42 8.50
N ARG I 103 -18.49 26.52 8.72
CA ARG I 103 -19.92 26.49 8.99
C ARG I 103 -20.63 26.50 7.64
N LEU I 104 -21.05 25.34 7.16
CA LEU I 104 -21.75 25.19 5.90
C LEU I 104 -23.25 25.21 6.14
N MET I 105 -23.94 26.17 5.52
CA MET I 105 -25.39 26.28 5.67
C MET I 105 -26.09 26.17 4.31
N VAL I 106 -26.75 25.04 4.08
CA VAL I 106 -27.47 24.78 2.82
C VAL I 106 -28.90 25.30 2.91
N LYS I 107 -29.22 26.29 2.05
CA LYS I 107 -30.54 26.91 1.94
C LYS I 107 -31.34 26.11 0.91
N PRO I 108 -32.61 25.74 1.20
CA PRO I 108 -33.37 24.92 0.23
C PRO I 108 -33.92 25.71 -0.94
N HIS I 109 -34.37 24.99 -1.99
CA HIS I 109 -35.02 25.62 -3.11
C HIS I 109 -36.52 25.42 -2.95
N ILE I 110 -37.27 26.53 -2.83
CA ILE I 110 -38.72 26.50 -2.64
C ILE I 110 -39.43 26.68 -4.01
N GLN I 111 -40.14 25.61 -4.43
CA GLN I 111 -40.86 25.51 -5.71
C GLN I 111 -41.99 26.54 -5.85
N ASN I 112 -43.00 26.47 -4.95
CA ASN I 112 -44.15 27.37 -4.95
C ASN I 112 -44.17 28.15 -3.62
N PRO I 113 -43.43 29.29 -3.55
CA PRO I 113 -43.38 30.03 -2.28
C PRO I 113 -44.57 30.97 -2.06
N ASP I 114 -45.50 30.57 -1.17
CA ASP I 114 -46.64 31.38 -0.79
C ASP I 114 -46.55 31.76 0.71
N PRO I 115 -45.85 32.88 1.03
CA PRO I 115 -45.69 33.25 2.46
C PRO I 115 -47.02 33.57 3.12
N ALA I 116 -47.12 33.29 4.43
CA ALA I 116 -48.33 33.51 5.23
C ALA I 116 -48.05 33.46 6.73
N VAL I 117 -48.68 34.37 7.48
CA VAL I 117 -48.59 34.46 8.94
C VAL I 117 -49.88 33.85 9.53
N TYR I 118 -49.73 32.91 10.46
CA TYR I 118 -50.85 32.24 11.14
C TYR I 118 -50.71 32.35 12.66
N GLN I 119 -51.84 32.37 13.38
CA GLN I 119 -51.86 32.45 14.83
C GLN I 119 -52.33 31.09 15.38
N LEU I 120 -51.53 30.49 16.28
CA LEU I 120 -51.84 29.19 16.87
C LEU I 120 -52.23 29.32 18.34
N ARG I 121 -53.32 28.63 18.73
CA ARG I 121 -53.82 28.61 20.11
C ARG I 121 -53.29 27.38 20.85
N ASP I 122 -52.92 27.54 22.13
CA ASP I 122 -52.37 26.51 23.01
C ASP I 122 -53.38 25.40 23.33
N SER I 123 -52.90 24.13 23.32
CA SER I 123 -53.68 22.91 23.62
C SER I 123 -54.34 22.99 25.01
N LYS I 124 -53.56 23.40 26.02
CA LYS I 124 -53.98 23.62 27.40
C LYS I 124 -53.89 25.14 27.62
N SER I 125 -54.85 25.73 28.35
CA SER I 125 -54.87 27.18 28.58
C SER I 125 -53.60 27.70 29.29
N SER I 126 -52.91 28.67 28.63
CA SER I 126 -51.68 29.30 29.10
C SER I 126 -51.66 30.80 28.72
N ASP I 127 -50.65 31.55 29.21
CA ASP I 127 -50.50 32.98 28.93
C ASP I 127 -50.12 33.23 27.46
N LYS I 128 -51.04 33.91 26.73
CA LYS I 128 -50.96 34.30 25.32
C LYS I 128 -50.75 33.08 24.34
N SER I 129 -50.49 33.38 23.05
CA SER I 129 -50.34 32.41 21.97
C SER I 129 -49.17 32.77 21.04
N VAL I 130 -48.80 31.85 20.14
CA VAL I 130 -47.68 32.02 19.21
C VAL I 130 -48.14 32.33 17.77
N CYS I 131 -47.29 33.08 17.05
CA CYS I 131 -47.49 33.49 15.66
C CYS I 131 -46.39 32.87 14.80
N LEU I 132 -46.78 32.28 13.66
CA LEU I 132 -45.85 31.59 12.78
C LEU I 132 -45.84 32.09 11.34
N PHE I 133 -44.65 32.50 10.85
CA PHE I 133 -44.42 32.95 9.48
C PHE I 133 -43.81 31.77 8.70
N THR I 134 -44.65 31.08 7.91
CA THR I 134 -44.23 29.88 7.19
C THR I 134 -44.37 30.00 5.64
N ASP I 135 -43.90 28.96 4.92
CA ASP I 135 -43.92 28.77 3.46
C ASP I 135 -43.28 29.95 2.65
N PHE I 136 -42.31 30.66 3.25
CA PHE I 136 -41.66 31.79 2.61
C PHE I 136 -40.38 31.40 1.85
N ASP I 137 -39.84 32.34 1.07
CA ASP I 137 -38.66 32.20 0.22
C ASP I 137 -37.36 32.14 1.03
N SER I 138 -36.38 31.34 0.55
CA SER I 138 -35.06 31.18 1.16
C SER I 138 -34.24 32.47 1.12
N GLN I 139 -34.52 33.33 0.12
CA GLN I 139 -33.86 34.62 -0.05
C GLN I 139 -34.33 35.64 1.00
N THR I 140 -35.62 35.58 1.40
CA THR I 140 -36.19 36.48 2.41
C THR I 140 -35.66 36.12 3.81
N ASN I 141 -35.01 37.11 4.46
CA ASN I 141 -34.39 36.94 5.79
C ASN I 141 -35.25 37.45 6.93
N VAL I 142 -35.20 36.75 8.07
CA VAL I 142 -35.95 37.09 9.28
C VAL I 142 -35.05 37.91 10.21
N SER I 143 -35.51 39.14 10.57
CA SER I 143 -34.78 40.05 11.47
C SER I 143 -35.15 39.83 12.94
N GLN I 144 -34.26 40.24 13.87
CA GLN I 144 -34.45 40.11 15.32
C GLN I 144 -35.62 40.96 15.86
N SER I 145 -36.16 40.57 17.03
CA SER I 145 -37.24 41.29 17.68
C SER I 145 -36.71 42.57 18.32
N LYS I 146 -37.19 43.74 17.84
CA LYS I 146 -36.78 45.06 18.32
C LYS I 146 -37.27 45.36 19.75
N ASP I 147 -38.50 44.90 20.07
CA ASP I 147 -39.12 45.07 21.39
C ASP I 147 -38.60 44.03 22.39
N SER I 148 -38.43 44.44 23.66
CA SER I 148 -37.94 43.59 24.75
C SER I 148 -38.92 42.48 25.12
N ASP I 149 -40.22 42.82 25.30
CA ASP I 149 -41.28 41.87 25.69
C ASP I 149 -41.75 40.91 24.56
N VAL I 150 -41.32 41.17 23.30
CA VAL I 150 -41.64 40.34 22.13
C VAL I 150 -40.40 39.49 21.79
N TYR I 151 -40.59 38.16 21.63
CA TYR I 151 -39.51 37.22 21.30
C TYR I 151 -39.76 36.57 19.95
N ILE I 152 -38.84 36.79 18.97
CA ILE I 152 -39.02 36.20 17.65
C ILE I 152 -37.74 35.38 17.27
N THR I 153 -37.99 34.08 16.94
CA THR I 153 -36.95 33.10 16.60
C THR I 153 -36.53 33.19 15.14
N ASP I 154 -35.30 32.73 14.82
CA ASP I 154 -34.75 32.72 13.47
C ASP I 154 -35.41 31.63 12.62
N LYS I 155 -35.27 31.73 11.27
CA LYS I 155 -35.86 30.79 10.30
C LYS I 155 -35.35 29.35 10.48
N CYS I 156 -36.22 28.38 10.17
CA CYS I 156 -35.99 26.95 10.33
C CYS I 156 -36.44 26.19 9.08
N VAL I 157 -35.62 25.24 8.60
CA VAL I 157 -35.93 24.43 7.41
C VAL I 157 -36.56 23.10 7.79
N LEU I 158 -37.85 22.93 7.44
CA LEU I 158 -38.63 21.72 7.73
C LEU I 158 -38.29 20.54 6.82
N ASP I 159 -38.44 19.31 7.34
CA ASP I 159 -38.19 18.04 6.65
C ASP I 159 -39.45 17.56 5.89
N MET I 160 -39.55 16.24 5.63
CA MET I 160 -40.70 15.65 4.93
C MET I 160 -40.99 14.21 5.42
N ARG I 161 -42.28 13.79 5.34
CA ARG I 161 -42.71 12.43 5.69
C ARG I 161 -42.26 11.44 4.60
N SER I 162 -42.36 11.90 3.33
CA SER I 162 -42.01 11.31 2.02
C SER I 162 -42.68 12.20 0.95
N MET I 163 -43.39 13.26 1.40
CA MET I 163 -44.13 14.24 0.60
C MET I 163 -43.24 15.04 -0.38
N ASP I 164 -41.92 15.05 -0.13
CA ASP I 164 -40.86 15.73 -0.88
C ASP I 164 -41.14 17.25 -0.97
N PHE I 165 -41.54 17.82 0.18
CA PHE I 165 -41.86 19.22 0.43
C PHE I 165 -41.07 19.70 1.64
N LYS I 166 -40.46 20.89 1.51
CA LYS I 166 -39.67 21.52 2.57
C LYS I 166 -39.99 23.02 2.61
N SER I 167 -40.32 23.55 3.79
CA SER I 167 -40.67 24.97 3.95
C SER I 167 -39.94 25.65 5.09
N ASN I 168 -39.65 26.95 4.91
CA ASN I 168 -39.01 27.79 5.92
C ASN I 168 -40.06 28.26 6.91
N SER I 169 -39.67 28.45 8.19
CA SER I 169 -40.58 28.86 9.26
C SER I 169 -39.90 29.58 10.41
N ALA I 170 -40.56 30.63 10.92
CA ALA I 170 -40.12 31.46 12.05
C ALA I 170 -41.27 31.62 13.05
N VAL I 171 -40.96 31.60 14.36
CA VAL I 171 -41.96 31.69 15.43
C VAL I 171 -41.81 33.00 16.20
N ALA I 172 -42.94 33.65 16.51
CA ALA I 172 -43.01 34.90 17.26
C ALA I 172 -44.04 34.80 18.39
N TRP I 173 -43.72 35.40 19.56
CA TRP I 173 -44.60 35.44 20.73
C TRP I 173 -44.22 36.58 21.67
N SER I 174 -45.17 36.95 22.56
CA SER I 174 -44.99 38.02 23.55
C SER I 174 -45.88 37.83 24.77
N ASN I 175 -45.40 38.29 25.94
CA ASN I 175 -46.12 38.22 27.23
C ASN I 175 -47.12 39.38 27.41
N LYS I 176 -47.11 40.38 26.50
CA LYS I 176 -47.99 41.54 26.54
C LYS I 176 -49.30 41.36 25.73
N SER I 177 -50.36 42.09 26.12
CA SER I 177 -51.69 42.07 25.52
C SER I 177 -51.77 42.75 24.13
N ASP I 178 -51.04 43.87 23.95
CA ASP I 178 -51.00 44.68 22.72
C ASP I 178 -50.37 43.95 21.50
N PHE I 179 -49.82 42.74 21.69
CA PHE I 179 -49.20 41.93 20.63
C PHE I 179 -50.25 41.37 19.66
N ALA I 180 -49.98 41.51 18.35
CA ALA I 180 -50.86 41.06 17.27
C ALA I 180 -50.11 40.24 16.21
N CYS I 181 -50.84 39.35 15.52
CA CYS I 181 -50.32 38.44 14.48
C CYS I 181 -49.79 39.18 13.24
N ALA I 182 -50.57 40.13 12.69
CA ALA I 182 -50.16 40.91 11.51
C ALA I 182 -49.09 41.94 11.86
N ASN I 183 -49.10 42.44 13.11
CA ASN I 183 -48.17 43.44 13.61
C ASN I 183 -46.89 42.85 14.22
N ALA I 184 -46.72 41.51 14.15
CA ALA I 184 -45.56 40.79 14.70
C ALA I 184 -44.27 40.98 13.89
N PHE I 185 -44.23 40.44 12.65
CA PHE I 185 -43.08 40.49 11.75
C PHE I 185 -43.09 41.80 10.93
N ASN I 186 -42.84 42.93 11.61
CA ASN I 186 -42.84 44.26 11.00
C ASN I 186 -41.44 44.75 10.61
N ASN I 187 -40.48 44.67 11.54
CA ASN I 187 -39.08 45.09 11.32
C ASN I 187 -38.37 44.14 10.33
N SER I 188 -38.83 42.88 10.26
CA SER I 188 -38.30 41.86 9.34
C SER I 188 -38.83 42.11 7.94
N ILE I 189 -37.96 41.94 6.91
CA ILE I 189 -38.29 42.23 5.50
C ILE I 189 -39.44 41.30 5.00
N ILE I 190 -40.69 41.85 5.11
CA ILE I 190 -41.94 41.17 4.73
C ILE I 190 -42.17 41.20 3.21
N PRO I 191 -42.50 40.04 2.59
CA PRO I 191 -42.74 40.02 1.13
C PRO I 191 -44.13 40.52 0.73
N GLU I 192 -44.33 40.76 -0.59
CA GLU I 192 -45.59 41.25 -1.17
C GLU I 192 -46.51 40.09 -1.63
N ASP I 193 -46.83 39.18 -0.68
CA ASP I 193 -47.70 38.01 -0.89
C ASP I 193 -48.31 37.49 0.43
N THR I 194 -47.65 37.77 1.59
CA THR I 194 -48.06 37.28 2.91
C THR I 194 -49.45 37.86 3.35
N PHE I 195 -50.45 36.95 3.40
CA PHE I 195 -51.82 37.26 3.79
C PHE I 195 -52.06 37.04 5.29
N PHE I 196 -52.86 37.93 5.91
CA PHE I 196 -53.18 37.85 7.33
C PHE I 196 -54.67 37.53 7.54
N PRO I 197 -55.01 36.33 8.06
CA PRO I 197 -56.44 36.00 8.28
C PRO I 197 -57.02 36.71 9.50
N SER I 198 -58.29 37.15 9.41
CA SER I 198 -59.00 37.86 10.47
C SER I 198 -59.32 36.95 11.67
N ALA J 1 -19.76 -1.11 18.15
CA ALA J 1 -18.83 -0.89 19.24
C ALA J 1 -19.10 0.44 19.96
N GLY J 2 -18.61 1.55 19.39
CA GLY J 2 -18.78 2.91 19.91
C GLY J 2 -17.82 3.31 21.01
N VAL J 3 -17.64 4.65 21.20
CA VAL J 3 -16.79 5.22 22.25
C VAL J 3 -17.72 5.77 23.32
N ALA J 4 -17.52 5.30 24.55
CA ALA J 4 -18.33 5.68 25.70
C ALA J 4 -17.75 6.91 26.39
N GLN J 5 -18.64 7.82 26.80
CA GLN J 5 -18.36 9.06 27.51
C GLN J 5 -19.49 9.33 28.50
N SER J 6 -19.14 9.66 29.76
CA SER J 6 -20.13 9.92 30.80
C SER J 6 -19.73 11.10 31.69
N PRO J 7 -20.67 12.01 32.06
CA PRO J 7 -22.09 12.08 31.66
C PRO J 7 -22.25 12.82 30.34
N ARG J 8 -23.49 13.02 29.84
CA ARG J 8 -23.69 13.77 28.59
C ARG J 8 -23.51 15.26 28.90
N TYR J 9 -24.07 15.71 30.04
CA TYR J 9 -24.06 17.10 30.50
C TYR J 9 -23.74 17.15 31.98
N LYS J 10 -23.11 18.24 32.43
CA LYS J 10 -22.82 18.46 33.85
C LYS J 10 -22.84 19.95 34.18
N ILE J 11 -23.47 20.30 35.30
CA ILE J 11 -23.54 21.66 35.82
C ILE J 11 -22.70 21.71 37.09
N ILE J 12 -21.73 22.63 37.12
CA ILE J 12 -20.89 22.84 38.28
C ILE J 12 -20.84 24.33 38.59
N GLU J 13 -20.68 24.67 39.88
CA GLU J 13 -20.57 26.06 40.32
C GLU J 13 -19.09 26.40 40.29
N LYS J 14 -18.75 27.68 40.03
CA LYS J 14 -17.39 28.22 39.98
C LYS J 14 -16.62 27.77 41.23
N ARG J 15 -15.35 27.36 41.05
CA ARG J 15 -14.41 26.90 42.09
C ARG J 15 -14.68 25.45 42.59
N GLN J 16 -15.61 24.70 41.97
CA GLN J 16 -15.90 23.31 42.36
C GLN J 16 -15.15 22.28 41.47
N SER J 17 -15.32 20.98 41.77
CA SER J 17 -14.65 19.91 41.04
C SER J 17 -15.54 19.08 40.15
N VAL J 18 -14.96 18.59 39.05
CA VAL J 18 -15.66 17.75 38.09
C VAL J 18 -14.74 16.58 37.64
N ALA J 19 -15.35 15.53 37.09
CA ALA J 19 -14.67 14.35 36.56
C ALA J 19 -15.42 13.88 35.33
N PHE J 20 -14.69 13.62 34.24
CA PHE J 20 -15.25 13.15 32.98
C PHE J 20 -14.73 11.78 32.72
N TRP J 21 -15.64 10.86 32.46
CA TRP J 21 -15.27 9.48 32.19
C TRP J 21 -15.31 9.20 30.72
N CYS J 22 -14.46 8.26 30.29
CA CYS J 22 -14.41 7.84 28.91
C CYS J 22 -13.89 6.42 28.72
N ASN J 23 -14.52 5.65 27.81
CA ASN J 23 -14.09 4.32 27.44
C ASN J 23 -13.84 4.22 25.93
N PRO J 24 -12.60 3.88 25.52
CA PRO J 24 -12.32 3.76 24.09
C PRO J 24 -12.91 2.47 23.52
N ILE J 25 -12.72 2.25 22.20
CA ILE J 25 -13.12 1.01 21.55
C ILE J 25 -12.13 -0.03 22.07
N SER J 26 -12.59 -1.26 22.35
CA SER J 26 -11.73 -2.31 22.89
C SER J 26 -10.47 -2.58 22.03
N GLY J 27 -9.33 -2.66 22.72
CA GLY J 27 -8.03 -2.91 22.11
C GLY J 27 -7.35 -1.68 21.53
N HIS J 28 -7.99 -0.50 21.63
CA HIS J 28 -7.42 0.74 21.08
C HIS J 28 -6.34 1.25 22.01
N ALA J 29 -5.09 1.31 21.51
CA ALA J 29 -3.94 1.74 22.28
C ALA J 29 -3.93 3.23 22.60
N THR J 30 -4.33 4.07 21.62
CA THR J 30 -4.33 5.52 21.78
C THR J 30 -5.67 6.08 22.23
N LEU J 31 -5.62 7.04 23.16
CA LEU J 31 -6.76 7.76 23.70
C LEU J 31 -6.41 9.25 23.71
N TYR J 32 -7.38 10.10 23.34
CA TYR J 32 -7.20 11.55 23.29
C TYR J 32 -8.33 12.22 24.05
N TRP J 33 -8.03 13.39 24.66
CA TRP J 33 -8.99 14.29 25.32
C TRP J 33 -8.85 15.62 24.61
N TYR J 34 -9.97 16.13 24.10
CA TYR J 34 -10.08 17.39 23.38
C TYR J 34 -11.13 18.31 24.01
N GLN J 35 -10.81 19.60 24.13
CA GLN J 35 -11.75 20.61 24.66
C GLN J 35 -12.34 21.38 23.49
N GLN J 36 -13.67 21.44 23.41
CA GLN J 36 -14.34 22.17 22.34
C GLN J 36 -15.14 23.37 22.86
N ILE J 37 -14.57 24.58 22.73
CA ILE J 37 -15.20 25.82 23.17
C ILE J 37 -16.03 26.40 22.03
N LEU J 38 -17.32 26.69 22.30
CA LEU J 38 -18.29 27.31 21.39
C LEU J 38 -18.23 26.78 19.95
N GLY J 39 -18.32 25.45 19.84
CA GLY J 39 -18.30 24.72 18.58
C GLY J 39 -17.15 25.01 17.65
N GLN J 40 -16.01 25.49 18.19
CA GLN J 40 -14.82 25.82 17.41
C GLN J 40 -13.98 24.55 17.20
N GLY J 41 -12.75 24.72 16.72
CA GLY J 41 -11.84 23.62 16.52
C GLY J 41 -11.45 23.01 17.85
N PRO J 42 -11.70 21.70 18.07
CA PRO J 42 -11.31 21.09 19.36
C PRO J 42 -9.80 21.16 19.61
N LYS J 43 -9.42 21.60 20.82
CA LYS J 43 -8.03 21.75 21.23
C LYS J 43 -7.62 20.52 22.03
N LEU J 44 -6.48 19.91 21.68
CA LEU J 44 -5.97 18.73 22.36
C LEU J 44 -5.54 19.05 23.79
N LEU J 45 -5.98 18.23 24.76
CA LEU J 45 -5.64 18.37 26.18
C LEU J 45 -4.55 17.38 26.60
N ILE J 46 -4.74 16.07 26.29
CA ILE J 46 -3.81 14.98 26.65
C ILE J 46 -3.91 13.79 25.67
N GLN J 47 -2.80 13.09 25.44
CA GLN J 47 -2.75 11.87 24.63
C GLN J 47 -2.11 10.79 25.44
N PHE J 48 -2.73 9.61 25.43
CA PHE J 48 -2.26 8.45 26.15
C PHE J 48 -1.96 7.33 25.19
N GLN J 49 -0.80 6.70 25.36
CA GLN J 49 -0.43 5.49 24.65
C GLN J 49 -0.47 4.47 25.77
N ASN J 50 -1.55 3.67 25.81
CA ASN J 50 -1.79 2.68 26.85
C ASN J 50 -1.87 3.34 28.24
N ASN J 51 -1.11 2.84 29.24
CA ASN J 51 -1.10 3.35 30.62
C ASN J 51 -0.48 4.75 30.81
N GLY J 52 0.30 5.21 29.84
CA GLY J 52 1.04 6.47 29.98
C GLY J 52 0.82 7.57 28.97
N VAL J 53 1.20 8.79 29.39
CA VAL J 53 1.10 10.04 28.64
C VAL J 53 2.21 10.17 27.56
N VAL J 54 1.83 10.72 26.39
CA VAL J 54 2.71 11.00 25.25
C VAL J 54 2.91 12.52 25.20
N ASP J 55 1.81 13.29 25.24
CA ASP J 55 1.82 14.75 25.26
C ASP J 55 0.80 15.27 26.27
N ASP J 56 1.25 16.12 27.20
CA ASP J 56 0.40 16.76 28.22
C ASP J 56 0.66 18.26 28.34
N SER J 57 1.50 18.82 27.42
CA SER J 57 1.88 20.23 27.38
C SER J 57 0.70 21.19 27.39
N GLN J 58 -0.35 20.86 26.61
CA GLN J 58 -1.52 21.72 26.45
C GLN J 58 -2.55 21.60 27.58
N LEU J 59 -2.37 20.64 28.51
CA LEU J 59 -3.24 20.44 29.67
C LEU J 59 -2.95 21.53 30.72
N PRO J 60 -3.89 22.49 31.01
CA PRO J 60 -3.60 23.52 32.02
C PRO J 60 -3.44 22.93 33.43
N LYS J 61 -2.22 22.42 33.72
CA LYS J 61 -1.77 21.70 34.92
C LYS J 61 -2.22 22.28 36.26
N ASP J 62 -2.47 23.61 36.32
CA ASP J 62 -2.92 24.32 37.52
C ASP J 62 -4.24 23.77 38.10
N ARG J 63 -5.14 23.25 37.23
CA ARG J 63 -6.44 22.71 37.66
C ARG J 63 -6.85 21.40 36.94
N PHE J 64 -6.35 21.18 35.71
CA PHE J 64 -6.63 19.99 34.91
C PHE J 64 -5.66 18.83 35.19
N SER J 65 -6.21 17.62 35.31
CA SER J 65 -5.47 16.36 35.54
C SER J 65 -6.18 15.23 34.79
N ALA J 66 -5.42 14.19 34.41
CA ALA J 66 -5.95 13.05 33.67
C ALA J 66 -5.14 11.80 33.96
N GLU J 67 -5.82 10.64 34.02
CA GLU J 67 -5.18 9.35 34.28
C GLU J 67 -5.88 8.25 33.50
N ARG J 68 -5.09 7.26 33.03
CA ARG J 68 -5.64 6.10 32.31
C ARG J 68 -5.36 4.81 33.08
N LEU J 69 -4.33 4.81 33.92
CA LEU J 69 -3.90 3.75 34.85
C LEU J 69 -3.75 2.33 34.23
N LYS J 70 -4.83 1.72 33.71
CA LYS J 70 -4.79 0.37 33.12
C LYS J 70 -4.87 0.37 31.57
N GLY J 71 -4.74 1.54 30.97
CA GLY J 71 -4.74 1.69 29.51
C GLY J 71 -6.02 1.29 28.82
N VAL J 72 -7.16 1.42 29.52
CA VAL J 72 -8.51 1.12 29.01
C VAL J 72 -9.30 2.42 29.15
N ASP J 73 -10.19 2.55 30.14
CA ASP J 73 -10.96 3.76 30.38
C ASP J 73 -10.12 4.84 31.02
N SER J 74 -10.55 6.12 30.87
CA SER J 74 -9.84 7.26 31.41
C SER J 74 -10.75 8.26 32.12
N THR J 75 -10.16 9.03 33.05
CA THR J 75 -10.84 10.06 33.79
C THR J 75 -10.07 11.38 33.70
N LEU J 76 -10.73 12.43 33.19
CA LEU J 76 -10.21 13.80 33.09
C LEU J 76 -10.90 14.58 34.19
N LYS J 77 -10.11 15.26 35.01
CA LYS J 77 -10.65 16.02 36.14
C LYS J 77 -10.27 17.49 36.06
N ILE J 78 -11.13 18.36 36.61
CA ILE J 78 -10.89 19.80 36.76
C ILE J 78 -11.10 20.11 38.23
N GLN J 79 -10.12 20.77 38.87
CA GLN J 79 -10.14 21.15 40.29
C GLN J 79 -9.13 22.29 40.56
N PRO J 80 -9.59 23.54 40.81
CA PRO J 80 -10.98 24.03 40.82
C PRO J 80 -11.46 24.57 39.47
N ALA J 81 -12.75 24.37 39.14
CA ALA J 81 -13.35 24.83 37.88
C ALA J 81 -13.47 26.36 37.77
N LYS J 82 -13.15 26.89 36.59
CA LYS J 82 -13.23 28.31 36.23
C LYS J 82 -14.34 28.46 35.20
N LEU J 83 -14.93 29.66 35.05
CA LEU J 83 -16.00 29.91 34.06
C LEU J 83 -15.56 29.64 32.62
N GLU J 84 -14.23 29.74 32.34
CA GLU J 84 -13.60 29.46 31.05
C GLU J 84 -13.76 27.98 30.65
N ASP J 85 -13.89 27.08 31.67
CA ASP J 85 -13.97 25.63 31.51
C ASP J 85 -15.32 25.12 30.92
N SER J 86 -16.33 26.00 30.78
CA SER J 86 -17.63 25.67 30.17
C SER J 86 -17.40 25.38 28.69
N ALA J 87 -17.34 24.09 28.33
CA ALA J 87 -17.07 23.60 26.97
C ALA J 87 -17.54 22.16 26.80
N VAL J 88 -17.33 21.59 25.60
CA VAL J 88 -17.63 20.19 25.34
C VAL J 88 -16.32 19.43 25.43
N TYR J 89 -16.27 18.43 26.30
CA TYR J 89 -15.07 17.63 26.51
C TYR J 89 -15.16 16.35 25.73
N LEU J 90 -14.59 16.40 24.53
CA LEU J 90 -14.58 15.31 23.57
C LEU J 90 -13.43 14.39 23.85
N CYS J 91 -13.66 13.12 23.58
CA CYS J 91 -12.66 12.11 23.77
C CYS J 91 -12.69 11.17 22.58
N ALA J 92 -11.49 10.84 22.07
CA ALA J 92 -11.34 10.00 20.90
C ALA J 92 -10.37 8.85 21.16
N SER J 93 -10.46 7.80 20.33
CA SER J 93 -9.60 6.63 20.41
C SER J 93 -9.14 6.17 19.02
N SER J 94 -7.90 5.69 18.98
CA SER J 94 -7.24 5.18 17.78
C SER J 94 -6.63 3.83 18.13
N LEU J 95 -6.53 2.90 17.14
CA LEU J 95 -5.93 1.57 17.37
C LEU J 95 -4.48 1.67 17.86
N GLY J 96 -3.82 2.73 17.42
CA GLY J 96 -2.46 3.11 17.77
C GLY J 96 -2.11 4.39 17.05
N GLN J 97 -0.82 4.65 16.88
CA GLN J 97 -0.32 5.79 16.11
C GLN J 97 0.19 5.08 14.85
N GLY J 98 -0.32 5.32 13.64
CA GLY J 98 -1.30 6.29 13.21
C GLY J 98 -1.22 6.39 11.70
N LEU J 99 -1.58 7.54 11.13
CA LEU J 99 -1.56 7.99 9.73
C LEU J 99 -2.66 7.32 8.85
N LEU J 100 -2.96 6.03 8.94
CA LEU J 100 -4.07 5.44 8.17
C LEU J 100 -5.35 5.51 9.00
N TYR J 101 -5.20 5.62 10.34
CA TYR J 101 -6.32 5.62 11.29
C TYR J 101 -6.95 6.96 11.60
N GLY J 102 -8.23 7.07 11.29
CA GLY J 102 -9.02 8.24 11.65
C GLY J 102 -9.52 8.02 13.07
N TYR J 103 -9.69 9.09 13.86
CA TYR J 103 -10.16 8.99 15.24
C TYR J 103 -11.65 8.66 15.32
N THR J 104 -12.04 7.84 16.31
CA THR J 104 -13.44 7.57 16.60
C THR J 104 -13.70 8.39 17.84
N PHE J 105 -14.51 9.46 17.71
CA PHE J 105 -14.83 10.35 18.83
C PHE J 105 -16.02 9.85 19.60
N GLY J 106 -16.07 10.23 20.87
CA GLY J 106 -17.18 9.94 21.77
C GLY J 106 -18.18 11.07 21.65
N SER J 107 -19.38 10.89 22.23
CA SER J 107 -20.45 11.90 22.12
C SER J 107 -20.22 13.19 22.99
N GLY J 108 -19.10 13.25 23.73
CA GLY J 108 -18.71 14.38 24.55
C GLY J 108 -19.48 14.55 25.86
N THR J 109 -19.05 15.53 26.66
CA THR J 109 -19.67 15.93 27.92
C THR J 109 -19.77 17.46 27.90
N ARG J 110 -21.00 17.98 28.03
CA ARG J 110 -21.21 19.42 28.02
C ARG J 110 -21.15 19.94 29.44
N LEU J 111 -20.02 20.56 29.78
CA LEU J 111 -19.81 21.15 31.08
C LEU J 111 -20.23 22.60 31.02
N THR J 112 -20.92 23.06 32.07
CA THR J 112 -21.32 24.44 32.21
C THR J 112 -20.99 24.88 33.62
N VAL J 113 -20.12 25.88 33.72
CA VAL J 113 -19.69 26.45 34.99
C VAL J 113 -20.57 27.69 35.25
N LEU J 114 -21.15 27.76 36.46
CA LEU J 114 -22.04 28.83 36.89
C LEU J 114 -21.48 29.64 38.04
N GLU J 115 -21.95 30.89 38.19
CA GLU J 115 -21.55 31.74 39.31
C GLU J 115 -22.27 31.27 40.57
N ASP J 116 -23.55 30.87 40.42
CA ASP J 116 -24.40 30.39 41.51
C ASP J 116 -25.37 29.32 40.98
N LEU J 117 -25.48 28.18 41.70
CA LEU J 117 -26.39 27.10 41.34
C LEU J 117 -27.86 27.51 41.42
N ASN J 118 -28.19 28.56 42.21
CA ASN J 118 -29.57 29.00 42.39
C ASN J 118 -30.18 29.70 41.13
N LYS J 119 -29.37 29.90 40.09
CA LYS J 119 -29.83 30.49 38.82
C LYS J 119 -30.12 29.41 37.75
N VAL J 120 -30.11 28.11 38.18
CA VAL J 120 -30.43 26.97 37.32
C VAL J 120 -31.96 26.80 37.35
N PHE J 121 -32.60 26.75 36.17
CA PHE J 121 -34.06 26.62 36.07
C PHE J 121 -34.49 25.54 35.06
N PRO J 122 -35.57 24.76 35.35
CA PRO J 122 -36.03 23.76 34.36
C PRO J 122 -36.91 24.42 33.28
N PRO J 123 -37.20 23.75 32.14
CA PRO J 123 -38.03 24.41 31.11
C PRO J 123 -39.54 24.25 31.30
N GLU J 124 -40.31 25.20 30.74
CA GLU J 124 -41.77 25.20 30.75
C GLU J 124 -42.26 24.92 29.33
N VAL J 125 -42.79 23.71 29.13
CA VAL J 125 -43.20 23.22 27.82
C VAL J 125 -44.72 23.34 27.56
N ALA J 126 -45.04 23.96 26.42
CA ALA J 126 -46.40 24.19 25.93
C ALA J 126 -46.49 23.83 24.44
N VAL J 127 -47.46 22.96 24.11
CA VAL J 127 -47.71 22.53 22.72
C VAL J 127 -48.89 23.32 22.14
N PHE J 128 -48.69 23.93 20.95
CA PHE J 128 -49.67 24.77 20.27
C PHE J 128 -50.30 24.08 19.05
N GLU J 129 -51.64 23.93 19.06
CA GLU J 129 -52.44 23.30 18.01
C GLU J 129 -52.46 24.12 16.69
N PRO J 130 -52.49 23.45 15.50
CA PRO J 130 -52.48 24.19 14.23
C PRO J 130 -53.67 25.10 13.96
N SER J 131 -53.45 26.16 13.17
CA SER J 131 -54.44 27.16 12.78
C SER J 131 -55.36 26.57 11.69
N GLU J 132 -56.69 26.79 11.83
CA GLU J 132 -57.69 26.31 10.86
C GLU J 132 -57.55 27.05 9.51
N ALA J 133 -56.93 28.25 9.54
CA ALA J 133 -56.64 29.07 8.36
C ALA J 133 -55.56 28.37 7.52
N GLU J 134 -54.67 27.58 8.18
CA GLU J 134 -53.56 26.85 7.56
C GLU J 134 -54.01 25.54 6.88
N ILE J 135 -54.91 24.76 7.52
CA ILE J 135 -55.40 23.48 6.99
C ILE J 135 -56.24 23.66 5.70
N SER J 136 -56.86 24.83 5.53
CA SER J 136 -57.65 25.12 4.35
C SER J 136 -56.74 25.63 3.23
N HIS J 137 -55.95 26.68 3.51
CA HIS J 137 -55.05 27.35 2.58
C HIS J 137 -53.90 26.49 2.07
N THR J 138 -53.12 25.87 2.99
CA THR J 138 -51.93 25.10 2.63
C THR J 138 -52.08 23.57 2.76
N GLN J 139 -53.21 23.09 3.34
CA GLN J 139 -53.52 21.66 3.60
C GLN J 139 -52.78 21.18 4.86
N LYS J 140 -51.43 21.13 4.80
CA LYS J 140 -50.52 20.71 5.88
C LYS J 140 -50.78 21.45 7.20
N ALA J 141 -50.70 20.75 8.34
CA ALA J 141 -50.94 21.29 9.68
C ALA J 141 -49.65 21.35 10.50
N THR J 142 -49.33 22.55 11.07
CA THR J 142 -48.08 22.63 11.84
C THR J 142 -48.31 23.00 13.34
N LEU J 143 -47.85 22.05 14.19
CA LEU J 143 -47.86 22.14 15.65
C LEU J 143 -46.55 22.83 16.07
N VAL J 144 -46.63 23.83 16.96
CA VAL J 144 -45.45 24.53 17.46
C VAL J 144 -45.24 24.17 18.94
N CYS J 145 -43.97 24.00 19.35
CA CYS J 145 -43.63 23.70 20.73
C CYS J 145 -42.71 24.75 21.31
N LEU J 146 -42.99 25.17 22.54
CA LEU J 146 -42.20 26.22 23.19
C LEU J 146 -41.70 25.84 24.58
N ALA J 147 -40.37 25.84 24.73
CA ALA J 147 -39.68 25.56 25.99
C ALA J 147 -39.20 26.88 26.51
N THR J 148 -39.74 27.33 27.65
CA THR J 148 -39.41 28.64 28.22
C THR J 148 -38.86 28.61 29.65
N GLY J 149 -38.05 29.62 29.95
CA GLY J 149 -37.45 29.87 31.25
C GLY J 149 -36.51 28.81 31.78
N PHE J 150 -35.60 28.32 30.93
CA PHE J 150 -34.63 27.31 31.34
C PHE J 150 -33.22 27.86 31.32
N TYR J 151 -32.39 27.42 32.26
CA TYR J 151 -30.98 27.80 32.35
C TYR J 151 -30.20 26.67 33.01
N PRO J 152 -29.06 26.23 32.43
CA PRO J 152 -28.45 26.70 31.18
C PRO J 152 -29.06 25.98 29.97
N ASP J 153 -28.47 26.17 28.78
CA ASP J 153 -28.90 25.54 27.52
C ASP J 153 -28.54 24.04 27.52
N HIS J 154 -29.20 23.27 28.39
CA HIS J 154 -28.99 21.83 28.54
C HIS J 154 -30.30 21.12 28.24
N VAL J 155 -30.78 21.30 27.01
CA VAL J 155 -32.04 20.72 26.56
C VAL J 155 -31.88 19.82 25.33
N GLU J 156 -32.85 18.91 25.18
CA GLU J 156 -33.01 17.97 24.07
C GLU J 156 -34.52 17.90 23.74
N LEU J 157 -34.92 18.71 22.73
CA LEU J 157 -36.30 18.79 22.24
C LEU J 157 -36.53 17.71 21.18
N SER J 158 -37.61 16.93 21.36
CA SER J 158 -37.99 15.81 20.49
C SER J 158 -39.50 15.63 20.43
N TRP J 159 -40.00 15.29 19.23
CA TRP J 159 -41.43 15.06 18.98
C TRP J 159 -41.77 13.58 18.99
N TRP J 160 -42.96 13.25 19.51
CA TRP J 160 -43.45 11.88 19.64
C TRP J 160 -44.88 11.70 19.12
N VAL J 161 -45.03 10.87 18.07
CA VAL J 161 -46.34 10.58 17.45
C VAL J 161 -46.68 9.10 17.62
N ASN J 162 -47.73 8.84 18.43
CA ASN J 162 -48.26 7.52 18.76
C ASN J 162 -47.15 6.59 19.34
N GLY J 163 -46.45 7.12 20.35
CA GLY J 163 -45.36 6.45 21.04
C GLY J 163 -44.14 6.17 20.18
N LYS J 164 -43.89 7.01 19.16
CA LYS J 164 -42.73 6.87 18.26
C LYS J 164 -42.07 8.23 18.02
N GLU J 165 -40.74 8.26 18.07
CA GLU J 165 -39.96 9.49 17.85
C GLU J 165 -40.04 9.93 16.39
N VAL J 166 -40.30 11.24 16.17
CA VAL J 166 -40.46 11.83 14.85
C VAL J 166 -39.15 12.46 14.33
N HIS J 167 -38.97 12.38 13.01
CA HIS J 167 -37.82 12.87 12.24
C HIS J 167 -38.35 13.66 11.04
N SER J 168 -39.56 13.28 10.58
CA SER J 168 -40.30 13.80 9.43
C SER J 168 -41.07 15.06 9.74
N GLY J 169 -40.76 16.12 9.00
CA GLY J 169 -41.39 17.44 9.13
C GLY J 169 -41.17 18.09 10.47
N VAL J 170 -39.95 17.94 11.03
CA VAL J 170 -39.56 18.49 12.34
C VAL J 170 -38.43 19.53 12.19
N CYS J 171 -38.57 20.68 12.89
CA CYS J 171 -37.53 21.71 12.89
C CYS J 171 -37.44 22.46 14.21
N THR J 172 -36.31 22.30 14.91
CA THR J 172 -36.00 22.97 16.17
C THR J 172 -34.96 24.05 15.87
N ASP J 173 -34.98 25.16 16.61
CA ASP J 173 -34.01 26.23 16.44
C ASP J 173 -32.60 25.74 16.84
N PRO J 174 -31.54 25.98 16.03
CA PRO J 174 -30.21 25.52 16.45
C PRO J 174 -29.70 26.27 17.68
N GLN J 175 -30.03 27.57 17.80
CA GLN J 175 -29.61 28.40 18.93
C GLN J 175 -30.82 28.89 19.75
N PRO J 176 -30.79 28.82 21.09
CA PRO J 176 -31.93 29.32 21.87
C PRO J 176 -31.94 30.86 21.99
N LEU J 177 -33.09 31.44 22.33
CA LEU J 177 -33.23 32.89 22.52
C LEU J 177 -33.05 33.25 23.98
N LYS J 178 -32.37 34.37 24.27
CA LYS J 178 -32.23 34.84 25.65
C LYS J 178 -33.49 35.63 26.01
N GLU J 179 -34.13 35.27 27.13
CA GLU J 179 -35.36 35.92 27.61
C GLU J 179 -35.13 37.33 28.13
N GLN J 180 -33.90 37.63 28.59
CA GLN J 180 -33.47 38.94 29.08
C GLN J 180 -32.03 39.19 28.61
N PRO J 181 -31.83 39.57 27.29
CA PRO J 181 -30.46 39.72 26.75
C PRO J 181 -29.45 40.58 27.55
N ALA J 182 -29.93 41.53 28.37
CA ALA J 182 -29.11 42.41 29.20
C ALA J 182 -28.23 41.63 30.20
N LEU J 183 -28.78 40.55 30.78
CA LEU J 183 -28.11 39.69 31.76
C LEU J 183 -27.45 38.49 31.09
N ASN J 184 -26.29 38.05 31.60
CA ASN J 184 -25.54 36.91 31.04
C ASN J 184 -26.13 35.57 31.52
N ASP J 185 -26.70 35.55 32.75
CA ASP J 185 -27.33 34.37 33.34
C ASP J 185 -28.82 34.28 32.95
N SER J 186 -29.21 34.99 31.87
CA SER J 186 -30.57 35.05 31.33
C SER J 186 -31.07 33.67 30.93
N ARG J 187 -32.32 33.37 31.34
CA ARG J 187 -33.02 32.12 31.04
C ARG J 187 -33.26 32.04 29.54
N TYR J 188 -33.30 30.84 28.98
CA TYR J 188 -33.48 30.63 27.55
C TYR J 188 -34.91 30.21 27.15
N ALA J 189 -35.20 30.36 25.84
CA ALA J 189 -36.44 29.99 25.16
C ALA J 189 -36.06 29.27 23.86
N LEU J 190 -36.81 28.22 23.48
CA LEU J 190 -36.52 27.44 22.28
C LEU J 190 -37.79 26.91 21.65
N SER J 191 -37.94 27.08 20.32
CA SER J 191 -39.11 26.63 19.57
C SER J 191 -38.84 25.51 18.56
N SER J 192 -39.83 24.62 18.37
CA SER J 192 -39.78 23.53 17.41
C SER J 192 -41.15 23.28 16.79
N ARG J 193 -41.18 23.10 15.46
CA ARG J 193 -42.40 22.88 14.69
C ARG J 193 -42.51 21.44 14.18
N LEU J 194 -43.76 20.96 13.99
CA LEU J 194 -44.07 19.63 13.46
C LEU J 194 -45.14 19.76 12.38
N ARG J 195 -44.73 19.56 11.11
CA ARG J 195 -45.61 19.64 9.95
C ARG J 195 -46.12 18.26 9.54
N VAL J 196 -47.42 18.06 9.75
CA VAL J 196 -48.16 16.82 9.44
C VAL J 196 -49.28 17.10 8.43
N SER J 197 -49.87 16.03 7.85
CA SER J 197 -50.98 16.13 6.89
C SER J 197 -52.28 16.58 7.60
N ALA J 198 -53.20 17.21 6.86
CA ALA J 198 -54.49 17.66 7.39
C ALA J 198 -55.29 16.44 7.85
N THR J 199 -55.34 15.39 6.98
CA THR J 199 -56.00 14.09 7.21
C THR J 199 -55.40 13.38 8.43
N PHE J 200 -54.07 13.51 8.62
CA PHE J 200 -53.32 12.94 9.73
C PHE J 200 -53.60 13.67 11.04
N TRP J 201 -53.70 15.01 11.02
CA TRP J 201 -54.01 15.80 12.21
C TRP J 201 -55.46 15.56 12.67
N GLN J 202 -56.41 15.55 11.72
CA GLN J 202 -57.85 15.43 12.00
C GLN J 202 -58.32 14.06 12.57
N ASN J 203 -57.51 12.99 12.46
CA ASN J 203 -57.84 11.66 13.02
C ASN J 203 -58.07 11.76 14.54
N PRO J 204 -59.24 11.31 15.07
CA PRO J 204 -59.56 11.50 16.49
C PRO J 204 -58.56 10.93 17.52
N ARG J 205 -57.96 9.75 17.25
CA ARG J 205 -57.05 9.20 18.26
C ARG J 205 -55.56 9.08 17.74
N ASN J 206 -55.12 10.12 17.01
CA ASN J 206 -53.75 10.30 16.54
C ASN J 206 -53.05 11.20 17.58
N HIS J 207 -52.13 10.60 18.35
CA HIS J 207 -51.42 11.28 19.45
C HIS J 207 -50.17 12.04 19.02
N PHE J 208 -50.03 13.27 19.55
CA PHE J 208 -48.92 14.19 19.29
C PHE J 208 -48.37 14.64 20.64
N ARG J 209 -47.07 14.39 20.89
CA ARG J 209 -46.42 14.77 22.14
C ARG J 209 -45.12 15.51 21.92
N CYS J 210 -44.89 16.56 22.72
CA CYS J 210 -43.67 17.33 22.70
C CYS J 210 -42.87 17.04 23.97
N GLN J 211 -41.61 16.58 23.79
CA GLN J 211 -40.74 16.21 24.90
C GLN J 211 -39.46 17.05 24.95
N VAL J 212 -39.20 17.68 26.10
CA VAL J 212 -37.98 18.46 26.32
C VAL J 212 -37.22 17.83 27.48
N GLN J 213 -36.05 17.22 27.18
CA GLN J 213 -35.21 16.59 28.19
C GLN J 213 -34.22 17.61 28.70
N PHE J 214 -34.34 17.94 29.98
CA PHE J 214 -33.48 18.89 30.67
C PHE J 214 -32.47 18.13 31.51
N TYR J 215 -31.23 18.63 31.51
CA TYR J 215 -30.12 18.07 32.28
C TYR J 215 -29.71 19.15 33.28
N GLY J 216 -30.15 18.98 34.52
CA GLY J 216 -29.93 19.94 35.59
C GLY J 216 -29.07 19.48 36.73
N LEU J 217 -29.59 19.65 37.96
CA LEU J 217 -28.84 19.33 39.16
C LEU J 217 -28.96 17.84 39.60
N SER J 218 -28.27 17.51 40.69
CA SER J 218 -28.14 16.18 41.27
C SER J 218 -28.75 16.15 42.68
N GLU J 219 -28.92 14.93 43.22
CA GLU J 219 -29.38 14.62 44.57
C GLU J 219 -28.32 15.08 45.59
N ASN J 220 -27.04 15.10 45.12
CA ASN J 220 -25.84 15.48 45.86
C ASN J 220 -25.61 17.00 45.89
N ASP J 221 -26.39 17.76 45.10
CA ASP J 221 -26.32 19.22 45.04
C ASP J 221 -27.14 19.82 46.18
N GLU J 222 -26.55 20.74 46.96
CA GLU J 222 -27.22 21.41 48.07
C GLU J 222 -28.10 22.53 47.52
N TRP J 223 -29.39 22.52 47.91
CA TRP J 223 -30.40 23.47 47.47
C TRP J 223 -31.06 24.10 48.70
N THR J 224 -31.22 25.42 48.68
CA THR J 224 -31.80 26.18 49.79
C THR J 224 -32.91 27.13 49.31
N GLN J 225 -33.39 26.93 48.08
CA GLN J 225 -34.40 27.79 47.47
C GLN J 225 -35.84 27.40 47.79
N ASP J 226 -36.76 28.40 47.77
CA ASP J 226 -38.19 28.23 48.04
C ASP J 226 -38.91 27.37 47.00
N ARG J 227 -38.33 27.21 45.81
CA ARG J 227 -38.84 26.35 44.73
C ARG J 227 -38.09 25.01 44.78
N ALA J 228 -38.59 24.00 44.07
CA ALA J 228 -37.97 22.68 44.01
C ALA J 228 -36.65 22.75 43.23
N LYS J 229 -35.70 21.84 43.56
CA LYS J 229 -34.40 21.74 42.91
C LYS J 229 -34.58 21.42 41.41
N PRO J 230 -33.85 22.12 40.50
CA PRO J 230 -34.02 21.87 39.07
C PRO J 230 -33.16 20.69 38.58
N VAL J 231 -33.50 19.48 39.01
CA VAL J 231 -32.78 18.25 38.66
C VAL J 231 -32.94 17.88 37.17
N THR J 232 -32.30 16.79 36.75
CA THR J 232 -32.38 16.27 35.38
C THR J 232 -33.77 15.66 35.23
N GLN J 233 -34.61 16.27 34.39
CA GLN J 233 -36.00 15.88 34.22
C GLN J 233 -36.55 16.05 32.80
N ILE J 234 -37.67 15.37 32.52
CA ILE J 234 -38.40 15.43 31.25
C ILE J 234 -39.68 16.25 31.49
N VAL J 235 -39.80 17.39 30.82
CA VAL J 235 -40.98 18.26 30.90
C VAL J 235 -41.70 18.10 29.56
N SER J 236 -42.94 17.60 29.62
CA SER J 236 -43.76 17.33 28.44
C SER J 236 -45.01 18.22 28.30
N ALA J 237 -45.60 18.20 27.10
CA ALA J 237 -46.82 18.89 26.70
C ALA J 237 -47.38 18.15 25.47
N GLU J 238 -48.50 17.42 25.66
CA GLU J 238 -49.13 16.65 24.58
C GLU J 238 -50.48 17.26 24.10
N ALA J 239 -50.91 16.81 22.90
CA ALA J 239 -52.16 17.22 22.26
C ALA J 239 -52.73 16.07 21.41
N TRP J 240 -54.05 15.83 21.53
CA TRP J 240 -54.74 14.79 20.77
C TRP J 240 -55.24 15.35 19.43
N GLY J 241 -55.40 14.45 18.47
CA GLY J 241 -55.88 14.78 17.12
C GLY J 241 -57.31 15.27 17.10
N ARG J 242 -57.50 16.59 17.25
CA ARG J 242 -58.81 17.22 17.22
C ARG J 242 -59.27 17.38 15.77
N ALA J 243 -60.44 16.79 15.43
CA ALA J 243 -61.02 16.87 14.09
C ALA J 243 -61.48 18.31 13.83
N ASP J 244 -62.34 18.86 14.72
CA ASP J 244 -62.91 20.20 14.77
C ASP J 244 -63.38 20.75 13.38
#